data_9CTS
#
_entry.id   9CTS
#
_cell.length_a   1.00
_cell.length_b   1.00
_cell.length_c   1.00
_cell.angle_alpha   90.00
_cell.angle_beta   90.00
_cell.angle_gamma   90.00
#
_symmetry.space_group_name_H-M   'P 1'
#
loop_
_entity.id
_entity.type
_entity.pdbx_description
1 polymer Bestrophin-1
2 non-polymer 'CALCIUM ION'
3 non-polymer 'GAMMA-AMINO-BUTANOIC ACID'
#
_entity_poly.entity_id   1
_entity_poly.type   'polypeptide(L)'
_entity_poly.pdbx_seq_one_letter_code
;TITYTSQVANARLGSFSRLLLCWRGSIYKLLYGEFLIFLLCYYIIRFIYRLALTEEQQLMFEKLTLYCDSYIQLIPISFV
LGFYVTLVVTRWWNQYENLPWPDRLMSLVSGFVEGKDEQGRLLRRTLIRYANLGNVLILRSVSTAVYKRFPSAQHLVQAG
FMTPAEHKQLEKLSLPHNMFWVPWVWFANLSMKAWLGGRIRDPILLQSLLNEMNTLRTQCGHLYAYDWISIPLVYTQVVT
VAVYSFFLTCLVGRQFLNPAKAYPGHELDLVVPVFTFLQFFFYVGWLKVAEQLINPFGEDDDDFETNWIVDRNLQVSLLA
VDEMHQDLPRMEPDMYWNKPEPQPPYTAASAQFRRASFMGSTFNISLNKEEMEFQPNQEDEEDAHAGIIGRFLGLQSHDH
HPPRANSRTKLLWPKRESLLHEGLPKNHKAAKQNVRGQEDNKAWKLKAVDAFKSAPLYQRPGYYSAPQTPLSPTPMFFPL
EPSAPSKLHSVTGIDTKDKSLKTVSSGAKKSFELLSESDGALMEHPEVSQVRRKTVEFNLTDMPEIPENHLKEPLEQSPT
NIHTTLKDHMDPYWALENRDEAHS
;
_entity_poly.pdbx_strand_id   B,E,A,D,C
#
# COMPACT_ATOMS: atom_id res chain seq x y z
N THR A 1 25.54 3.56 1.24
CA THR A 1 24.70 3.26 0.08
C THR A 1 25.56 2.83 -1.11
N ILE A 2 25.22 1.70 -1.70
CA ILE A 2 25.89 1.18 -2.88
C ILE A 2 24.96 1.35 -4.06
N THR A 3 25.41 2.11 -5.05
CA THR A 3 24.61 2.43 -6.23
C THR A 3 25.15 1.70 -7.44
N TYR A 4 24.25 1.00 -8.15
CA TYR A 4 24.58 0.31 -9.39
C TYR A 4 23.55 0.64 -10.47
N THR A 5 22.90 1.80 -10.36
CA THR A 5 21.88 2.18 -11.32
C THR A 5 22.47 2.30 -12.72
N SER A 6 23.66 2.91 -12.83
CA SER A 6 24.30 3.02 -14.14
C SER A 6 24.59 1.64 -14.72
N GLN A 7 24.95 0.67 -13.87
CA GLN A 7 25.25 -0.66 -14.36
C GLN A 7 24.01 -1.41 -14.78
N VAL A 8 22.87 -1.16 -14.13
CA VAL A 8 21.65 -1.87 -14.43
C VAL A 8 20.67 -1.01 -15.23
N ALA A 9 21.18 0.05 -15.88
CA ALA A 9 20.30 0.91 -16.67
C ALA A 9 19.57 0.14 -17.76
N ASN A 10 20.28 -0.72 -18.49
CA ASN A 10 19.70 -1.50 -19.56
C ASN A 10 19.75 -2.98 -19.23
N ALA A 11 18.80 -3.73 -19.78
CA ALA A 11 18.72 -5.18 -19.58
C ALA A 11 19.59 -5.85 -20.64
N ARG A 12 20.89 -5.87 -20.38
CA ARG A 12 21.86 -6.45 -21.30
C ARG A 12 22.17 -7.90 -20.91
N LEU A 13 23.03 -8.52 -21.70
CA LEU A 13 23.39 -9.92 -21.46
C LEU A 13 24.13 -10.05 -20.15
N GLY A 14 23.63 -10.94 -19.28
CA GLY A 14 24.25 -11.13 -17.98
C GLY A 14 24.27 -9.88 -17.12
N SER A 15 23.22 -9.06 -17.19
CA SER A 15 23.21 -7.80 -16.46
C SER A 15 23.35 -8.02 -14.96
N PHE A 16 22.53 -8.92 -14.40
CA PHE A 16 22.60 -9.21 -12.98
C PHE A 16 23.74 -10.15 -12.63
N SER A 17 24.23 -10.92 -13.60
CA SER A 17 25.39 -11.77 -13.35
C SER A 17 26.66 -10.96 -13.17
N ARG A 18 26.79 -9.85 -13.91
CA ARG A 18 27.95 -8.97 -13.74
C ARG A 18 28.01 -8.37 -12.34
N LEU A 19 26.87 -8.23 -11.67
CA LEU A 19 26.86 -7.70 -10.31
C LEU A 19 27.40 -8.69 -9.28
N LEU A 20 27.60 -9.95 -9.67
CA LEU A 20 28.17 -10.94 -8.77
C LEU A 20 29.66 -10.75 -8.55
N LEU A 21 30.31 -9.90 -9.34
CA LEU A 21 31.73 -9.60 -9.20
C LEU A 21 31.96 -8.36 -8.34
N CYS A 22 31.04 -8.07 -7.43
CA CYS A 22 31.12 -6.90 -6.56
C CYS A 22 31.38 -7.36 -5.13
N TRP A 23 32.12 -6.54 -4.38
CA TRP A 23 32.48 -6.85 -3.00
C TRP A 23 31.76 -5.97 -1.99
N ARG A 24 31.86 -4.65 -2.14
CA ARG A 24 31.23 -3.75 -1.18
C ARG A 24 29.72 -3.97 -1.16
N GLY A 25 29.16 -4.13 0.04
CA GLY A 25 27.74 -4.37 0.17
C GLY A 25 27.27 -5.64 -0.50
N SER A 26 28.10 -6.68 -0.51
CA SER A 26 27.83 -7.91 -1.23
C SER A 26 27.47 -9.03 -0.27
N ILE A 27 26.84 -10.07 -0.83
CA ILE A 27 26.46 -11.23 -0.04
C ILE A 27 27.70 -11.92 0.53
N TYR A 28 28.77 -12.01 -0.27
CA TYR A 28 30.01 -12.57 0.25
C TYR A 28 30.50 -11.79 1.46
N LYS A 29 30.60 -10.47 1.34
CA LYS A 29 31.07 -9.66 2.46
C LYS A 29 30.14 -9.80 3.66
N LEU A 30 28.85 -10.00 3.43
CA LEU A 30 27.91 -10.07 4.54
C LEU A 30 27.96 -11.41 5.27
N LEU A 31 28.17 -12.52 4.56
CA LEU A 31 28.03 -13.84 5.18
C LEU A 31 29.27 -14.71 5.07
N TYR A 32 30.44 -14.13 4.79
CA TYR A 32 31.64 -14.96 4.71
C TYR A 32 32.01 -15.58 6.05
N GLY A 33 31.83 -14.83 7.14
CA GLY A 33 32.12 -15.39 8.45
C GLY A 33 31.21 -16.55 8.82
N GLU A 34 29.91 -16.39 8.58
CA GLU A 34 28.98 -17.49 8.83
C GLU A 34 29.28 -18.68 7.94
N PHE A 35 29.63 -18.42 6.68
CA PHE A 35 29.98 -19.52 5.78
C PHE A 35 31.22 -20.25 6.27
N LEU A 36 32.22 -19.52 6.76
CA LEU A 36 33.42 -20.16 7.28
C LEU A 36 33.10 -21.01 8.50
N ILE A 37 32.27 -20.49 9.40
CA ILE A 37 31.89 -21.29 10.57
C ILE A 37 31.15 -22.55 10.15
N PHE A 38 30.21 -22.42 9.21
CA PHE A 38 29.46 -23.58 8.74
C PHE A 38 30.39 -24.60 8.08
N LEU A 39 31.33 -24.13 7.25
CA LEU A 39 32.28 -25.02 6.61
C LEU A 39 33.12 -25.77 7.64
N LEU A 40 33.62 -25.05 8.65
CA LEU A 40 34.43 -25.68 9.68
C LEU A 40 33.64 -26.75 10.40
N CYS A 41 32.40 -26.44 10.81
CA CYS A 41 31.59 -27.43 11.51
C CYS A 41 31.29 -28.63 10.63
N TYR A 42 30.94 -28.37 9.36
CA TYR A 42 30.61 -29.46 8.45
C TYR A 42 31.78 -30.41 8.27
N TYR A 43 32.99 -29.88 8.05
CA TYR A 43 34.11 -30.76 7.80
C TYR A 43 34.62 -31.39 9.09
N ILE A 44 34.44 -30.72 10.23
CA ILE A 44 34.75 -31.37 11.50
C ILE A 44 33.86 -32.58 11.71
N ILE A 45 32.56 -32.43 11.45
CA ILE A 45 31.65 -33.55 11.60
C ILE A 45 32.00 -34.66 10.60
N ARG A 46 32.33 -34.27 9.37
CA ARG A 46 32.70 -35.28 8.38
C ARG A 46 33.91 -36.08 8.82
N PHE A 47 34.95 -35.42 9.33
CA PHE A 47 36.14 -36.12 9.78
C PHE A 47 35.85 -36.98 11.01
N ILE A 48 35.03 -36.46 11.93
CA ILE A 48 34.64 -37.26 13.09
C ILE A 48 33.99 -38.55 12.63
N TYR A 49 33.01 -38.45 11.72
CA TYR A 49 32.33 -39.64 11.23
C TYR A 49 33.23 -40.66 10.55
N ARG A 50 34.14 -40.19 9.69
CA ARG A 50 34.96 -41.10 8.91
C ARG A 50 36.08 -41.75 9.71
N LEU A 51 36.53 -41.08 10.77
CA LEU A 51 37.70 -41.53 11.51
C LEU A 51 37.35 -41.97 12.92
N ALA A 52 36.78 -41.07 13.74
CA ALA A 52 36.63 -41.37 15.17
C ALA A 52 35.59 -42.46 15.39
N LEU A 53 34.53 -42.49 14.60
CA LEU A 53 33.43 -43.40 14.85
C LEU A 53 33.82 -44.84 14.57
N THR A 54 33.37 -45.75 15.44
CA THR A 54 33.53 -47.18 15.22
C THR A 54 32.56 -47.63 14.13
N GLU A 55 32.49 -48.95 13.91
CA GLU A 55 31.58 -49.45 12.87
C GLU A 55 30.12 -49.24 13.25
N GLU A 56 29.74 -49.63 14.46
CA GLU A 56 28.36 -49.46 14.88
C GLU A 56 28.01 -47.98 15.02
N GLN A 57 28.96 -47.19 15.54
CA GLN A 57 28.73 -45.75 15.64
C GLN A 57 28.56 -45.14 14.26
N GLN A 58 29.35 -45.59 13.28
CA GLN A 58 29.19 -45.12 11.91
C GLN A 58 27.83 -45.50 11.35
N LEU A 59 27.38 -46.72 11.64
CA LEU A 59 26.04 -47.12 11.17
C LEU A 59 24.97 -46.21 11.76
N MET A 60 25.07 -45.92 13.06
CA MET A 60 24.10 -45.03 13.68
C MET A 60 24.17 -43.63 13.08
N PHE A 61 25.38 -43.13 12.82
CA PHE A 61 25.54 -41.81 12.23
C PHE A 61 24.96 -41.77 10.83
N GLU A 62 25.13 -42.84 10.06
CA GLU A 62 24.55 -42.90 8.73
C GLU A 62 23.03 -42.89 8.77
N LYS A 63 22.44 -43.64 9.70
CA LYS A 63 20.99 -43.58 9.87
C LYS A 63 20.54 -42.17 10.25
N LEU A 64 21.29 -41.52 11.15
CA LEU A 64 20.97 -40.15 11.54
C LEU A 64 21.04 -39.22 10.34
N THR A 65 22.05 -39.39 9.49
CA THR A 65 22.19 -38.53 8.32
C THR A 65 21.03 -38.73 7.35
N LEU A 66 20.65 -39.98 7.11
CA LEU A 66 19.52 -40.24 6.23
C LEU A 66 18.24 -39.65 6.80
N TYR A 67 18.03 -39.80 8.11
CA TYR A 67 16.84 -39.26 8.75
C TYR A 67 16.79 -37.74 8.66
N CYS A 68 17.90 -37.07 8.94
CA CYS A 68 17.96 -35.62 8.84
C CYS A 68 17.75 -35.13 7.42
N ASP A 69 18.34 -35.83 6.44
CA ASP A 69 18.14 -35.44 5.05
C ASP A 69 16.67 -35.59 4.65
N SER A 70 16.01 -36.62 5.20
CA SER A 70 14.58 -36.85 4.87
C SER A 70 13.67 -35.82 5.54
N TYR A 71 13.99 -35.38 6.77
CA TYR A 71 13.07 -34.48 7.53
C TYR A 71 13.38 -32.98 7.33
N ILE A 72 14.38 -32.63 6.52
CA ILE A 72 14.80 -31.20 6.40
C ILE A 72 13.65 -30.34 5.82
N GLN A 73 12.93 -30.84 4.81
CA GLN A 73 11.90 -30.03 4.12
C GLN A 73 10.89 -29.41 5.11
N LEU A 74 10.69 -30.04 6.27
CA LEU A 74 9.68 -29.56 7.26
C LEU A 74 10.09 -28.23 7.90
N ILE A 75 10.88 -27.40 7.22
CA ILE A 75 11.21 -26.09 7.76
C ILE A 75 10.81 -25.06 6.71
N PRO A 76 9.69 -24.31 6.89
CA PRO A 76 9.23 -23.37 5.85
C PRO A 76 10.09 -22.10 5.86
N ILE A 77 11.41 -22.25 5.92
CA ILE A 77 12.33 -21.08 5.98
C ILE A 77 11.99 -20.10 4.87
N SER A 78 11.68 -20.59 3.65
CA SER A 78 11.45 -19.66 2.54
C SER A 78 10.23 -18.80 2.76
N PHE A 79 9.13 -19.38 3.27
CA PHE A 79 7.91 -18.62 3.49
C PHE A 79 8.15 -17.47 4.47
N VAL A 80 8.70 -17.82 5.64
CA VAL A 80 8.95 -16.82 6.67
C VAL A 80 9.97 -15.80 6.19
N LEU A 81 11.02 -16.25 5.49
CA LEU A 81 12.01 -15.32 4.99
C LEU A 81 11.38 -14.32 4.02
N GLY A 82 10.55 -14.80 3.09
CA GLY A 82 9.94 -13.90 2.15
C GLY A 82 9.08 -12.86 2.82
N PHE A 83 8.19 -13.30 3.72
CA PHE A 83 7.31 -12.34 4.37
C PHE A 83 8.08 -11.35 5.24
N TYR A 84 9.03 -11.85 6.04
CA TYR A 84 9.78 -11.00 6.94
C TYR A 84 10.65 -10.00 6.16
N VAL A 85 11.29 -10.46 5.08
CA VAL A 85 12.13 -9.58 4.29
C VAL A 85 11.29 -8.54 3.57
N THR A 86 10.09 -8.90 3.13
CA THR A 86 9.20 -7.91 2.54
C THR A 86 8.85 -6.83 3.56
N LEU A 87 8.53 -7.24 4.78
CA LEU A 87 8.24 -6.26 5.83
C LEU A 87 9.44 -5.36 6.08
N VAL A 88 10.64 -5.95 6.17
CA VAL A 88 11.83 -5.18 6.47
C VAL A 88 12.13 -4.19 5.35
N VAL A 89 11.98 -4.62 4.09
CA VAL A 89 12.24 -3.73 2.97
C VAL A 89 11.23 -2.58 2.94
N THR A 90 9.97 -2.87 3.25
CA THR A 90 8.97 -1.80 3.32
C THR A 90 9.34 -0.78 4.40
N ARG A 91 9.74 -1.26 5.58
CA ARG A 91 10.14 -0.35 6.64
C ARG A 91 11.39 0.45 6.24
N TRP A 92 12.31 -0.19 5.53
CA TRP A 92 13.53 0.48 5.09
C TRP A 92 13.21 1.64 4.15
N TRP A 93 12.33 1.40 3.18
CA TRP A 93 12.00 2.48 2.26
C TRP A 93 11.17 3.56 2.94
N ASN A 94 10.29 3.19 3.88
CA ASN A 94 9.57 4.22 4.64
C ASN A 94 10.53 5.08 5.44
N GLN A 95 11.52 4.44 6.08
CA GLN A 95 12.50 5.20 6.86
C GLN A 95 13.28 6.15 5.97
N TYR A 96 13.64 5.72 4.76
CA TYR A 96 14.27 6.67 3.85
C TYR A 96 13.33 7.80 3.49
N GLU A 97 12.07 7.47 3.18
CA GLU A 97 11.10 8.50 2.80
C GLU A 97 10.83 9.49 3.91
N ASN A 98 11.16 9.14 5.14
CA ASN A 98 10.98 10.06 6.26
C ASN A 98 12.24 10.88 6.57
N LEU A 99 13.25 10.82 5.73
CA LEU A 99 14.43 11.65 5.90
C LEU A 99 14.10 13.09 5.52
N PRO A 100 14.29 14.06 6.42
CA PRO A 100 13.87 15.44 6.12
C PRO A 100 14.86 16.15 5.22
N TRP A 101 14.35 16.73 4.14
CA TRP A 101 15.12 17.55 3.23
C TRP A 101 14.62 19.00 3.30
N PRO A 102 15.51 19.96 3.55
CA PRO A 102 15.06 21.33 3.79
C PRO A 102 14.84 22.14 2.53
N ASP A 103 14.72 21.50 1.37
CA ASP A 103 14.70 22.24 0.11
C ASP A 103 13.46 23.13 -0.01
N ARG A 104 12.27 22.57 0.24
CA ARG A 104 11.04 23.35 0.14
C ARG A 104 11.04 24.50 1.16
N LEU A 105 11.42 24.19 2.40
CA LEU A 105 11.44 25.21 3.44
C LEU A 105 12.45 26.30 3.10
N MET A 106 13.61 25.94 2.56
CA MET A 106 14.63 26.93 2.25
C MET A 106 14.19 27.82 1.09
N SER A 107 13.54 27.25 0.09
CA SER A 107 13.00 28.07 -0.99
C SER A 107 11.95 29.04 -0.44
N LEU A 108 11.06 28.55 0.43
CA LEU A 108 10.06 29.43 1.02
C LEU A 108 10.69 30.54 1.84
N VAL A 109 11.70 30.20 2.64
CA VAL A 109 12.35 31.20 3.50
C VAL A 109 13.03 32.25 2.65
N SER A 110 13.78 31.81 1.63
CA SER A 110 14.46 32.75 0.74
C SER A 110 13.46 33.68 0.07
N GLY A 111 12.34 33.13 -0.42
CA GLY A 111 11.36 33.97 -1.08
C GLY A 111 10.66 34.94 -0.14
N PHE A 112 10.28 34.47 1.05
CA PHE A 112 9.36 35.20 1.90
C PHE A 112 10.04 36.15 2.87
N VAL A 113 11.13 35.73 3.51
CA VAL A 113 11.79 36.57 4.50
C VAL A 113 12.56 37.65 3.76
N GLU A 114 12.15 38.90 3.93
CA GLU A 114 12.68 40.01 3.16
C GLU A 114 13.81 40.72 3.91
N GLY A 115 14.61 41.46 3.15
CA GLY A 115 15.71 42.20 3.72
C GLY A 115 17.06 41.72 3.25
N LYS A 116 17.74 42.53 2.45
CA LYS A 116 19.10 42.23 2.01
C LYS A 116 20.14 42.72 3.00
N ASP A 117 19.72 43.28 4.12
CA ASP A 117 20.65 43.81 5.11
C ASP A 117 21.05 42.72 6.11
N GLU A 118 21.84 43.13 7.11
CA GLU A 118 22.36 42.16 8.08
C GLU A 118 21.24 41.51 8.88
N GLN A 119 20.21 42.27 9.26
CA GLN A 119 19.13 41.69 10.03
C GLN A 119 18.37 40.64 9.22
N GLY A 120 18.09 40.92 7.96
CA GLY A 120 17.42 39.93 7.12
C GLY A 120 18.26 38.69 6.90
N ARG A 121 19.56 38.89 6.63
CA ARG A 121 20.46 37.75 6.49
C ARG A 121 20.45 36.90 7.75
N LEU A 122 20.55 37.55 8.91
CA LEU A 122 20.57 36.82 10.18
C LEU A 122 19.28 36.06 10.40
N LEU A 123 18.14 36.69 10.09
CA LEU A 123 16.86 36.02 10.31
C LEU A 123 16.72 34.79 9.42
N ARG A 124 17.03 34.93 8.12
CA ARG A 124 16.92 33.79 7.21
C ARG A 124 17.87 32.68 7.62
N ARG A 125 19.12 33.03 7.94
CA ARG A 125 20.09 32.02 8.34
C ARG A 125 19.66 31.32 9.62
N THR A 126 19.12 32.08 10.58
CA THR A 126 18.68 31.48 11.83
C THR A 126 17.52 30.53 11.61
N LEU A 127 16.56 30.88 10.75
CA LEU A 127 15.45 29.98 10.48
C LEU A 127 15.94 28.68 9.85
N ILE A 128 16.78 28.80 8.81
CA ILE A 128 17.26 27.60 8.15
C ILE A 128 18.13 26.77 9.09
N ARG A 129 18.89 27.44 9.96
CA ARG A 129 19.72 26.74 10.93
C ARG A 129 18.88 26.04 11.98
N TYR A 130 17.73 26.60 12.37
CA TYR A 130 16.83 25.90 13.27
C TYR A 130 16.32 24.63 12.62
N ALA A 131 15.91 24.72 11.35
CA ALA A 131 15.46 23.52 10.66
C ALA A 131 16.56 22.46 10.62
N ASN A 132 17.77 22.88 10.23
CA ASN A 132 18.88 21.94 10.15
C ASN A 132 19.25 21.37 11.52
N LEU A 133 19.15 22.19 12.56
CA LEU A 133 19.46 21.72 13.91
C LEU A 133 18.48 20.66 14.37
N GLY A 134 17.18 20.86 14.11
CA GLY A 134 16.22 19.82 14.43
C GLY A 134 16.51 18.53 13.67
N ASN A 135 16.79 18.66 12.38
CA ASN A 135 17.12 17.47 11.58
C ASN A 135 18.34 16.75 12.15
N VAL A 136 19.38 17.50 12.50
CA VAL A 136 20.61 16.89 12.98
C VAL A 136 20.40 16.27 14.35
N LEU A 137 19.57 16.88 15.19
CA LEU A 137 19.27 16.29 16.49
C LEU A 137 18.62 14.93 16.32
N ILE A 138 17.59 14.86 15.48
CA ILE A 138 16.92 13.57 15.27
C ILE A 138 17.91 12.56 14.64
N LEU A 139 18.72 13.02 13.69
CA LEU A 139 19.63 12.11 13.01
C LEU A 139 20.69 11.57 13.98
N ARG A 140 21.21 12.40 14.87
CA ARG A 140 22.18 11.92 15.84
C ARG A 140 21.53 11.07 16.92
N SER A 141 20.22 11.21 17.13
CA SER A 141 19.54 10.31 18.04
C SER A 141 19.29 8.94 17.41
N VAL A 142 19.13 8.87 16.08
CA VAL A 142 18.71 7.63 15.44
C VAL A 142 19.79 6.96 14.60
N SER A 143 20.95 7.60 14.38
CA SER A 143 21.97 7.08 13.50
C SER A 143 23.31 6.98 14.23
N THR A 144 23.93 5.80 14.16
CA THR A 144 25.19 5.60 14.87
C THR A 144 26.31 6.43 14.26
N ALA A 145 26.34 6.56 12.93
CA ALA A 145 27.38 7.37 12.30
C ALA A 145 27.25 8.84 12.69
N VAL A 146 26.02 9.37 12.68
CA VAL A 146 25.82 10.75 13.07
C VAL A 146 26.16 10.95 14.54
N TYR A 147 25.83 9.96 15.38
CA TYR A 147 26.20 10.07 16.79
C TYR A 147 27.72 10.08 16.96
N LYS A 148 28.42 9.23 16.23
CA LYS A 148 29.87 9.21 16.31
C LYS A 148 30.46 10.54 15.85
N ARG A 149 29.85 11.17 14.84
CA ARG A 149 30.32 12.47 14.40
C ARG A 149 30.05 13.54 15.45
N PHE A 150 28.88 13.50 16.07
CA PHE A 150 28.46 14.50 17.07
C PHE A 150 28.05 13.79 18.34
N PRO A 151 29.01 13.28 19.10
CA PRO A 151 28.67 12.53 20.33
C PRO A 151 28.10 13.39 21.44
N SER A 152 28.09 14.72 21.31
CA SER A 152 27.58 15.57 22.37
C SER A 152 27.12 16.91 21.81
N ALA A 153 26.27 17.60 22.59
CA ALA A 153 25.82 18.93 22.20
C ALA A 153 26.99 19.91 22.10
N GLN A 154 28.03 19.70 22.89
CA GLN A 154 29.24 20.50 22.72
C GLN A 154 29.86 20.25 21.35
N HIS A 155 29.83 18.99 20.88
CA HIS A 155 30.28 18.70 19.53
C HIS A 155 29.42 19.41 18.50
N LEU A 156 28.11 19.42 18.72
CA LEU A 156 27.21 20.14 17.80
C LEU A 156 27.55 21.63 17.77
N VAL A 157 27.83 22.21 18.93
CA VAL A 157 28.19 23.63 18.99
C VAL A 157 29.50 23.88 18.25
N GLN A 158 30.49 23.02 18.46
CA GLN A 158 31.79 23.20 17.81
C GLN A 158 31.65 23.07 16.29
N ALA A 159 30.82 22.14 15.83
CA ALA A 159 30.61 21.95 14.40
C ALA A 159 29.86 23.11 13.76
N GLY A 160 29.22 23.97 14.55
CA GLY A 160 28.50 25.11 14.04
C GLY A 160 27.01 24.91 13.88
N PHE A 161 26.49 23.70 14.14
CA PHE A 161 25.06 23.48 14.03
C PHE A 161 24.28 24.22 15.11
N MET A 162 24.91 24.48 16.25
CA MET A 162 24.27 25.15 17.37
C MET A 162 25.21 26.22 17.92
N THR A 163 24.65 27.36 18.30
CA THR A 163 25.43 28.40 18.93
C THR A 163 25.50 28.17 20.45
N PRO A 164 26.46 28.79 21.13
CA PRO A 164 26.50 28.67 22.59
C PRO A 164 25.22 29.13 23.26
N ALA A 165 24.58 30.19 22.74
CA ALA A 165 23.31 30.65 23.29
C ALA A 165 22.23 29.59 23.13
N GLU A 166 22.15 28.96 21.95
CA GLU A 166 21.18 27.91 21.75
C GLU A 166 21.44 26.72 22.65
N HIS A 167 22.71 26.37 22.86
CA HIS A 167 23.05 25.28 23.77
C HIS A 167 22.62 25.61 25.20
N LYS A 168 22.86 26.84 25.64
CA LYS A 168 22.42 27.24 26.97
C LYS A 168 20.91 27.20 27.09
N GLN A 169 20.20 27.65 26.05
CA GLN A 169 18.74 27.58 26.06
C GLN A 169 18.25 26.14 26.15
N LEU A 170 18.85 25.25 25.39
CA LEU A 170 18.40 23.84 25.41
C LEU A 170 18.56 23.31 26.83
N GLU A 171 19.64 23.70 27.52
CA GLU A 171 19.87 23.25 28.92
C GLU A 171 18.79 23.77 29.89
N LYS A 172 18.33 25.01 29.70
CA LYS A 172 17.32 25.61 30.61
C LYS A 172 15.96 24.94 30.37
N LEU A 173 15.69 24.50 29.14
CA LEU A 173 14.37 23.89 28.85
C LEU A 173 14.51 22.37 29.01
N SER A 174 15.66 21.91 29.51
CA SER A 174 15.90 20.44 29.51
C SER A 174 14.82 19.69 30.28
N LEU A 175 14.35 18.61 29.66
CA LEU A 175 13.31 17.74 30.27
C LEU A 175 13.84 16.33 30.06
N PRO A 176 13.33 15.33 30.78
CA PRO A 176 13.84 13.96 30.70
C PRO A 176 13.38 13.25 29.45
N HIS A 177 13.45 13.92 28.30
CA HIS A 177 13.06 13.37 27.03
C HIS A 177 14.05 13.83 25.96
N ASN A 178 13.96 13.21 24.78
CA ASN A 178 14.74 13.66 23.65
C ASN A 178 14.24 15.03 23.21
N MET A 179 15.15 16.00 23.13
CA MET A 179 14.78 17.40 22.89
C MET A 179 14.93 17.80 21.43
N PHE A 180 14.73 16.87 20.49
CA PHE A 180 14.80 17.20 19.08
C PHE A 180 13.65 18.11 18.63
N TRP A 181 12.59 18.22 19.42
CA TRP A 181 11.42 19.01 19.08
C TRP A 181 11.59 20.50 19.35
N VAL A 182 12.58 20.89 20.15
CA VAL A 182 12.71 22.30 20.54
C VAL A 182 12.93 23.21 19.34
N PRO A 183 13.78 22.87 18.36
CA PRO A 183 14.00 23.78 17.23
C PRO A 183 12.74 24.13 16.46
N TRP A 184 11.73 23.26 16.44
CA TRP A 184 10.50 23.58 15.72
C TRP A 184 9.70 24.67 16.44
N VAL A 185 9.64 24.59 17.77
CA VAL A 185 9.02 25.67 18.54
C VAL A 185 9.81 26.96 18.35
N TRP A 186 11.14 26.86 18.33
CA TRP A 186 11.97 28.03 18.08
C TRP A 186 11.65 28.63 16.72
N PHE A 187 11.52 27.78 15.70
CA PHE A 187 11.20 28.26 14.36
C PHE A 187 9.85 28.96 14.32
N ALA A 188 8.84 28.36 14.97
CA ALA A 188 7.52 28.98 14.99
C ALA A 188 7.57 30.35 15.64
N ASN A 189 8.24 30.46 16.79
CA ASN A 189 8.28 31.73 17.49
C ASN A 189 9.09 32.78 16.71
N LEU A 190 10.20 32.37 16.10
CA LEU A 190 10.99 33.31 15.32
C LEU A 190 10.24 33.78 14.09
N SER A 191 9.50 32.88 13.44
CA SER A 191 8.68 33.27 12.29
C SER A 191 7.59 34.25 12.71
N MET A 192 6.94 34.00 13.85
CA MET A 192 5.93 34.94 14.31
C MET A 192 6.54 36.30 14.61
N LYS A 193 7.73 36.30 15.24
CA LYS A 193 8.42 37.57 15.50
C LYS A 193 8.75 38.29 14.21
N ALA A 194 9.22 37.55 13.19
CA ALA A 194 9.55 38.17 11.91
C ALA A 194 8.32 38.76 11.25
N TRP A 195 7.20 38.05 11.30
CA TRP A 195 5.96 38.57 10.72
C TRP A 195 5.51 39.82 11.46
N LEU A 196 5.60 39.82 12.79
CA LEU A 196 5.20 41.00 13.55
C LEU A 196 6.14 42.17 13.30
N GLY A 197 7.40 41.90 13.00
CA GLY A 197 8.37 42.93 12.71
C GLY A 197 8.44 43.40 11.28
N GLY A 198 7.57 42.89 10.41
CA GLY A 198 7.52 43.32 9.03
C GLY A 198 8.42 42.59 8.07
N ARG A 199 9.27 41.68 8.56
CA ARG A 199 10.15 40.93 7.67
C ARG A 199 9.38 39.94 6.81
N ILE A 200 8.30 39.36 7.32
CA ILE A 200 7.39 38.53 6.55
C ILE A 200 6.16 39.35 6.25
N ARG A 201 5.89 39.55 4.96
CA ARG A 201 4.83 40.51 4.54
C ARG A 201 3.39 40.04 4.81
N ASP A 202 3.11 38.74 4.81
CA ASP A 202 1.67 38.35 4.93
C ASP A 202 1.48 37.08 5.76
N PRO A 203 0.36 36.95 6.52
CA PRO A 203 0.07 35.69 7.21
C PRO A 203 -0.03 34.47 6.31
N ILE A 204 -0.40 34.60 5.03
CA ILE A 204 -0.33 33.42 4.17
C ILE A 204 1.10 32.94 4.02
N LEU A 205 2.04 33.87 3.83
CA LEU A 205 3.44 33.46 3.75
C LEU A 205 3.90 32.82 5.04
N LEU A 206 3.51 33.42 6.18
CA LEU A 206 3.86 32.81 7.47
C LEU A 206 3.29 31.41 7.59
N GLN A 207 2.04 31.21 7.17
CA GLN A 207 1.40 29.91 7.25
C GLN A 207 2.11 28.89 6.37
N SER A 208 2.53 29.30 5.16
CA SER A 208 3.27 28.39 4.29
C SER A 208 4.58 27.97 4.94
N LEU A 209 5.30 28.93 5.52
CA LEU A 209 6.54 28.60 6.22
C LEU A 209 6.29 27.58 7.32
N LEU A 210 5.27 27.82 8.13
CA LEU A 210 4.99 26.91 9.23
C LEU A 210 4.51 25.55 8.75
N ASN A 211 3.80 25.51 7.62
CA ASN A 211 3.40 24.22 7.06
C ASN A 211 4.60 23.41 6.63
N GLU A 212 5.57 24.03 5.97
CA GLU A 212 6.78 23.31 5.59
C GLU A 212 7.54 22.84 6.83
N MET A 213 7.65 23.69 7.84
CA MET A 213 8.33 23.30 9.07
C MET A 213 7.61 22.12 9.73
N ASN A 214 6.27 22.13 9.70
CA ASN A 214 5.52 21.04 10.31
C ASN A 214 5.67 19.74 9.54
N THR A 215 5.78 19.82 8.21
CA THR A 215 6.07 18.63 7.43
C THR A 215 7.42 18.04 7.83
N LEU A 216 8.43 18.90 7.98
CA LEU A 216 9.73 18.41 8.43
C LEU A 216 9.64 17.79 9.83
N ARG A 217 8.86 18.42 10.72
CA ARG A 217 8.68 17.87 12.06
C ARG A 217 8.02 16.50 12.02
N THR A 218 7.02 16.33 11.16
CA THR A 218 6.38 15.03 11.02
C THR A 218 7.36 13.98 10.52
N GLN A 219 8.21 14.36 9.56
CA GLN A 219 9.22 13.42 9.08
C GLN A 219 10.17 13.01 10.20
N CYS A 220 10.63 13.98 10.99
CA CYS A 220 11.53 13.66 12.11
C CYS A 220 10.83 12.79 13.14
N GLY A 221 9.56 13.06 13.42
CA GLY A 221 8.82 12.21 14.33
C GLY A 221 8.69 10.79 13.82
N HIS A 222 8.50 10.63 12.51
CA HIS A 222 8.45 9.30 11.92
C HIS A 222 9.80 8.60 12.07
N LEU A 223 10.90 9.33 11.87
CA LEU A 223 12.22 8.74 12.09
C LEU A 223 12.37 8.27 13.53
N TYR A 224 11.96 9.10 14.49
CA TYR A 224 12.02 8.70 15.90
C TYR A 224 11.16 7.47 16.16
N ALA A 225 9.97 7.42 15.58
CA ALA A 225 9.08 6.28 15.77
C ALA A 225 9.69 5.00 15.22
N TYR A 226 10.30 5.07 14.03
CA TYR A 226 10.94 3.89 13.47
C TYR A 226 12.12 3.44 14.32
N ASP A 227 12.88 4.41 14.85
CA ASP A 227 13.99 4.04 15.74
C ASP A 227 13.50 3.37 17.01
N TRP A 228 12.37 3.85 17.56
CA TRP A 228 11.90 3.36 18.85
C TRP A 228 11.17 2.03 18.73
N ILE A 229 10.19 1.95 17.83
CA ILE A 229 9.34 0.76 17.69
C ILE A 229 10.04 -0.17 16.71
N SER A 230 10.80 -1.12 17.24
CA SER A 230 11.47 -2.10 16.40
C SER A 230 10.48 -3.14 15.90
N ILE A 231 10.91 -3.88 14.87
CA ILE A 231 10.09 -5.00 14.40
C ILE A 231 9.93 -6.00 15.54
N PRO A 232 8.82 -6.70 15.66
CA PRO A 232 8.64 -7.62 16.79
C PRO A 232 9.82 -8.57 16.96
N LEU A 233 10.38 -8.56 18.17
CA LEU A 233 11.49 -9.45 18.47
C LEU A 233 11.09 -10.90 18.30
N VAL A 234 9.83 -11.23 18.59
CA VAL A 234 9.37 -12.60 18.39
C VAL A 234 9.44 -12.99 16.92
N TYR A 235 9.01 -12.09 16.03
CA TYR A 235 9.07 -12.37 14.60
C TYR A 235 10.52 -12.53 14.13
N THR A 236 11.40 -11.63 14.57
CA THR A 236 12.80 -11.75 14.20
C THR A 236 13.39 -13.06 14.68
N GLN A 237 13.09 -13.45 15.91
CA GLN A 237 13.60 -14.72 16.45
C GLN A 237 13.03 -15.90 15.69
N VAL A 238 11.76 -15.83 15.29
CA VAL A 238 11.17 -16.92 14.53
C VAL A 238 11.92 -17.13 13.22
N VAL A 239 12.22 -16.04 12.51
CA VAL A 239 12.95 -16.17 11.26
C VAL A 239 14.36 -16.70 11.50
N THR A 240 15.03 -16.15 12.52
CA THR A 240 16.42 -16.52 12.80
C THR A 240 16.52 -18.00 13.15
N VAL A 241 15.63 -18.48 14.01
CA VAL A 241 15.65 -19.88 14.42
C VAL A 241 15.37 -20.78 13.23
N ALA A 242 14.45 -20.37 12.36
CA ALA A 242 14.17 -21.15 11.16
C ALA A 242 15.44 -21.35 10.34
N VAL A 243 16.12 -20.25 10.01
CA VAL A 243 17.32 -20.36 9.17
C VAL A 243 18.40 -21.18 9.87
N TYR A 244 18.68 -20.86 11.14
CA TYR A 244 19.78 -21.52 11.84
C TYR A 244 19.50 -23.00 12.03
N SER A 245 18.26 -23.36 12.36
CA SER A 245 17.91 -24.77 12.50
C SER A 245 18.02 -25.50 11.17
N PHE A 246 17.60 -24.85 10.08
CA PHE A 246 17.76 -25.47 8.77
C PHE A 246 19.22 -25.83 8.51
N PHE A 247 20.12 -24.89 8.75
CA PHE A 247 21.52 -25.18 8.40
C PHE A 247 22.22 -26.07 9.43
N LEU A 248 21.82 -26.00 10.70
CA LEU A 248 22.33 -26.95 11.68
C LEU A 248 21.90 -28.37 11.32
N THR A 249 20.66 -28.54 10.87
CA THR A 249 20.24 -29.85 10.38
C THR A 249 21.05 -30.26 9.16
N CYS A 250 21.27 -29.33 8.22
CA CYS A 250 22.07 -29.63 7.04
C CYS A 250 23.47 -30.11 7.43
N LEU A 251 24.01 -29.61 8.54
CA LEU A 251 25.35 -30.00 8.95
C LEU A 251 25.49 -31.51 9.14
N VAL A 252 24.40 -32.21 9.42
CA VAL A 252 24.48 -33.66 9.63
C VAL A 252 23.74 -34.38 8.51
N GLY A 253 22.74 -33.73 7.92
CA GLY A 253 21.96 -34.35 6.86
C GLY A 253 22.55 -34.26 5.48
N ARG A 254 23.58 -33.43 5.29
CA ARG A 254 24.22 -33.29 3.99
C ARG A 254 25.65 -33.81 3.99
N GLN A 255 26.00 -34.66 4.95
CA GLN A 255 27.32 -35.28 4.94
C GLN A 255 27.35 -36.43 3.93
N PHE A 256 28.46 -36.54 3.22
CA PHE A 256 28.65 -37.67 2.31
C PHE A 256 28.98 -38.92 3.11
N LEU A 257 28.17 -39.96 2.91
CA LEU A 257 28.33 -41.21 3.63
C LEU A 257 29.25 -42.14 2.86
N ASN A 258 29.82 -43.10 3.57
CA ASN A 258 30.75 -44.02 2.93
C ASN A 258 30.06 -44.75 1.79
N PRO A 259 30.62 -44.70 0.58
CA PRO A 259 29.94 -45.33 -0.56
C PRO A 259 29.78 -46.84 -0.40
N ALA A 260 30.53 -47.46 0.50
CA ALA A 260 30.49 -48.91 0.68
C ALA A 260 29.06 -49.40 0.93
N LYS A 261 28.26 -48.60 1.63
CA LYS A 261 26.87 -48.96 1.90
C LYS A 261 25.94 -48.63 0.74
N ALA A 262 26.36 -47.79 -0.20
CA ALA A 262 25.63 -47.54 -1.44
C ALA A 262 24.18 -47.09 -1.18
N TYR A 263 24.01 -46.12 -0.29
CA TYR A 263 22.68 -45.58 -0.06
C TYR A 263 22.22 -44.82 -1.30
N PRO A 264 20.90 -44.85 -1.64
CA PRO A 264 20.40 -44.22 -2.87
C PRO A 264 20.96 -42.80 -3.09
N GLY A 265 21.04 -41.99 -2.04
CA GLY A 265 21.49 -40.62 -2.24
C GLY A 265 23.00 -40.48 -2.19
N HIS A 266 23.69 -41.51 -1.71
CA HIS A 266 25.11 -41.40 -1.40
C HIS A 266 25.97 -42.40 -2.17
N GLU A 267 25.60 -42.74 -3.41
CA GLU A 267 26.43 -43.63 -4.20
C GLU A 267 27.79 -42.99 -4.53
N LEU A 268 27.76 -41.73 -4.96
CA LEU A 268 28.97 -41.00 -5.33
C LEU A 268 29.30 -40.01 -4.23
N ASP A 269 30.56 -39.93 -3.86
CA ASP A 269 31.02 -39.08 -2.76
C ASP A 269 32.02 -38.11 -3.36
N LEU A 270 31.72 -36.81 -3.17
CA LEU A 270 32.66 -35.73 -3.52
C LEU A 270 32.79 -34.94 -2.22
N VAL A 271 33.96 -34.40 -1.90
CA VAL A 271 34.15 -33.74 -0.61
C VAL A 271 33.29 -32.49 -0.41
N VAL A 272 33.09 -31.72 -1.46
CA VAL A 272 32.42 -30.42 -1.31
C VAL A 272 30.93 -30.59 -1.57
N PRO A 273 30.06 -30.23 -0.60
CA PRO A 273 28.61 -30.20 -0.84
C PRO A 273 28.18 -28.92 -1.56
N VAL A 274 28.31 -28.94 -2.89
CA VAL A 274 28.12 -27.72 -3.67
C VAL A 274 26.70 -27.19 -3.53
N PHE A 275 25.70 -28.06 -3.59
CA PHE A 275 24.32 -27.59 -3.54
C PHE A 275 23.94 -27.17 -2.12
N THR A 276 24.51 -27.82 -1.11
CA THR A 276 24.30 -27.34 0.25
C THR A 276 24.90 -25.95 0.43
N PHE A 277 26.07 -25.71 -0.16
CA PHE A 277 26.67 -24.38 -0.09
C PHE A 277 25.85 -23.35 -0.85
N LEU A 278 25.28 -23.74 -2.00
CA LEU A 278 24.42 -22.83 -2.74
C LEU A 278 23.18 -22.49 -1.94
N GLN A 279 22.58 -23.48 -1.28
CA GLN A 279 21.45 -23.21 -0.41
C GLN A 279 21.83 -22.32 0.75
N PHE A 280 23.02 -22.53 1.32
CA PHE A 280 23.51 -21.64 2.37
C PHE A 280 23.60 -20.21 1.86
N PHE A 281 24.23 -20.01 0.71
CA PHE A 281 24.31 -18.67 0.15
C PHE A 281 22.92 -18.07 -0.03
N PHE A 282 22.02 -18.79 -0.68
CA PHE A 282 20.68 -18.27 -0.94
C PHE A 282 19.99 -17.86 0.36
N TYR A 283 19.82 -18.81 1.29
CA TYR A 283 19.02 -18.54 2.47
C TYR A 283 19.69 -17.55 3.42
N VAL A 284 20.99 -17.71 3.66
CA VAL A 284 21.68 -16.81 4.57
C VAL A 284 21.80 -15.41 3.97
N GLY A 285 21.93 -15.27 2.65
CA GLY A 285 21.88 -13.95 2.05
C GLY A 285 20.50 -13.32 2.13
N TRP A 286 19.46 -14.12 1.95
CA TRP A 286 18.11 -13.61 2.17
C TRP A 286 17.96 -13.10 3.59
N LEU A 287 18.49 -13.83 4.57
CA LEU A 287 18.47 -13.36 5.95
C LEU A 287 19.32 -12.10 6.13
N LYS A 288 20.47 -12.05 5.47
CA LYS A 288 21.36 -10.90 5.61
C LYS A 288 20.72 -9.65 5.05
N VAL A 289 19.85 -9.78 4.06
CA VAL A 289 19.12 -8.62 3.56
C VAL A 289 18.37 -7.95 4.68
N ALA A 290 17.60 -8.73 5.45
CA ALA A 290 16.88 -8.17 6.60
C ALA A 290 17.84 -7.72 7.68
N GLU A 291 18.90 -8.50 7.93
CA GLU A 291 19.85 -8.12 8.97
C GLU A 291 20.52 -6.79 8.69
N GLN A 292 20.68 -6.42 7.42
CA GLN A 292 21.29 -5.16 7.04
C GLN A 292 20.27 -4.03 6.94
N LEU A 293 19.06 -4.32 6.48
CA LEU A 293 18.05 -3.28 6.29
C LEU A 293 17.20 -3.02 7.52
N ILE A 294 17.32 -3.84 8.57
CA ILE A 294 16.49 -3.65 9.75
C ILE A 294 16.80 -2.33 10.43
N ASN A 295 18.07 -1.93 10.44
CA ASN A 295 18.49 -0.62 10.92
C ASN A 295 19.25 0.06 9.79
N PRO A 296 18.59 0.85 8.94
CA PRO A 296 19.29 1.45 7.81
C PRO A 296 20.16 2.64 8.17
N PHE A 297 20.26 2.99 9.45
CA PHE A 297 21.06 4.12 9.90
C PHE A 297 22.32 3.68 10.63
N GLY A 298 22.74 2.42 10.46
CA GLY A 298 23.96 1.92 11.04
C GLY A 298 25.18 2.31 10.22
N GLU A 299 26.13 1.40 10.13
CA GLU A 299 27.36 1.62 9.38
C GLU A 299 27.57 0.56 8.30
N ASP A 300 26.48 -0.08 7.86
CA ASP A 300 26.58 -1.04 6.78
C ASP A 300 26.86 -0.31 5.46
N ASP A 301 27.31 -1.09 4.47
CA ASP A 301 27.60 -0.50 3.16
C ASP A 301 26.35 0.05 2.51
N ASP A 302 25.21 -0.63 2.69
CA ASP A 302 23.95 -0.20 2.11
C ASP A 302 23.11 0.65 3.06
N ASP A 303 23.70 1.13 4.15
CA ASP A 303 23.02 2.03 5.06
C ASP A 303 23.10 3.46 4.53
N PHE A 304 22.12 4.27 4.91
CA PHE A 304 22.01 5.62 4.37
C PHE A 304 23.22 6.47 4.74
N GLU A 305 23.62 7.34 3.81
CA GLU A 305 24.74 8.26 4.03
C GLU A 305 24.23 9.50 4.78
N THR A 306 23.93 9.28 6.06
CA THR A 306 23.33 10.34 6.87
C THR A 306 24.28 11.52 7.03
N ASN A 307 25.57 11.26 7.20
CA ASN A 307 26.52 12.35 7.36
C ASN A 307 26.59 13.22 6.10
N TRP A 308 26.64 12.59 4.94
CA TRP A 308 26.61 13.36 3.69
C TRP A 308 25.31 14.13 3.56
N ILE A 309 24.20 13.51 3.93
CA ILE A 309 22.91 14.21 3.86
C ILE A 309 22.94 15.45 4.75
N VAL A 310 23.47 15.32 5.96
CA VAL A 310 23.52 16.45 6.87
C VAL A 310 24.38 17.56 6.30
N ASP A 311 25.58 17.21 5.82
CA ASP A 311 26.48 18.23 5.27
C ASP A 311 25.85 18.94 4.08
N ARG A 312 25.28 18.15 3.16
CA ARG A 312 24.69 18.73 1.96
C ARG A 312 23.50 19.61 2.30
N ASN A 313 22.65 19.17 3.23
CA ASN A 313 21.51 19.97 3.63
C ASN A 313 21.97 21.30 4.22
N LEU A 314 22.96 21.26 5.11
CA LEU A 314 23.46 22.51 5.68
C LEU A 314 23.96 23.44 4.59
N GLN A 315 24.84 22.94 3.72
CA GLN A 315 25.41 23.80 2.67
C GLN A 315 24.32 24.38 1.78
N VAL A 316 23.44 23.51 1.26
CA VAL A 316 22.45 23.96 0.28
C VAL A 316 21.48 24.94 0.92
N SER A 317 21.00 24.65 2.13
CA SER A 317 20.03 25.54 2.77
C SER A 317 20.66 26.89 3.09
N LEU A 318 21.87 26.90 3.62
CA LEU A 318 22.52 28.18 3.91
C LEU A 318 22.73 28.99 2.65
N LEU A 319 23.22 28.35 1.59
CA LEU A 319 23.44 29.06 0.33
C LEU A 319 22.14 29.62 -0.21
N ALA A 320 21.08 28.80 -0.20
CA ALA A 320 19.81 29.23 -0.77
C ALA A 320 19.23 30.41 0.00
N VAL A 321 19.28 30.37 1.33
CA VAL A 321 18.64 31.44 2.09
C VAL A 321 19.51 32.69 2.19
N ASP A 322 20.83 32.58 2.03
CA ASP A 322 21.70 33.73 2.19
C ASP A 322 22.13 34.33 0.86
N GLU A 323 22.79 33.54 0.00
CA GLU A 323 23.38 34.11 -1.21
C GLU A 323 22.37 34.19 -2.35
N MET A 324 21.38 33.30 -2.37
CA MET A 324 20.42 33.24 -3.46
C MET A 324 19.17 34.08 -3.21
N HIS A 325 19.08 34.75 -2.07
CA HIS A 325 17.90 35.55 -1.77
C HIS A 325 17.85 36.76 -2.68
N GLN A 326 16.75 36.89 -3.43
CA GLN A 326 16.53 38.01 -4.35
C GLN A 326 17.73 38.23 -5.26
N ASP A 327 18.44 37.15 -5.59
CA ASP A 327 19.58 37.17 -6.50
C ASP A 327 19.24 36.26 -7.67
N LEU A 328 18.73 36.86 -8.74
CA LEU A 328 18.21 36.11 -9.87
C LEU A 328 19.02 36.38 -11.12
N PRO A 329 19.12 35.41 -12.02
CA PRO A 329 19.77 35.68 -13.31
C PRO A 329 18.95 36.68 -14.12
N ARG A 330 19.64 37.43 -14.97
CA ARG A 330 18.98 38.46 -15.76
C ARG A 330 17.84 37.88 -16.57
N MET A 331 16.70 38.57 -16.54
CA MET A 331 15.51 38.11 -17.25
C MET A 331 15.55 38.65 -18.68
N GLU A 332 15.72 37.75 -19.64
CA GLU A 332 15.78 38.11 -21.05
C GLU A 332 14.94 37.13 -21.86
N PRO A 333 14.49 37.55 -23.04
CA PRO A 333 13.72 36.62 -23.89
C PRO A 333 14.54 35.38 -24.20
N ASP A 334 13.86 34.23 -24.25
CA ASP A 334 14.53 32.94 -24.39
C ASP A 334 14.73 32.60 -25.87
N MET A 335 15.21 31.38 -26.12
CA MET A 335 15.50 30.97 -27.49
C MET A 335 14.24 30.91 -28.35
N TYR A 336 13.12 30.49 -27.77
CA TYR A 336 11.87 30.27 -28.50
C TYR A 336 10.89 31.41 -28.26
N TRP A 337 11.41 32.64 -28.22
CA TRP A 337 10.56 33.79 -27.88
C TRP A 337 9.37 33.91 -28.83
N ASN A 338 9.59 33.70 -30.13
CA ASN A 338 8.53 33.76 -31.12
C ASN A 338 8.51 32.49 -31.96
N LYS A 339 8.65 31.34 -31.30
CA LYS A 339 8.53 30.04 -31.96
C LYS A 339 7.30 29.33 -31.42
N PRO A 340 6.22 29.22 -32.20
CA PRO A 340 4.99 28.62 -31.66
C PRO A 340 5.17 27.20 -31.16
N GLU A 341 6.04 26.41 -31.78
CA GLU A 341 6.24 25.01 -31.43
C GLU A 341 7.73 24.76 -31.25
N PRO A 342 8.29 25.09 -30.10
CA PRO A 342 9.73 24.88 -29.88
C PRO A 342 10.10 23.41 -30.03
N GLN A 343 11.24 23.17 -30.67
CA GLN A 343 11.75 21.82 -30.92
C GLN A 343 13.23 21.78 -30.57
N PRO A 344 13.55 21.48 -29.32
CA PRO A 344 14.97 21.36 -28.94
C PRO A 344 15.66 20.29 -29.76
N PRO A 345 16.91 20.51 -30.14
CA PRO A 345 17.61 19.55 -31.02
C PRO A 345 18.02 18.30 -30.28
N TYR A 346 18.40 17.29 -31.06
CA TYR A 346 18.91 16.03 -30.56
C TYR A 346 20.36 15.85 -31.01
N THR A 347 21.18 15.25 -30.16
CA THR A 347 22.53 14.91 -30.53
C THR A 347 22.53 13.64 -31.38
N ALA A 348 23.71 13.29 -31.92
CA ALA A 348 23.82 12.07 -32.69
C ALA A 348 23.51 10.85 -31.84
N ALA A 349 23.98 10.83 -30.59
CA ALA A 349 23.77 9.66 -29.73
C ALA A 349 22.33 9.57 -29.25
N SER A 350 21.55 10.63 -29.37
CA SER A 350 20.18 10.67 -28.88
C SER A 350 19.14 10.75 -29.97
N ALA A 351 19.57 10.86 -31.24
CA ALA A 351 18.61 11.01 -32.33
C ALA A 351 17.63 9.84 -32.41
N GLN A 352 18.06 8.65 -31.96
CA GLN A 352 17.17 7.49 -32.01
C GLN A 352 16.09 7.53 -30.95
N PHE A 353 16.15 8.47 -30.01
CA PHE A 353 15.18 8.58 -28.94
C PHE A 353 14.06 9.56 -29.24
N ARG A 354 14.03 10.13 -30.44
CA ARG A 354 12.94 11.00 -30.84
C ARG A 354 11.72 10.15 -31.20
N ARG A 355 10.64 10.29 -30.42
CA ARG A 355 9.45 9.49 -30.58
C ARG A 355 8.26 10.39 -30.88
N ALA A 356 7.30 9.84 -31.63
CA ALA A 356 6.05 10.54 -31.85
C ALA A 356 5.18 10.49 -30.59
N SER A 357 4.35 11.52 -30.43
CA SER A 357 3.51 11.60 -29.24
C SER A 357 2.49 10.47 -29.22
N PHE A 358 2.26 9.92 -28.03
CA PHE A 358 1.21 8.93 -27.84
C PHE A 358 -0.11 9.66 -27.61
N MET A 359 -1.08 9.41 -28.49
CA MET A 359 -2.34 10.12 -28.47
C MET A 359 -3.48 9.34 -27.81
N GLY A 360 -3.20 8.15 -27.30
CA GLY A 360 -4.23 7.35 -26.67
C GLY A 360 -4.42 6.00 -27.34
N SER A 361 -4.92 5.03 -26.58
CA SER A 361 -5.10 3.68 -27.11
C SER A 361 -6.25 3.58 -28.10
N THR A 362 -7.14 4.55 -28.12
CA THR A 362 -8.28 4.54 -29.04
C THR A 362 -7.99 5.27 -30.35
N PHE A 363 -6.79 5.82 -30.51
CA PHE A 363 -6.51 6.68 -31.66
C PHE A 363 -6.65 5.95 -32.98
N ASN A 364 -6.31 4.66 -33.03
CA ASN A 364 -6.25 3.90 -34.27
C ASN A 364 -7.50 3.08 -34.54
N ILE A 365 -8.58 3.30 -33.77
CA ILE A 365 -9.82 2.58 -34.02
C ILE A 365 -10.45 3.07 -35.31
N SER A 366 -10.84 2.13 -36.16
CA SER A 366 -11.43 2.44 -37.47
C SER A 366 -12.92 2.16 -37.44
N LEU A 367 -13.71 3.12 -37.91
CA LEU A 367 -15.16 3.01 -37.92
C LEU A 367 -15.69 3.42 -39.29
N ASN A 368 -16.83 2.84 -39.65
CA ASN A 368 -17.47 3.16 -40.92
C ASN A 368 -18.20 4.49 -40.84
N LYS A 369 -18.65 4.97 -42.00
CA LYS A 369 -19.43 6.20 -42.03
C LYS A 369 -20.76 6.03 -41.30
N GLU A 370 -21.41 4.88 -41.49
CA GLU A 370 -22.67 4.63 -40.81
C GLU A 370 -22.48 4.38 -39.32
N GLU A 371 -21.33 3.82 -38.93
CA GLU A 371 -21.05 3.58 -37.52
C GLU A 371 -20.99 4.88 -36.73
N MET A 372 -20.41 5.92 -37.32
CA MET A 372 -20.18 7.17 -36.62
C MET A 372 -21.36 8.14 -36.69
N GLU A 373 -22.48 7.73 -37.29
CA GLU A 373 -23.63 8.63 -37.41
C GLU A 373 -24.40 8.68 -36.09
N PHE A 374 -24.63 9.89 -35.60
CA PHE A 374 -25.42 10.06 -34.39
C PHE A 374 -26.85 9.60 -34.60
N GLN A 375 -27.40 8.94 -33.60
CA GLN A 375 -28.78 8.48 -33.73
C GLN A 375 -29.72 9.41 -32.97
N PRO A 376 -30.98 9.50 -33.43
CA PRO A 376 -32.00 10.35 -32.79
C PRO A 376 -32.63 9.70 -31.58
N THR B 1 -19.72 -3.09 -16.25
CA THR B 1 -19.72 -3.38 -14.83
C THR B 1 -20.89 -4.27 -14.45
N ILE B 2 -20.59 -5.40 -13.81
CA ILE B 2 -21.60 -6.32 -13.31
C ILE B 2 -21.64 -6.21 -11.80
N THR B 3 -22.81 -5.91 -11.26
CA THR B 3 -22.99 -5.67 -9.84
C THR B 3 -23.76 -6.81 -9.20
N TYR B 4 -23.23 -7.36 -8.11
CA TYR B 4 -23.89 -8.39 -7.34
C TYR B 4 -23.81 -8.10 -5.83
N THR B 5 -23.62 -6.84 -5.46
CA THR B 5 -23.52 -6.48 -4.06
C THR B 5 -24.78 -6.85 -3.29
N SER B 6 -25.95 -6.59 -3.88
CA SER B 6 -27.19 -6.98 -3.22
C SER B 6 -27.28 -8.48 -3.06
N GLN B 7 -26.72 -9.24 -3.99
CA GLN B 7 -26.73 -10.69 -3.91
C GLN B 7 -25.76 -11.23 -2.88
N VAL B 8 -24.67 -10.52 -2.60
CA VAL B 8 -23.67 -11.00 -1.64
C VAL B 8 -23.70 -10.15 -0.38
N ALA B 9 -24.81 -9.46 -0.14
CA ALA B 9 -24.92 -8.62 1.06
C ALA B 9 -24.68 -9.44 2.33
N ASN B 10 -25.31 -10.60 2.44
CA ASN B 10 -25.18 -11.44 3.61
C ASN B 10 -24.56 -12.78 3.23
N ALA B 11 -23.78 -13.34 4.14
CA ALA B 11 -23.13 -14.64 3.94
C ALA B 11 -24.14 -15.74 4.24
N ARG B 12 -25.04 -15.97 3.29
CA ARG B 12 -26.07 -16.98 3.42
C ARG B 12 -25.55 -18.33 2.95
N LEU B 13 -26.43 -19.33 3.00
CA LEU B 13 -26.09 -20.68 2.55
C LEU B 13 -25.84 -20.67 1.05
N GLY B 14 -24.64 -21.06 0.65
CA GLY B 14 -24.30 -21.05 -0.76
C GLY B 14 -24.32 -19.67 -1.38
N SER B 15 -23.86 -18.66 -0.63
CA SER B 15 -23.91 -17.29 -1.12
C SER B 15 -23.14 -17.15 -2.43
N PHE B 16 -21.90 -17.64 -2.46
CA PHE B 16 -21.10 -17.56 -3.68
C PHE B 16 -21.49 -18.65 -4.67
N SER B 17 -22.05 -19.76 -4.18
CA SER B 17 -22.49 -20.82 -5.09
C SER B 17 -23.63 -20.34 -5.97
N ARG B 18 -24.49 -19.47 -5.44
CA ARG B 18 -25.59 -18.94 -6.24
C ARG B 18 -25.10 -18.06 -7.38
N LEU B 19 -23.86 -17.58 -7.31
CA LEU B 19 -23.31 -16.74 -8.37
C LEU B 19 -22.79 -17.54 -9.56
N LEU B 20 -22.68 -18.86 -9.44
CA LEU B 20 -22.25 -19.69 -10.55
C LEU B 20 -23.30 -19.80 -11.64
N LEU B 21 -24.51 -19.31 -11.41
CA LEU B 21 -25.60 -19.37 -12.38
C LEU B 21 -25.70 -18.11 -13.23
N CYS B 22 -24.71 -17.23 -13.19
CA CYS B 22 -24.70 -16.01 -13.96
C CYS B 22 -23.92 -16.21 -15.26
N TRP B 23 -24.35 -15.50 -16.31
CA TRP B 23 -23.71 -15.58 -17.62
C TRP B 23 -22.91 -14.33 -17.96
N ARG B 24 -23.52 -13.15 -17.80
CA ARG B 24 -22.84 -11.90 -18.13
C ARG B 24 -21.62 -11.71 -17.25
N GLY B 25 -20.50 -11.37 -17.87
CA GLY B 25 -19.26 -11.19 -17.12
C GLY B 25 -18.83 -12.41 -16.34
N SER B 26 -18.99 -13.59 -16.93
CA SER B 26 -18.76 -14.85 -16.24
C SER B 26 -17.56 -15.58 -16.82
N ILE B 27 -17.02 -16.49 -16.02
CA ILE B 27 -15.86 -17.28 -16.44
C ILE B 27 -16.21 -18.13 -17.66
N TYR B 28 -17.43 -18.68 -17.70
CA TYR B 28 -17.85 -19.42 -18.88
C TYR B 28 -17.80 -18.55 -20.12
N LYS B 29 -18.45 -17.39 -20.05
CA LYS B 29 -18.45 -16.48 -21.20
C LYS B 29 -17.04 -16.11 -21.61
N LEU B 30 -16.13 -15.99 -20.64
CA LEU B 30 -14.78 -15.56 -20.94
C LEU B 30 -13.92 -16.65 -21.56
N LEU B 31 -14.10 -17.92 -21.17
CA LEU B 31 -13.14 -18.94 -21.56
C LEU B 31 -13.77 -20.13 -22.28
N TYR B 32 -15.02 -20.01 -22.73
CA TYR B 32 -15.65 -21.16 -23.39
C TYR B 32 -14.96 -21.50 -24.71
N GLY B 33 -14.54 -20.49 -25.48
CA GLY B 33 -13.86 -20.77 -26.73
C GLY B 33 -12.53 -21.48 -26.51
N GLU B 34 -11.73 -20.98 -25.57
CA GLU B 34 -10.46 -21.63 -25.25
C GLU B 34 -10.71 -23.05 -24.76
N PHE B 35 -11.74 -23.26 -23.93
CA PHE B 35 -12.04 -24.60 -23.45
C PHE B 35 -12.42 -25.52 -24.59
N LEU B 36 -13.21 -25.03 -25.55
CA LEU B 36 -13.60 -25.87 -26.68
C LEU B 36 -12.39 -26.26 -27.52
N ILE B 37 -11.49 -25.30 -27.77
CA ILE B 37 -10.28 -25.61 -28.53
C ILE B 37 -9.44 -26.65 -27.80
N PHE B 38 -9.27 -26.46 -26.48
CA PHE B 38 -8.50 -27.40 -25.69
C PHE B 38 -9.13 -28.79 -25.72
N LEU B 39 -10.45 -28.87 -25.61
CA LEU B 39 -11.13 -30.15 -25.66
C LEU B 39 -10.94 -30.84 -27.01
N LEU B 40 -11.04 -30.06 -28.10
CA LEU B 40 -10.84 -30.63 -29.42
C LEU B 40 -9.43 -31.20 -29.55
N CYS B 41 -8.43 -30.44 -29.11
CA CYS B 41 -7.05 -30.93 -29.18
C CYS B 41 -6.86 -32.18 -28.32
N TYR B 42 -7.42 -32.17 -27.11
CA TYR B 42 -7.27 -33.31 -26.21
C TYR B 42 -7.86 -34.57 -26.81
N TYR B 43 -9.07 -34.48 -27.36
CA TYR B 43 -9.74 -35.66 -27.88
C TYR B 43 -9.28 -36.04 -29.28
N ILE B 44 -8.57 -35.15 -29.98
CA ILE B 44 -7.82 -35.51 -31.16
C ILE B 44 -6.59 -36.33 -30.81
N ILE B 45 -5.85 -35.89 -29.78
CA ILE B 45 -4.67 -36.64 -29.35
C ILE B 45 -5.08 -38.01 -28.81
N ARG B 46 -6.16 -38.05 -28.02
CA ARG B 46 -6.58 -39.33 -27.45
C ARG B 46 -6.96 -40.33 -28.54
N PHE B 47 -7.72 -39.89 -29.54
CA PHE B 47 -8.10 -40.77 -30.64
C PHE B 47 -6.94 -41.13 -31.54
N ILE B 48 -5.95 -40.25 -31.70
CA ILE B 48 -4.75 -40.64 -32.42
C ILE B 48 -4.01 -41.75 -31.67
N TYR B 49 -3.81 -41.58 -30.37
CA TYR B 49 -3.11 -42.57 -29.57
C TYR B 49 -3.69 -43.98 -29.47
N ARG B 50 -5.02 -44.09 -29.41
CA ARG B 50 -5.70 -45.42 -29.24
C ARG B 50 -6.09 -46.03 -30.59
N LEU B 51 -6.05 -45.25 -31.67
CA LEU B 51 -6.40 -45.70 -32.99
C LEU B 51 -5.16 -45.77 -33.89
N ALA B 52 -4.61 -44.62 -34.27
CA ALA B 52 -3.55 -44.61 -35.28
C ALA B 52 -2.24 -45.27 -34.88
N LEU B 53 -1.82 -45.09 -33.64
CA LEU B 53 -0.50 -45.56 -33.22
C LEU B 53 -0.41 -47.08 -33.28
N THR B 54 0.78 -47.57 -33.60
CA THR B 54 1.06 -49.00 -33.64
C THR B 54 1.31 -49.51 -32.21
N GLU B 55 1.65 -50.78 -32.08
CA GLU B 55 1.83 -51.39 -30.78
C GLU B 55 3.01 -50.81 -30.00
N GLU B 56 4.16 -50.61 -30.63
CA GLU B 56 5.28 -49.94 -29.98
C GLU B 56 5.14 -48.43 -29.96
N GLN B 57 4.43 -47.86 -30.93
CA GLN B 57 4.10 -46.44 -30.86
C GLN B 57 3.29 -46.13 -29.61
N GLN B 58 2.38 -47.04 -29.22
CA GLN B 58 1.61 -46.83 -28.00
C GLN B 58 2.50 -46.88 -26.76
N LEU B 59 3.49 -47.79 -26.74
CA LEU B 59 4.41 -47.82 -25.62
C LEU B 59 5.23 -46.54 -25.53
N MET B 60 5.70 -46.04 -26.68
CA MET B 60 6.42 -44.77 -26.68
C MET B 60 5.54 -43.64 -26.21
N PHE B 61 4.28 -43.63 -26.63
CA PHE B 61 3.35 -42.59 -26.20
C PHE B 61 3.10 -42.66 -24.70
N GLU B 62 3.02 -43.87 -24.15
CA GLU B 62 2.83 -44.02 -22.71
C GLU B 62 4.05 -43.51 -21.95
N LYS B 63 5.25 -43.83 -22.43
CA LYS B 63 6.45 -43.31 -21.80
C LYS B 63 6.46 -41.78 -21.86
N LEU B 64 6.10 -41.22 -23.01
CA LEU B 64 6.04 -39.77 -23.13
C LEU B 64 5.00 -39.17 -22.19
N THR B 65 3.85 -39.83 -22.04
CA THR B 65 2.82 -39.34 -21.15
C THR B 65 3.30 -39.31 -19.71
N LEU B 66 3.98 -40.37 -19.27
CA LEU B 66 4.52 -40.35 -17.91
C LEU B 66 5.57 -39.26 -17.74
N TYR B 67 6.48 -39.14 -18.73
CA TYR B 67 7.52 -38.13 -18.65
C TYR B 67 6.93 -36.72 -18.60
N CYS B 68 5.86 -36.49 -19.36
CA CYS B 68 5.20 -35.18 -19.34
C CYS B 68 4.46 -35.02 -18.02
N ASP B 69 3.74 -36.06 -17.59
CA ASP B 69 2.95 -35.94 -16.37
C ASP B 69 3.82 -35.59 -15.17
N SER B 70 5.04 -36.13 -15.15
CA SER B 70 5.97 -35.77 -14.08
C SER B 70 6.33 -34.29 -14.00
N TYR B 71 6.14 -33.54 -15.09
CA TYR B 71 6.71 -32.20 -15.17
C TYR B 71 5.59 -31.17 -15.04
N ILE B 72 4.35 -31.61 -14.88
CA ILE B 72 3.24 -30.68 -14.67
C ILE B 72 3.20 -30.19 -13.23
N GLN B 73 3.56 -28.94 -13.00
CA GLN B 73 3.74 -28.38 -11.67
C GLN B 73 2.76 -27.24 -11.42
N LEU B 74 2.22 -27.18 -10.20
CA LEU B 74 1.22 -26.16 -9.88
C LEU B 74 1.80 -24.89 -9.28
N ILE B 75 2.85 -25.02 -8.46
CA ILE B 75 3.31 -23.88 -7.67
C ILE B 75 3.90 -22.75 -8.51
N PRO B 76 4.67 -22.99 -9.60
CA PRO B 76 5.29 -21.90 -10.34
C PRO B 76 4.18 -21.09 -11.02
N ILE B 77 3.30 -21.78 -11.76
CA ILE B 77 2.20 -21.09 -12.41
C ILE B 77 1.32 -20.39 -11.39
N SER B 78 1.04 -21.06 -10.27
CA SER B 78 0.20 -20.46 -9.24
C SER B 78 0.82 -19.18 -8.69
N PHE B 79 2.12 -19.22 -8.40
CA PHE B 79 2.78 -18.05 -7.84
C PHE B 79 2.80 -16.89 -8.83
N VAL B 80 3.20 -17.17 -10.07
CA VAL B 80 3.27 -16.11 -11.07
C VAL B 80 1.89 -15.52 -11.32
N LEU B 81 0.86 -16.38 -11.42
CA LEU B 81 -0.49 -15.89 -11.62
C LEU B 81 -0.95 -15.03 -10.44
N GLY B 82 -0.66 -15.48 -9.22
CA GLY B 82 -1.07 -14.70 -8.06
C GLY B 82 -0.47 -13.31 -8.08
N PHE B 83 0.84 -13.22 -8.30
CA PHE B 83 1.49 -11.91 -8.28
C PHE B 83 1.00 -11.04 -9.43
N TYR B 84 0.92 -11.61 -10.63
CA TYR B 84 0.50 -10.82 -11.80
C TYR B 84 -0.93 -10.33 -11.66
N VAL B 85 -1.83 -11.19 -11.18
CA VAL B 85 -3.23 -10.80 -11.01
C VAL B 85 -3.37 -9.78 -9.89
N THR B 86 -2.58 -9.90 -8.83
CA THR B 86 -2.62 -8.88 -7.79
C THR B 86 -2.21 -7.52 -8.35
N LEU B 87 -1.14 -7.49 -9.15
CA LEU B 87 -0.73 -6.24 -9.77
C LEU B 87 -1.82 -5.69 -10.69
N VAL B 88 -2.42 -6.57 -11.49
CA VAL B 88 -3.45 -6.13 -12.45
C VAL B 88 -4.64 -5.55 -11.71
N VAL B 89 -5.08 -6.21 -10.62
CA VAL B 89 -6.24 -5.74 -9.88
C VAL B 89 -5.94 -4.42 -9.18
N THR B 90 -4.71 -4.28 -8.65
CA THR B 90 -4.33 -3.00 -8.04
C THR B 90 -4.39 -1.88 -9.08
N ARG B 91 -3.84 -2.12 -10.27
CA ARG B 91 -3.88 -1.11 -11.31
C ARG B 91 -5.32 -0.82 -11.73
N TRP B 92 -6.17 -1.85 -11.79
CA TRP B 92 -7.57 -1.66 -12.16
C TRP B 92 -8.29 -0.75 -11.17
N TRP B 93 -8.10 -1.01 -9.86
CA TRP B 93 -8.78 -0.17 -8.88
C TRP B 93 -8.20 1.24 -8.86
N ASN B 94 -6.89 1.38 -9.07
CA ASN B 94 -6.32 2.72 -9.18
C ASN B 94 -6.90 3.47 -10.37
N GLN B 95 -7.03 2.78 -11.51
CA GLN B 95 -7.60 3.42 -12.69
C GLN B 95 -9.03 3.88 -12.43
N TYR B 96 -9.81 3.07 -11.70
CA TYR B 96 -11.14 3.55 -11.31
C TYR B 96 -11.04 4.76 -10.40
N GLU B 97 -10.15 4.70 -9.40
CA GLU B 97 -10.01 5.81 -8.46
C GLU B 97 -9.58 7.10 -9.14
N ASN B 98 -9.01 7.01 -10.33
CA ASN B 98 -8.59 8.19 -11.07
C ASN B 98 -9.66 8.69 -12.04
N LEU B 99 -10.85 8.12 -11.99
CA LEU B 99 -11.95 8.65 -12.80
C LEU B 99 -12.41 9.98 -12.23
N PRO B 100 -12.42 11.05 -13.04
CA PRO B 100 -12.73 12.37 -12.49
C PRO B 100 -14.23 12.55 -12.25
N TRP B 101 -14.59 12.96 -11.04
CA TRP B 101 -15.95 13.30 -10.69
C TRP B 101 -16.04 14.79 -10.40
N PRO B 102 -16.90 15.53 -11.10
CA PRO B 102 -16.92 16.99 -10.96
C PRO B 102 -17.75 17.48 -9.79
N ASP B 103 -18.05 16.63 -8.81
CA ASP B 103 -18.99 17.00 -7.77
C ASP B 103 -18.45 18.12 -6.88
N ARG B 104 -17.22 17.95 -6.38
CA ARG B 104 -16.64 18.98 -5.52
C ARG B 104 -16.50 20.30 -6.26
N LEU B 105 -15.98 20.25 -7.49
CA LEU B 105 -15.79 21.46 -8.27
C LEU B 105 -17.13 22.13 -8.58
N MET B 106 -18.16 21.33 -8.85
CA MET B 106 -19.46 21.90 -9.17
C MET B 106 -20.10 22.56 -7.96
N SER B 107 -19.96 21.94 -6.78
CA SER B 107 -20.45 22.59 -5.57
C SER B 107 -19.71 23.89 -5.32
N LEU B 108 -18.38 23.89 -5.49
CA LEU B 108 -17.62 25.10 -5.29
C LEU B 108 -18.03 26.19 -6.28
N VAL B 109 -18.22 25.82 -7.54
CA VAL B 109 -18.62 26.80 -8.56
C VAL B 109 -19.98 27.39 -8.22
N SER B 110 -20.95 26.52 -7.90
CA SER B 110 -22.27 26.99 -7.55
C SER B 110 -22.23 27.94 -6.36
N GLY B 111 -21.44 27.61 -5.35
CA GLY B 111 -21.35 28.49 -4.18
C GLY B 111 -20.66 29.81 -4.47
N PHE B 112 -19.50 29.76 -5.14
CA PHE B 112 -18.62 30.92 -5.24
C PHE B 112 -18.96 31.86 -6.38
N VAL B 113 -19.34 31.34 -7.55
CA VAL B 113 -19.58 32.19 -8.72
C VAL B 113 -20.93 32.85 -8.52
N GLU B 114 -20.93 34.12 -8.16
CA GLU B 114 -22.15 34.82 -7.80
C GLU B 114 -22.83 35.40 -9.05
N GLY B 115 -24.11 35.69 -8.90
CA GLY B 115 -24.89 36.26 -9.99
C GLY B 115 -25.97 35.33 -10.50
N LYS B 116 -27.22 35.73 -10.35
CA LYS B 116 -28.36 34.97 -10.84
C LYS B 116 -28.84 35.45 -12.20
N ASP B 117 -28.08 36.32 -12.86
CA ASP B 117 -28.46 36.84 -14.16
C ASP B 117 -27.86 36.00 -15.28
N GLU B 118 -28.05 36.47 -16.52
CA GLU B 118 -27.57 35.72 -17.67
C GLU B 118 -26.06 35.59 -17.65
N GLN B 119 -25.35 36.65 -17.29
CA GLN B 119 -23.89 36.59 -17.25
C GLN B 119 -23.40 35.56 -16.24
N GLY B 120 -24.00 35.54 -15.04
CA GLY B 120 -23.59 34.57 -14.04
C GLY B 120 -23.92 33.15 -14.46
N ARG B 121 -25.11 32.94 -15.02
CA ARG B 121 -25.46 31.62 -15.53
C ARG B 121 -24.44 31.17 -16.57
N LEU B 122 -24.11 32.04 -17.51
CA LEU B 122 -23.17 31.69 -18.56
C LEU B 122 -21.80 31.37 -17.98
N LEU B 123 -21.33 32.17 -17.02
CA LEU B 123 -20.02 31.94 -16.44
C LEU B 123 -19.96 30.59 -15.72
N ARG B 124 -20.95 30.31 -14.88
CA ARG B 124 -20.96 29.05 -14.14
C ARG B 124 -21.05 27.86 -15.09
N ARG B 125 -21.95 27.94 -16.07
CA ARG B 125 -22.10 26.85 -17.03
C ARG B 125 -20.83 26.65 -17.84
N THR B 126 -20.16 27.74 -18.22
CA THR B 126 -18.92 27.63 -18.99
C THR B 126 -17.82 26.98 -18.18
N LEU B 127 -17.70 27.33 -16.89
CA LEU B 127 -16.68 26.70 -16.06
C LEU B 127 -16.94 25.20 -15.92
N ILE B 128 -18.18 24.84 -15.58
CA ILE B 128 -18.49 23.42 -15.41
C ILE B 128 -18.34 22.68 -16.74
N ARG B 129 -18.65 23.34 -17.86
CA ARG B 129 -18.49 22.71 -19.16
C ARG B 129 -17.03 22.55 -19.54
N TYR B 130 -16.16 23.47 -19.13
CA TYR B 130 -14.73 23.27 -19.33
C TYR B 130 -14.25 22.04 -18.57
N ALA B 131 -14.68 21.89 -17.32
CA ALA B 131 -14.31 20.71 -16.55
C ALA B 131 -14.79 19.44 -17.25
N ASN B 132 -16.06 19.42 -17.66
CA ASN B 132 -16.62 18.24 -18.32
C ASN B 132 -15.94 17.98 -19.66
N LEU B 133 -15.56 19.03 -20.39
CA LEU B 133 -14.87 18.86 -21.66
C LEU B 133 -13.51 18.23 -21.47
N GLY B 134 -12.76 18.68 -20.46
CA GLY B 134 -11.49 18.02 -20.18
C GLY B 134 -11.67 16.56 -19.83
N ASN B 135 -12.65 16.27 -18.97
CA ASN B 135 -12.92 14.89 -18.59
C ASN B 135 -13.26 14.05 -19.82
N VAL B 136 -14.10 14.58 -20.70
CA VAL B 136 -14.54 13.82 -21.87
C VAL B 136 -13.39 13.63 -22.84
N LEU B 137 -12.52 14.64 -22.97
CA LEU B 137 -11.36 14.49 -23.85
C LEU B 137 -10.47 13.34 -23.37
N ILE B 138 -10.17 13.31 -22.08
CA ILE B 138 -9.33 12.23 -21.58
C ILE B 138 -10.05 10.89 -21.71
N LEU B 139 -11.35 10.87 -21.47
CA LEU B 139 -12.10 9.62 -21.54
C LEU B 139 -12.14 9.09 -22.96
N ARG B 140 -12.33 9.95 -23.95
CA ARG B 140 -12.33 9.49 -25.34
C ARG B 140 -10.93 9.16 -25.82
N SER B 141 -9.89 9.68 -25.15
CA SER B 141 -8.54 9.24 -25.46
C SER B 141 -8.23 7.86 -24.91
N VAL B 142 -8.79 7.51 -23.75
CA VAL B 142 -8.39 6.28 -23.06
C VAL B 142 -9.43 5.17 -23.14
N SER B 143 -10.64 5.41 -23.63
CA SER B 143 -11.71 4.43 -23.58
C SER B 143 -12.28 4.20 -24.98
N THR B 144 -12.36 2.93 -25.38
CA THR B 144 -12.86 2.60 -26.71
C THR B 144 -14.34 2.93 -26.86
N ALA B 145 -15.14 2.69 -25.81
CA ALA B 145 -16.56 3.02 -25.89
C ALA B 145 -16.77 4.51 -26.06
N VAL B 146 -16.06 5.33 -25.29
CA VAL B 146 -16.19 6.77 -25.41
C VAL B 146 -15.69 7.25 -26.76
N TYR B 147 -14.62 6.64 -27.27
CA TYR B 147 -14.16 7.00 -28.60
C TYR B 147 -15.20 6.67 -29.66
N LYS B 148 -15.83 5.50 -29.56
CA LYS B 148 -16.87 5.12 -30.51
C LYS B 148 -18.05 6.07 -30.43
N ARG B 149 -18.36 6.58 -29.24
CA ARG B 149 -19.45 7.54 -29.11
C ARG B 149 -19.07 8.89 -29.70
N PHE B 150 -17.83 9.33 -29.48
CA PHE B 150 -17.34 10.64 -29.95
C PHE B 150 -16.05 10.41 -30.72
N PRO B 151 -16.15 9.86 -31.94
CA PRO B 151 -14.93 9.59 -32.71
C PRO B 151 -14.25 10.82 -33.28
N SER B 152 -14.74 12.02 -33.00
CA SER B 152 -14.11 13.22 -33.51
C SER B 152 -14.53 14.44 -32.70
N ALA B 153 -13.72 15.49 -32.79
CA ALA B 153 -14.08 16.75 -32.14
C ALA B 153 -15.35 17.33 -32.73
N GLN B 154 -15.64 17.06 -34.00
CA GLN B 154 -16.92 17.47 -34.56
C GLN B 154 -18.05 16.72 -33.89
N HIS B 155 -17.84 15.43 -33.57
CA HIS B 155 -18.83 14.68 -32.81
C HIS B 155 -19.01 15.29 -31.42
N LEU B 156 -17.92 15.72 -30.79
CA LEU B 156 -18.02 16.38 -29.49
C LEU B 156 -18.83 17.66 -29.59
N VAL B 157 -18.62 18.44 -30.66
CA VAL B 157 -19.38 19.66 -30.85
C VAL B 157 -20.86 19.35 -31.05
N GLN B 158 -21.16 18.35 -31.88
CA GLN B 158 -22.56 17.99 -32.12
C GLN B 158 -23.23 17.51 -30.84
N ALA B 159 -22.51 16.79 -29.99
CA ALA B 159 -23.07 16.30 -28.74
C ALA B 159 -23.28 17.40 -27.72
N GLY B 160 -22.64 18.55 -27.88
CA GLY B 160 -22.82 19.68 -26.98
C GLY B 160 -21.73 19.86 -25.97
N PHE B 161 -20.73 18.98 -25.92
CA PHE B 161 -19.63 19.14 -24.98
C PHE B 161 -18.72 20.31 -25.35
N MET B 162 -18.60 20.61 -26.64
CA MET B 162 -17.76 21.68 -27.13
C MET B 162 -18.58 22.59 -28.03
N THR B 163 -18.38 23.90 -27.87
CA THR B 163 -18.99 24.84 -28.78
C THR B 163 -18.13 25.00 -30.02
N PRO B 164 -18.70 25.49 -31.12
CA PRO B 164 -17.87 25.72 -32.32
C PRO B 164 -16.72 26.68 -32.07
N ALA B 165 -16.91 27.68 -31.21
CA ALA B 165 -15.81 28.58 -30.87
C ALA B 165 -14.70 27.83 -30.15
N GLU B 166 -15.05 26.95 -29.22
CA GLU B 166 -14.05 26.16 -28.53
C GLU B 166 -13.34 25.21 -29.50
N HIS B 167 -14.07 24.65 -30.45
CA HIS B 167 -13.45 23.80 -31.46
C HIS B 167 -12.44 24.58 -32.30
N LYS B 168 -12.83 25.79 -32.71
CA LYS B 168 -11.90 26.64 -33.47
C LYS B 168 -10.67 26.99 -32.65
N GLN B 169 -10.86 27.30 -31.37
CA GLN B 169 -9.73 27.60 -30.51
C GLN B 169 -8.80 26.40 -30.36
N LEU B 170 -9.37 25.20 -30.22
CA LEU B 170 -8.55 24.01 -30.12
C LEU B 170 -7.77 23.78 -31.42
N GLU B 171 -8.42 23.98 -32.57
CA GLU B 171 -7.72 23.84 -33.83
C GLU B 171 -6.58 24.85 -33.93
N LYS B 172 -6.80 26.08 -33.47
CA LYS B 172 -5.75 27.09 -33.50
C LYS B 172 -4.59 26.70 -32.59
N LEU B 173 -4.89 26.13 -31.42
CA LEU B 173 -3.87 25.72 -30.47
C LEU B 173 -3.24 24.38 -30.81
N SER B 174 -3.73 23.69 -31.83
CA SER B 174 -3.29 22.34 -32.17
C SER B 174 -1.77 22.19 -32.05
N LEU B 175 -1.35 21.20 -31.26
CA LEU B 175 0.04 20.77 -31.14
C LEU B 175 0.10 19.28 -31.42
N PRO B 176 1.27 18.73 -31.73
CA PRO B 176 1.41 17.29 -32.00
C PRO B 176 1.38 16.44 -30.74
N HIS B 177 0.43 16.75 -29.85
CA HIS B 177 0.23 16.02 -28.62
C HIS B 177 -1.27 15.90 -28.35
N ASN B 178 -1.63 15.08 -27.37
CA ASN B 178 -3.01 15.03 -26.92
C ASN B 178 -3.35 16.32 -26.18
N MET B 179 -4.43 16.99 -26.61
CA MET B 179 -4.77 18.32 -26.14
C MET B 179 -5.81 18.31 -25.03
N PHE B 180 -5.88 17.23 -24.26
CA PHE B 180 -6.84 17.17 -23.15
C PHE B 180 -6.55 18.18 -22.06
N TRP B 181 -5.35 18.76 -22.03
CA TRP B 181 -4.96 19.70 -21.00
C TRP B 181 -5.47 21.11 -21.25
N VAL B 182 -5.95 21.41 -22.46
CA VAL B 182 -6.36 22.78 -22.80
C VAL B 182 -7.49 23.27 -21.91
N PRO B 183 -8.54 22.49 -21.65
CA PRO B 183 -9.65 23.02 -20.84
C PRO B 183 -9.25 23.43 -19.45
N TRP B 184 -8.17 22.88 -18.89
CA TRP B 184 -7.73 23.32 -17.57
C TRP B 184 -7.14 24.73 -17.61
N VAL B 185 -6.34 25.03 -18.62
CA VAL B 185 -5.86 26.39 -18.80
C VAL B 185 -7.03 27.33 -19.05
N TRP B 186 -8.00 26.87 -19.86
CA TRP B 186 -9.19 27.68 -20.08
C TRP B 186 -9.92 27.98 -18.79
N PHE B 187 -10.07 26.96 -17.93
CA PHE B 187 -10.76 27.14 -16.66
C PHE B 187 -10.01 28.12 -15.76
N ALA B 188 -8.69 27.98 -15.68
CA ALA B 188 -7.92 28.88 -14.84
C ALA B 188 -8.05 30.33 -15.31
N ASN B 189 -7.95 30.55 -16.63
CA ASN B 189 -8.04 31.90 -17.14
C ASN B 189 -9.44 32.47 -16.96
N LEU B 190 -10.48 31.66 -17.17
CA LEU B 190 -11.84 32.14 -16.99
C LEU B 190 -12.13 32.45 -15.53
N SER B 191 -11.61 31.63 -14.62
CA SER B 191 -11.79 31.90 -13.20
C SER B 191 -11.09 33.19 -12.79
N MET B 192 -9.88 33.41 -13.30
CA MET B 192 -9.20 34.67 -13.00
C MET B 192 -9.96 35.86 -13.56
N LYS B 193 -10.50 35.71 -14.77
CA LYS B 193 -11.32 36.77 -15.35
C LYS B 193 -12.56 37.04 -14.50
N ALA B 194 -13.22 36.00 -14.03
CA ALA B 194 -14.41 36.17 -13.20
C ALA B 194 -14.06 36.86 -11.88
N TRP B 195 -12.94 36.48 -11.26
CA TRP B 195 -12.54 37.16 -10.04
C TRP B 195 -12.24 38.63 -10.29
N LEU B 196 -11.54 38.93 -11.40
CA LEU B 196 -11.24 40.32 -11.70
C LEU B 196 -12.49 41.11 -12.02
N GLY B 197 -13.53 40.47 -12.56
CA GLY B 197 -14.79 41.12 -12.85
C GLY B 197 -15.74 41.23 -11.69
N GLY B 198 -15.37 40.71 -10.52
CA GLY B 198 -16.22 40.79 -9.35
C GLY B 198 -17.17 39.63 -9.16
N ARG B 199 -17.27 38.71 -10.12
CA ARG B 199 -18.15 37.57 -9.98
C ARG B 199 -17.69 36.60 -8.91
N ILE B 200 -16.39 36.47 -8.71
CA ILE B 200 -15.83 35.72 -7.59
C ILE B 200 -15.36 36.74 -6.56
N ARG B 201 -15.86 36.62 -5.34
CA ARG B 201 -15.70 37.68 -4.35
C ARG B 201 -14.36 37.66 -3.64
N ASP B 202 -13.59 36.58 -3.73
CA ASP B 202 -12.37 36.53 -2.94
C ASP B 202 -11.33 35.63 -3.57
N PRO B 203 -10.05 36.00 -3.49
CA PRO B 203 -8.99 35.12 -3.99
C PRO B 203 -8.91 33.80 -3.27
N ILE B 204 -9.39 33.70 -2.02
CA ILE B 204 -9.45 32.40 -1.36
C ILE B 204 -10.44 31.48 -2.08
N LEU B 205 -11.60 32.02 -2.45
CA LEU B 205 -12.56 31.24 -3.24
C LEU B 205 -11.96 30.87 -4.59
N LEU B 206 -11.26 31.80 -5.23
CA LEU B 206 -10.60 31.48 -6.49
C LEU B 206 -9.60 30.34 -6.32
N GLN B 207 -8.82 30.38 -5.23
CA GLN B 207 -7.84 29.33 -4.96
C GLN B 207 -8.51 27.98 -4.74
N SER B 208 -9.63 27.96 -4.01
CA SER B 208 -10.35 26.71 -3.81
C SER B 208 -10.84 26.14 -5.13
N LEU B 209 -11.42 27.00 -5.97
CA LEU B 209 -11.87 26.55 -7.29
C LEU B 209 -10.71 25.95 -8.08
N LEU B 210 -9.58 26.65 -8.11
CA LEU B 210 -8.45 26.17 -8.89
C LEU B 210 -7.86 24.89 -8.30
N ASN B 211 -7.91 24.74 -6.98
CA ASN B 211 -7.44 23.51 -6.35
C ASN B 211 -8.29 22.32 -6.77
N GLU B 212 -9.62 22.48 -6.77
CA GLU B 212 -10.48 21.40 -7.23
C GLU B 212 -10.21 21.09 -8.71
N MET B 213 -10.07 22.13 -9.53
CA MET B 213 -9.81 21.92 -10.94
C MET B 213 -8.49 21.17 -11.15
N ASN B 214 -7.47 21.50 -10.36
CA ASN B 214 -6.17 20.86 -10.48
C ASN B 214 -6.21 19.42 -9.98
N THR B 215 -7.02 19.14 -8.96
CA THR B 215 -7.20 17.74 -8.58
C THR B 215 -7.81 16.93 -9.71
N LEU B 216 -8.80 17.51 -10.39
CA LEU B 216 -9.36 16.83 -11.57
C LEU B 216 -8.30 16.65 -12.65
N ARG B 217 -7.46 17.66 -12.85
CA ARG B 217 -6.39 17.55 -13.84
C ARG B 217 -5.43 16.43 -13.49
N THR B 218 -5.08 16.29 -12.21
CA THR B 218 -4.20 15.22 -11.79
C THR B 218 -4.84 13.85 -12.02
N GLN B 219 -6.14 13.74 -11.74
CA GLN B 219 -6.83 12.48 -12.03
C GLN B 219 -6.79 12.14 -13.51
N CYS B 220 -7.05 13.13 -14.36
CA CYS B 220 -7.01 12.89 -15.80
C CYS B 220 -5.60 12.51 -16.26
N GLY B 221 -4.59 13.14 -15.69
CA GLY B 221 -3.21 12.77 -16.01
C GLY B 221 -2.89 11.36 -15.60
N HIS B 222 -3.39 10.92 -14.45
CA HIS B 222 -3.21 9.54 -14.03
C HIS B 222 -3.90 8.58 -14.99
N LEU B 223 -5.09 8.94 -15.46
CA LEU B 223 -5.77 8.10 -16.45
C LEU B 223 -4.93 7.99 -17.72
N TYR B 224 -4.39 9.11 -18.19
CA TYR B 224 -3.54 9.08 -19.38
C TYR B 224 -2.30 8.22 -19.15
N ALA B 225 -1.71 8.33 -17.95
CA ALA B 225 -0.52 7.55 -17.64
C ALA B 225 -0.82 6.07 -17.65
N TYR B 226 -1.94 5.66 -17.06
CA TYR B 226 -2.31 4.25 -17.07
C TYR B 226 -2.58 3.77 -18.49
N ASP B 227 -3.20 4.61 -19.33
CA ASP B 227 -3.42 4.23 -20.72
C ASP B 227 -2.10 4.05 -21.47
N TRP B 228 -1.13 4.92 -21.20
CA TRP B 228 0.11 4.95 -21.98
C TRP B 228 1.09 3.89 -21.49
N ILE B 229 1.42 3.89 -20.21
CA ILE B 229 2.42 2.99 -19.64
C ILE B 229 1.70 1.69 -19.28
N SER B 230 1.66 0.76 -20.23
CA SER B 230 1.05 -0.54 -19.99
C SER B 230 1.93 -1.37 -19.06
N ILE B 231 1.36 -2.47 -18.57
CA ILE B 231 2.17 -3.39 -17.77
C ILE B 231 3.25 -3.97 -18.66
N PRO B 232 4.45 -4.24 -18.15
CA PRO B 232 5.53 -4.74 -19.02
C PRO B 232 5.09 -5.92 -19.87
N LEU B 233 5.31 -5.77 -21.18
CA LEU B 233 4.98 -6.85 -22.11
C LEU B 233 5.75 -8.11 -21.78
N VAL B 234 6.97 -7.96 -21.23
CA VAL B 234 7.73 -9.13 -20.83
C VAL B 234 7.01 -9.89 -19.72
N TYR B 235 6.50 -9.17 -18.73
CA TYR B 235 5.76 -9.81 -17.64
C TYR B 235 4.49 -10.48 -18.15
N THR B 236 3.75 -9.79 -19.03
CA THR B 236 2.54 -10.39 -19.59
C THR B 236 2.87 -11.65 -20.37
N GLN B 237 3.93 -11.62 -21.17
CA GLN B 237 4.33 -12.78 -21.95
C GLN B 237 4.79 -13.91 -21.06
N VAL B 238 5.46 -13.57 -19.95
CA VAL B 238 5.91 -14.61 -19.02
C VAL B 238 4.70 -15.35 -18.44
N VAL B 239 3.69 -14.60 -17.99
CA VAL B 239 2.51 -15.23 -17.42
C VAL B 239 1.78 -16.07 -18.48
N THR B 240 1.65 -15.51 -19.68
CA THR B 240 0.96 -16.23 -20.75
C THR B 240 1.69 -17.51 -21.12
N VAL B 241 3.02 -17.44 -21.21
CA VAL B 241 3.80 -18.62 -21.55
C VAL B 241 3.69 -19.67 -20.44
N ALA B 242 3.73 -19.24 -19.19
CA ALA B 242 3.54 -20.21 -18.10
C ALA B 242 2.24 -20.97 -18.27
N VAL B 243 1.13 -20.23 -18.43
CA VAL B 243 -0.18 -20.88 -18.49
C VAL B 243 -0.26 -21.80 -19.72
N TYR B 244 0.17 -21.29 -20.88
CA TYR B 244 0.03 -22.05 -22.10
C TYR B 244 0.94 -23.26 -22.16
N SER B 245 2.17 -23.15 -21.65
CA SER B 245 3.03 -24.32 -21.55
C SER B 245 2.42 -25.36 -20.61
N PHE B 246 1.87 -24.91 -19.48
CA PHE B 246 1.21 -25.85 -18.58
C PHE B 246 0.13 -26.64 -19.31
N PHE B 247 -0.77 -25.95 -20.00
CA PHE B 247 -1.90 -26.64 -20.59
C PHE B 247 -1.60 -27.28 -21.93
N LEU B 248 -0.46 -26.96 -22.55
CA LEU B 248 0.03 -27.73 -23.68
C LEU B 248 0.67 -29.04 -23.23
N THR B 249 1.40 -29.01 -22.11
CA THR B 249 1.89 -30.25 -21.53
C THR B 249 0.74 -31.14 -21.09
N CYS B 250 -0.28 -30.55 -20.47
CA CYS B 250 -1.41 -31.32 -19.96
C CYS B 250 -2.16 -32.03 -21.09
N LEU B 251 -1.94 -31.61 -22.33
CA LEU B 251 -2.56 -32.26 -23.48
C LEU B 251 -2.08 -33.68 -23.67
N VAL B 252 -0.81 -33.96 -23.36
CA VAL B 252 -0.25 -35.29 -23.47
C VAL B 252 -0.03 -35.96 -22.12
N GLY B 253 0.23 -35.19 -21.06
CA GLY B 253 0.51 -35.76 -19.76
C GLY B 253 -0.72 -36.23 -19.01
N ARG B 254 -1.89 -35.77 -19.44
CA ARG B 254 -3.14 -36.12 -18.80
C ARG B 254 -4.00 -37.07 -19.65
N GLN B 255 -3.42 -37.70 -20.65
CA GLN B 255 -4.14 -38.72 -21.41
C GLN B 255 -4.39 -39.93 -20.52
N PHE B 256 -5.52 -40.59 -20.74
CA PHE B 256 -5.83 -41.82 -20.02
C PHE B 256 -5.12 -42.99 -20.70
N LEU B 257 -4.08 -43.51 -20.04
CA LEU B 257 -3.32 -44.62 -20.59
C LEU B 257 -4.16 -45.89 -20.52
N ASN B 258 -3.60 -47.01 -21.00
CA ASN B 258 -4.34 -48.26 -20.99
C ASN B 258 -4.34 -48.85 -19.59
N PRO B 259 -5.51 -49.07 -18.98
CA PRO B 259 -5.53 -49.63 -17.63
C PRO B 259 -4.88 -50.99 -17.52
N ALA B 260 -4.93 -51.80 -18.59
CA ALA B 260 -4.34 -53.13 -18.53
C ALA B 260 -2.84 -53.08 -18.28
N LYS B 261 -2.19 -51.98 -18.67
CA LYS B 261 -0.75 -51.84 -18.43
C LYS B 261 -0.41 -51.67 -16.96
N ALA B 262 -1.40 -51.42 -16.10
CA ALA B 262 -1.20 -51.29 -14.67
C ALA B 262 -0.24 -50.18 -14.30
N TYR B 263 -0.22 -49.09 -15.07
CA TYR B 263 0.66 -47.98 -14.74
C TYR B 263 0.21 -47.35 -13.42
N PRO B 264 1.16 -46.94 -12.57
CA PRO B 264 0.78 -46.38 -11.27
C PRO B 264 -0.31 -45.34 -11.33
N GLY B 265 -0.29 -44.47 -12.34
CA GLY B 265 -1.24 -43.36 -12.36
C GLY B 265 -2.53 -43.68 -13.07
N HIS B 266 -2.56 -44.76 -13.84
CA HIS B 266 -3.68 -45.08 -14.72
C HIS B 266 -4.15 -46.51 -14.50
N GLU B 267 -5.06 -46.69 -13.55
CA GLU B 267 -5.77 -47.95 -13.40
C GLU B 267 -7.23 -47.80 -13.79
N LEU B 268 -7.72 -46.58 -13.98
CA LEU B 268 -9.11 -46.34 -14.33
C LEU B 268 -9.36 -45.12 -15.21
N ASP B 269 -9.52 -45.32 -16.51
CA ASP B 269 -9.75 -44.19 -17.40
C ASP B 269 -11.23 -43.81 -17.40
N LEU B 270 -11.49 -42.51 -17.35
CA LEU B 270 -12.84 -41.97 -17.36
C LEU B 270 -13.18 -41.26 -18.66
N VAL B 271 -12.34 -41.38 -19.68
CA VAL B 271 -12.58 -40.70 -20.96
C VAL B 271 -12.45 -39.20 -20.76
N VAL B 272 -13.28 -38.64 -19.89
CA VAL B 272 -13.26 -37.20 -19.61
C VAL B 272 -12.29 -36.91 -18.47
N PRO B 273 -11.22 -36.15 -18.71
CA PRO B 273 -10.29 -35.75 -17.62
C PRO B 273 -10.90 -34.67 -16.75
N VAL B 274 -11.69 -35.10 -15.76
CA VAL B 274 -12.46 -34.14 -14.96
C VAL B 274 -11.54 -33.19 -14.22
N PHE B 275 -10.48 -33.71 -13.59
CA PHE B 275 -9.60 -32.84 -12.82
C PHE B 275 -8.74 -31.97 -13.72
N THR B 276 -8.37 -32.49 -14.89
CA THR B 276 -7.66 -31.65 -15.85
C THR B 276 -8.52 -30.49 -16.31
N PHE B 277 -9.80 -30.74 -16.58
CA PHE B 277 -10.72 -29.68 -16.95
C PHE B 277 -10.95 -28.70 -15.80
N LEU B 278 -11.01 -29.18 -14.56
CA LEU B 278 -11.12 -28.30 -13.41
C LEU B 278 -9.89 -27.40 -13.27
N GLN B 279 -8.69 -27.96 -13.46
CA GLN B 279 -7.48 -27.15 -13.43
C GLN B 279 -7.50 -26.12 -14.56
N PHE B 280 -7.92 -26.53 -15.75
CA PHE B 280 -8.06 -25.58 -16.85
C PHE B 280 -9.00 -24.45 -16.46
N PHE B 281 -10.16 -24.79 -15.90
CA PHE B 281 -11.09 -23.76 -15.46
C PHE B 281 -10.42 -22.80 -14.50
N PHE B 282 -9.80 -23.34 -13.44
CA PHE B 282 -9.22 -22.47 -12.42
C PHE B 282 -8.16 -21.55 -13.01
N TYR B 283 -7.17 -22.12 -13.70
CA TYR B 283 -6.03 -21.31 -14.12
C TYR B 283 -6.38 -20.40 -15.29
N VAL B 284 -7.15 -20.89 -16.27
CA VAL B 284 -7.52 -20.04 -17.38
C VAL B 284 -8.46 -18.93 -16.94
N GLY B 285 -9.36 -19.20 -15.99
CA GLY B 285 -10.19 -18.13 -15.44
C GLY B 285 -9.38 -17.13 -14.65
N TRP B 286 -8.38 -17.60 -13.91
CA TRP B 286 -7.49 -16.69 -13.19
C TRP B 286 -6.76 -15.77 -14.17
N LEU B 287 -6.29 -16.33 -15.29
CA LEU B 287 -5.66 -15.50 -16.31
C LEU B 287 -6.65 -14.59 -17.02
N LYS B 288 -7.88 -15.05 -17.23
CA LYS B 288 -8.88 -14.24 -17.90
C LYS B 288 -9.33 -13.07 -17.03
N VAL B 289 -9.27 -13.22 -15.71
CA VAL B 289 -9.51 -12.08 -14.83
C VAL B 289 -8.56 -10.94 -15.20
N ALA B 290 -7.27 -11.24 -15.32
CA ALA B 290 -6.30 -10.22 -15.69
C ALA B 290 -6.47 -9.77 -17.13
N GLU B 291 -6.86 -10.69 -18.02
CA GLU B 291 -7.09 -10.31 -19.40
C GLU B 291 -8.21 -9.29 -19.51
N GLN B 292 -9.27 -9.46 -18.71
CA GLN B 292 -10.38 -8.52 -18.74
C GLN B 292 -10.03 -7.22 -18.02
N LEU B 293 -9.33 -7.30 -16.89
CA LEU B 293 -9.07 -6.12 -16.07
C LEU B 293 -7.84 -5.32 -16.51
N ILE B 294 -7.02 -5.85 -17.42
CA ILE B 294 -5.80 -5.15 -17.79
C ILE B 294 -6.12 -3.80 -18.41
N ASN B 295 -7.15 -3.74 -19.25
CA ASN B 295 -7.67 -2.49 -19.77
C ASN B 295 -9.11 -2.37 -19.33
N PRO B 296 -9.39 -1.68 -18.22
CA PRO B 296 -10.77 -1.58 -17.73
C PRO B 296 -11.65 -0.62 -18.51
N PHE B 297 -11.11 0.00 -19.56
CA PHE B 297 -11.86 0.96 -20.37
C PHE B 297 -12.23 0.39 -21.74
N GLY B 298 -12.16 -0.92 -21.90
CA GLY B 298 -12.60 -1.58 -23.11
C GLY B 298 -14.10 -1.70 -23.17
N GLU B 299 -14.57 -2.84 -23.70
CA GLU B 299 -15.99 -3.10 -23.85
C GLU B 299 -16.41 -4.40 -23.16
N ASP B 300 -15.59 -4.91 -22.25
CA ASP B 300 -15.95 -6.11 -21.51
C ASP B 300 -17.15 -5.83 -20.61
N ASP B 301 -17.78 -6.91 -20.14
CA ASP B 301 -18.92 -6.76 -19.25
C ASP B 301 -18.53 -6.07 -17.95
N ASP B 302 -17.36 -6.40 -17.40
CA ASP B 302 -16.89 -5.84 -16.15
C ASP B 302 -16.09 -4.56 -16.33
N ASP B 303 -15.99 -4.03 -17.54
CA ASP B 303 -15.32 -2.76 -17.76
C ASP B 303 -16.21 -1.61 -17.30
N PHE B 304 -15.56 -0.49 -17.01
CA PHE B 304 -16.26 0.66 -16.45
C PHE B 304 -17.27 1.24 -17.43
N GLU B 305 -18.33 1.83 -16.89
CA GLU B 305 -19.38 2.46 -17.70
C GLU B 305 -19.03 3.93 -17.93
N THR B 306 -18.07 4.14 -18.82
CA THR B 306 -17.55 5.48 -19.05
C THR B 306 -18.60 6.38 -19.69
N ASN B 307 -19.40 5.84 -20.62
CA ASN B 307 -20.44 6.66 -21.25
C ASN B 307 -21.48 7.11 -20.24
N TRP B 308 -21.93 6.19 -19.37
CA TRP B 308 -22.87 6.58 -18.33
C TRP B 308 -22.25 7.60 -17.39
N ILE B 309 -20.99 7.40 -17.03
CA ILE B 309 -20.32 8.36 -16.16
C ILE B 309 -20.30 9.75 -16.79
N VAL B 310 -19.99 9.81 -18.09
CA VAL B 310 -19.94 11.09 -18.79
C VAL B 310 -21.31 11.75 -18.76
N ASP B 311 -22.36 11.00 -19.13
CA ASP B 311 -23.69 11.57 -19.18
C ASP B 311 -24.13 12.07 -17.80
N ARG B 312 -23.95 11.24 -16.77
CA ARG B 312 -24.37 11.62 -15.43
C ARG B 312 -23.58 12.83 -14.94
N ASN B 313 -22.28 12.86 -15.18
CA ASN B 313 -21.48 13.99 -14.75
C ASN B 313 -21.96 15.27 -15.40
N LEU B 314 -22.20 15.24 -16.71
CA LEU B 314 -22.68 16.43 -17.39
C LEU B 314 -24.00 16.91 -16.79
N GLN B 315 -24.97 16.01 -16.69
CA GLN B 315 -26.29 16.40 -16.20
C GLN B 315 -26.21 16.95 -14.79
N VAL B 316 -25.54 16.23 -13.89
CA VAL B 316 -25.49 16.64 -12.49
C VAL B 316 -24.75 17.96 -12.34
N SER B 317 -23.62 18.12 -13.01
CA SER B 317 -22.86 19.36 -12.87
C SER B 317 -23.63 20.55 -13.41
N LEU B 318 -24.27 20.39 -14.57
CA LEU B 318 -25.05 21.51 -15.12
C LEU B 318 -26.20 21.87 -14.20
N LEU B 319 -26.92 20.86 -13.68
CA LEU B 319 -28.01 21.14 -12.76
C LEU B 319 -27.51 21.87 -11.52
N ALA B 320 -26.43 21.38 -10.92
CA ALA B 320 -25.91 21.97 -9.69
C ALA B 320 -25.49 23.41 -9.91
N VAL B 321 -24.79 23.68 -11.01
CA VAL B 321 -24.25 25.02 -11.23
C VAL B 321 -25.26 26.01 -11.78
N ASP B 322 -26.38 25.55 -12.35
CA ASP B 322 -27.35 26.45 -12.94
C ASP B 322 -28.65 26.54 -12.14
N GLU B 323 -29.31 25.41 -11.90
CA GLU B 323 -30.62 25.46 -11.27
C GLU B 323 -30.54 25.54 -9.76
N MET B 324 -29.52 24.93 -9.15
CA MET B 324 -29.39 24.89 -7.70
C MET B 324 -28.58 26.05 -7.14
N HIS B 325 -28.13 26.97 -7.97
CA HIS B 325 -27.36 28.11 -7.48
C HIS B 325 -28.25 29.02 -6.65
N GLN B 326 -27.86 29.24 -5.39
CA GLN B 326 -28.61 30.09 -4.47
C GLN B 326 -30.09 29.73 -4.45
N ASP B 327 -30.40 28.45 -4.64
CA ASP B 327 -31.76 27.93 -4.59
C ASP B 327 -31.78 26.86 -3.51
N LEU B 328 -32.20 27.26 -2.31
CA LEU B 328 -32.14 26.40 -1.15
C LEU B 328 -33.55 26.08 -0.63
N PRO B 329 -33.75 24.91 -0.06
CA PRO B 329 -35.02 24.65 0.63
C PRO B 329 -35.17 25.58 1.82
N ARG B 330 -36.42 25.92 2.13
CA ARG B 330 -36.69 26.87 3.20
C ARG B 330 -36.06 26.38 4.51
N MET B 331 -35.38 27.29 5.19
CA MET B 331 -34.66 26.97 6.42
C MET B 331 -35.61 27.13 7.60
N GLU B 332 -36.01 26.02 8.20
CA GLU B 332 -36.97 26.00 9.29
C GLU B 332 -36.46 25.09 10.39
N PRO B 333 -36.91 25.29 11.63
CA PRO B 333 -36.49 24.39 12.71
C PRO B 333 -36.87 22.95 12.41
N ASP B 334 -35.97 22.04 12.78
CA ASP B 334 -36.12 20.63 12.45
C ASP B 334 -36.98 19.92 13.48
N MET B 335 -37.09 18.60 13.32
CA MET B 335 -37.92 17.80 14.23
C MET B 335 -37.37 17.80 15.65
N TYR B 336 -36.05 17.83 15.79
CA TYR B 336 -35.38 17.75 17.09
C TYR B 336 -34.90 19.13 17.53
N TRP B 337 -35.70 20.15 17.28
CA TRP B 337 -35.28 21.53 17.55
C TRP B 337 -34.91 21.71 19.01
N ASN B 338 -35.72 21.19 19.92
CA ASN B 338 -35.48 21.33 21.35
C ASN B 338 -35.45 19.97 22.04
N LYS B 339 -34.93 18.96 21.33
CA LYS B 339 -34.80 17.61 21.88
C LYS B 339 -33.34 17.37 22.24
N PRO B 340 -32.99 17.28 23.52
CA PRO B 340 -31.56 17.16 23.88
C PRO B 340 -30.88 15.95 23.26
N GLU B 341 -31.56 14.82 23.16
CA GLU B 341 -30.99 13.59 22.60
C GLU B 341 -31.96 13.03 21.57
N PRO B 342 -31.84 13.45 20.32
CA PRO B 342 -32.73 12.93 19.27
C PRO B 342 -32.50 11.44 19.13
N GLN B 343 -33.58 10.71 18.86
CA GLN B 343 -33.54 9.26 18.64
C GLN B 343 -34.52 8.96 17.50
N PRO B 344 -34.02 8.94 16.24
CA PRO B 344 -34.87 8.62 15.09
C PRO B 344 -35.45 7.21 15.28
N PRO B 345 -36.71 6.96 14.87
CA PRO B 345 -37.36 5.67 15.11
C PRO B 345 -36.81 4.58 14.21
N TYR B 346 -37.16 3.34 14.55
CA TYR B 346 -36.81 2.16 13.77
C TYR B 346 -38.08 1.50 13.25
N THR B 347 -38.00 0.95 12.05
CA THR B 347 -39.11 0.18 11.51
C THR B 347 -39.11 -1.23 12.12
N ALA B 348 -40.18 -1.96 11.84
CA ALA B 348 -40.24 -3.35 12.31
C ALA B 348 -39.15 -4.19 11.67
N ALA B 349 -38.79 -3.90 10.42
CA ALA B 349 -37.79 -4.69 9.72
C ALA B 349 -36.37 -4.38 10.18
N SER B 350 -36.16 -3.26 10.86
CA SER B 350 -34.83 -2.85 11.29
C SER B 350 -34.69 -2.70 12.79
N ALA B 351 -35.74 -2.99 13.57
CA ALA B 351 -35.65 -2.83 15.01
C ALA B 351 -34.51 -3.64 15.62
N GLN B 352 -34.15 -4.77 14.99
CA GLN B 352 -33.09 -5.61 15.53
C GLN B 352 -31.70 -5.01 15.35
N PHE B 353 -31.57 -3.94 14.56
CA PHE B 353 -30.28 -3.31 14.33
C PHE B 353 -29.97 -2.20 15.33
N ARG B 354 -30.89 -1.91 16.25
CA ARG B 354 -30.59 -0.96 17.31
C ARG B 354 -29.56 -1.56 18.26
N ARG B 355 -28.50 -0.81 18.53
CA ARG B 355 -27.37 -1.30 19.30
C ARG B 355 -26.99 -0.29 20.37
N ALA B 356 -26.41 -0.80 21.44
CA ALA B 356 -25.78 0.06 22.43
C ALA B 356 -24.44 0.53 21.92
N SER B 357 -24.06 1.74 22.33
CA SER B 357 -22.81 2.32 21.85
C SER B 357 -21.62 1.51 22.36
N PHE B 358 -20.56 1.48 21.56
CA PHE B 358 -19.31 0.87 21.98
C PHE B 358 -18.46 1.91 22.68
N MET B 359 -18.13 1.66 23.95
CA MET B 359 -17.43 2.62 24.78
C MET B 359 -15.93 2.37 24.86
N GLY B 360 -15.42 1.37 24.13
CA GLY B 360 -14.02 1.04 24.22
C GLY B 360 -13.78 -0.33 24.80
N SER B 361 -12.64 -0.95 24.45
CA SER B 361 -12.35 -2.30 24.91
C SER B 361 -12.01 -2.36 26.39
N THR B 362 -11.64 -1.23 26.98
CA THR B 362 -11.27 -1.17 28.39
C THR B 362 -12.45 -0.88 29.31
N PHE B 363 -13.66 -0.76 28.77
CA PHE B 363 -14.80 -0.34 29.57
C PHE B 363 -15.13 -1.33 30.67
N ASN B 364 -15.00 -2.63 30.40
CA ASN B 364 -15.48 -3.67 31.32
C ASN B 364 -14.40 -4.15 32.28
N ILE B 365 -13.21 -3.55 32.26
CA ILE B 365 -12.16 -3.96 33.18
C ILE B 365 -12.60 -3.68 34.61
N SER B 366 -12.35 -4.62 35.51
CA SER B 366 -12.74 -4.51 36.91
C SER B 366 -11.49 -4.37 37.77
N LEU B 367 -11.46 -3.32 38.59
CA LEU B 367 -10.32 -3.04 39.46
C LEU B 367 -10.78 -2.92 40.90
N ASN B 368 -9.90 -3.30 41.81
CA ASN B 368 -10.18 -3.20 43.24
C ASN B 368 -10.08 -1.74 43.70
N LYS B 369 -10.65 -1.48 44.88
CA LYS B 369 -10.54 -0.15 45.46
C LYS B 369 -9.09 0.22 45.72
N GLU B 370 -8.30 -0.74 46.23
CA GLU B 370 -6.89 -0.48 46.48
C GLU B 370 -6.11 -0.31 45.19
N GLU B 371 -6.52 -1.03 44.13
CA GLU B 371 -5.81 -0.94 42.87
C GLU B 371 -5.99 0.42 42.20
N MET B 372 -7.13 1.06 42.40
CA MET B 372 -7.47 2.30 41.73
C MET B 372 -6.98 3.55 42.49
N GLU B 373 -6.29 3.36 43.61
CA GLU B 373 -5.82 4.50 44.41
C GLU B 373 -4.51 5.02 43.86
N PHE B 374 -4.43 6.35 43.68
CA PHE B 374 -3.20 6.97 43.23
C PHE B 374 -2.13 6.84 44.31
N GLN B 375 -0.90 6.56 43.87
CA GLN B 375 0.21 6.40 44.80
C GLN B 375 1.12 7.62 44.78
N PRO B 376 1.75 7.96 45.91
CA PRO B 376 2.67 9.09 46.03
C PRO B 376 4.04 8.77 45.44
N THR C 1 8.96 2.54 -23.93
CA THR C 1 7.60 2.22 -23.56
C THR C 1 6.85 1.54 -24.71
N ILE C 2 6.41 0.30 -24.47
CA ILE C 2 5.63 -0.47 -25.43
C ILE C 2 4.19 -0.46 -24.96
N THR C 3 3.29 0.00 -25.82
CA THR C 3 1.87 0.11 -25.49
C THR C 3 1.08 -0.94 -26.26
N TYR C 4 0.26 -1.70 -25.54
CA TYR C 4 -0.65 -2.67 -26.14
C TYR C 4 -2.03 -2.58 -25.51
N THR C 5 -2.37 -1.40 -24.97
CA THR C 5 -3.67 -1.21 -24.35
C THR C 5 -4.80 -1.42 -25.37
N SER C 6 -4.64 -0.86 -26.57
CA SER C 6 -5.65 -1.06 -27.60
C SER C 6 -5.80 -2.54 -27.96
N GLN C 7 -4.70 -3.29 -27.90
CA GLN C 7 -4.75 -4.72 -28.18
C GLN C 7 -5.42 -5.52 -27.08
N VAL C 8 -5.28 -5.10 -25.82
CA VAL C 8 -5.83 -5.87 -24.71
C VAL C 8 -7.03 -5.15 -24.12
N ALA C 9 -7.68 -4.29 -24.91
CA ALA C 9 -8.86 -3.58 -24.43
C ALA C 9 -9.96 -4.55 -24.01
N ASN C 10 -10.22 -5.57 -24.81
CA ASN C 10 -11.24 -6.56 -24.52
C ASN C 10 -10.60 -7.93 -24.30
N ALA C 11 -11.20 -8.71 -23.41
CA ALA C 11 -10.74 -10.07 -23.13
C ALA C 11 -11.35 -10.99 -24.19
N ARG C 12 -10.67 -11.05 -25.34
CA ARG C 12 -11.10 -11.85 -26.48
C ARG C 12 -10.39 -13.20 -26.48
N LEU C 13 -10.71 -14.00 -27.48
CA LEU C 13 -10.09 -15.32 -27.62
C LEU C 13 -8.62 -15.17 -28.02
N GLY C 14 -7.74 -15.72 -27.20
CA GLY C 14 -6.31 -15.57 -27.42
C GLY C 14 -5.83 -14.14 -27.27
N SER C 15 -6.42 -13.40 -26.34
CA SER C 15 -6.04 -12.00 -26.16
C SER C 15 -4.56 -11.88 -25.83
N PHE C 16 -4.09 -12.62 -24.82
CA PHE C 16 -2.68 -12.62 -24.49
C PHE C 16 -1.88 -13.54 -25.40
N SER C 17 -2.54 -14.45 -26.12
CA SER C 17 -1.84 -15.28 -27.09
C SER C 17 -1.29 -14.45 -28.24
N ARG C 18 -2.05 -13.46 -28.70
CA ARG C 18 -1.57 -12.68 -29.86
C ARG C 18 -0.41 -11.80 -29.41
N LEU C 19 -0.26 -11.54 -28.11
CA LEU C 19 0.87 -10.77 -27.63
C LEU C 19 2.19 -11.52 -27.71
N LEU C 20 2.15 -12.83 -27.98
CA LEU C 20 3.38 -13.61 -28.13
C LEU C 20 4.05 -13.41 -29.47
N LEU C 21 3.38 -12.74 -30.42
CA LEU C 21 3.95 -12.45 -31.72
C LEU C 21 4.59 -11.07 -31.78
N CYS C 22 4.99 -10.52 -30.64
CA CYS C 22 5.64 -9.23 -30.56
C CYS C 22 7.13 -9.41 -30.33
N TRP C 23 7.94 -8.55 -30.95
CA TRP C 23 9.38 -8.61 -30.80
C TRP C 23 9.92 -7.51 -29.89
N ARG C 24 9.52 -6.26 -30.12
CA ARG C 24 10.02 -5.16 -29.33
C ARG C 24 9.65 -5.33 -27.87
N GLY C 25 10.62 -5.14 -26.97
CA GLY C 25 10.35 -5.28 -25.55
C GLY C 25 9.82 -6.64 -25.16
N SER C 26 10.20 -7.69 -25.89
CA SER C 26 9.66 -9.02 -25.68
C SER C 26 10.64 -9.90 -24.92
N ILE C 27 10.11 -11.00 -24.38
CA ILE C 27 10.93 -11.94 -23.62
C ILE C 27 12.00 -12.55 -24.53
N TYR C 28 11.66 -12.82 -25.79
CA TYR C 28 12.66 -13.32 -26.73
C TYR C 28 13.80 -12.33 -26.87
N LYS C 29 13.49 -11.08 -27.17
CA LYS C 29 14.53 -10.07 -27.30
C LYS C 29 15.35 -9.94 -26.03
N LEU C 30 14.72 -10.15 -24.87
CA LEU C 30 15.44 -9.95 -23.61
C LEU C 30 16.39 -11.10 -23.30
N LEU C 31 15.99 -12.34 -23.58
CA LEU C 31 16.73 -13.50 -23.09
C LEU C 31 17.23 -14.43 -24.20
N TYR C 32 17.24 -13.99 -25.46
CA TYR C 32 17.72 -14.87 -26.52
C TYR C 32 19.20 -15.24 -26.33
N GLY C 33 20.03 -14.27 -25.94
CA GLY C 33 21.44 -14.56 -25.76
C GLY C 33 21.69 -15.54 -24.62
N GLU C 34 21.02 -15.32 -23.49
CA GLU C 34 21.15 -16.23 -22.37
C GLU C 34 20.67 -17.63 -22.72
N PHE C 35 19.55 -17.72 -23.45
CA PHE C 35 19.05 -19.02 -23.86
C PHE C 35 20.04 -19.71 -24.78
N LEU C 36 20.64 -18.96 -25.71
CA LEU C 36 21.64 -19.55 -26.60
C LEU C 36 22.83 -20.08 -25.82
N ILE C 37 23.32 -19.30 -24.85
CA ILE C 37 24.45 -19.75 -24.05
C ILE C 37 24.10 -21.01 -23.27
N PHE C 38 22.92 -21.03 -22.66
CA PHE C 38 22.50 -22.19 -21.88
C PHE C 38 22.37 -23.43 -22.78
N LEU C 39 21.78 -23.26 -23.96
CA LEU C 39 21.66 -24.38 -24.88
C LEU C 39 23.03 -24.91 -25.30
N LEU C 40 23.95 -24.00 -25.60
CA LEU C 40 25.29 -24.42 -26.01
C LEU C 40 25.97 -25.20 -24.90
N CYS C 41 25.88 -24.70 -23.66
CA CYS C 41 26.49 -25.42 -22.54
C CYS C 41 25.85 -26.78 -22.34
N TYR C 42 24.52 -26.85 -22.39
CA TYR C 42 23.82 -28.12 -22.19
C TYR C 42 24.24 -29.14 -23.23
N TYR C 43 24.31 -28.74 -24.50
CA TYR C 43 24.66 -29.71 -25.53
C TYR C 43 26.16 -30.03 -25.53
N ILE C 44 27.02 -29.10 -25.11
CA ILE C 44 28.42 -29.45 -24.93
C ILE C 44 28.55 -30.53 -23.87
N ILE C 45 27.85 -30.36 -22.74
CA ILE C 45 27.92 -31.36 -21.68
C ILE C 45 27.37 -32.70 -22.17
N ARG C 46 26.25 -32.66 -22.89
CA ARG C 46 25.65 -33.90 -23.40
C ARG C 46 26.60 -34.62 -24.34
N PHE C 47 27.20 -33.88 -25.28
CA PHE C 47 28.12 -34.50 -26.23
C PHE C 47 29.34 -35.07 -25.52
N ILE C 48 29.86 -34.35 -24.53
CA ILE C 48 30.99 -34.87 -23.76
C ILE C 48 30.59 -36.19 -23.10
N TYR C 49 29.46 -36.19 -22.39
CA TYR C 49 29.05 -37.39 -21.67
C TYR C 49 28.76 -38.56 -22.61
N ARG C 50 28.35 -38.27 -23.84
CA ARG C 50 27.93 -39.34 -24.74
C ARG C 50 29.04 -39.84 -25.65
N LEU C 51 30.08 -39.04 -25.91
CA LEU C 51 31.12 -39.43 -26.86
C LEU C 51 32.53 -39.41 -26.31
N ALA C 52 32.78 -38.82 -25.13
CA ALA C 52 34.13 -38.70 -24.60
C ALA C 52 34.37 -39.51 -23.34
N LEU C 53 33.35 -39.65 -22.49
CA LEU C 53 33.52 -40.39 -21.24
C LEU C 53 33.68 -41.89 -21.52
N THR C 54 34.39 -42.56 -20.62
CA THR C 54 34.51 -44.02 -20.68
C THR C 54 33.31 -44.62 -19.94
N GLU C 55 33.32 -45.94 -19.76
CA GLU C 55 32.16 -46.61 -19.16
C GLU C 55 31.98 -46.18 -17.71
N GLU C 56 33.06 -46.24 -16.92
CA GLU C 56 32.96 -45.88 -15.51
C GLU C 56 32.64 -44.40 -15.34
N GLN C 57 33.25 -43.54 -16.16
CA GLN C 57 32.95 -42.11 -16.09
C GLN C 57 31.50 -41.84 -16.44
N GLN C 58 30.98 -42.53 -17.46
CA GLN C 58 29.57 -42.37 -17.81
C GLN C 58 28.66 -42.82 -16.67
N LEU C 59 29.02 -43.92 -16.00
CA LEU C 59 28.24 -44.36 -14.86
C LEU C 59 28.26 -43.34 -13.73
N MET C 60 29.44 -42.77 -13.45
CA MET C 60 29.54 -41.75 -12.41
C MET C 60 28.72 -40.52 -12.75
N PHE C 61 28.79 -40.08 -14.01
CA PHE C 61 27.98 -38.94 -14.44
C PHE C 61 26.50 -39.27 -14.32
N GLU C 62 26.11 -40.49 -14.66
CA GLU C 62 24.71 -40.88 -14.54
C GLU C 62 24.26 -40.77 -13.09
N LYS C 63 25.08 -41.24 -12.15
CA LYS C 63 24.71 -41.12 -10.74
C LYS C 63 24.62 -39.65 -10.33
N LEU C 64 25.60 -38.85 -10.75
CA LEU C 64 25.57 -37.42 -10.44
C LEU C 64 24.35 -36.75 -11.06
N THR C 65 23.84 -37.29 -12.17
CA THR C 65 22.65 -36.71 -12.78
C THR C 65 21.44 -36.80 -11.86
N LEU C 66 21.17 -38.00 -11.32
CA LEU C 66 20.06 -38.14 -10.39
C LEU C 66 20.31 -37.39 -9.08
N TYR C 67 21.58 -37.33 -8.65
CA TYR C 67 21.89 -36.54 -7.48
C TYR C 67 21.51 -35.07 -7.68
N CYS C 68 21.94 -34.48 -8.80
CA CYS C 68 21.59 -33.10 -9.12
C CYS C 68 20.08 -32.93 -9.26
N ASP C 69 19.41 -33.88 -9.91
CA ASP C 69 17.97 -33.78 -10.06
C ASP C 69 17.27 -33.78 -8.71
N SER C 70 17.73 -34.63 -7.79
CA SER C 70 17.17 -34.64 -6.45
C SER C 70 17.44 -33.35 -5.70
N TYR C 71 18.51 -32.65 -6.05
CA TYR C 71 18.86 -31.39 -5.38
C TYR C 71 18.30 -30.15 -6.08
N ILE C 72 17.12 -30.25 -6.69
CA ILE C 72 16.48 -29.12 -7.37
C ILE C 72 15.10 -28.89 -6.76
N GLN C 73 14.78 -27.64 -6.47
CA GLN C 73 13.48 -27.26 -5.90
C GLN C 73 12.97 -26.03 -6.65
N LEU C 74 11.65 -25.87 -6.71
CA LEU C 74 11.07 -24.73 -7.42
C LEU C 74 10.48 -23.69 -6.46
N ILE C 75 10.08 -24.13 -5.27
CA ILE C 75 9.36 -23.27 -4.34
C ILE C 75 10.19 -22.05 -3.96
N PRO C 76 11.44 -22.23 -3.51
CA PRO C 76 12.24 -21.05 -3.11
C PRO C 76 12.48 -20.08 -4.24
N ILE C 77 12.79 -20.59 -5.44
CA ILE C 77 13.06 -19.71 -6.58
C ILE C 77 11.80 -18.92 -6.93
N SER C 78 10.66 -19.60 -6.97
CA SER C 78 9.41 -18.90 -7.27
C SER C 78 9.10 -17.84 -6.22
N PHE C 79 9.29 -18.18 -4.95
CA PHE C 79 9.01 -17.23 -3.87
C PHE C 79 9.88 -15.99 -3.97
N VAL C 80 11.20 -16.19 -4.07
CA VAL C 80 12.11 -15.04 -4.12
C VAL C 80 11.88 -14.22 -5.39
N LEU C 81 11.69 -14.88 -6.53
CA LEU C 81 11.44 -14.14 -7.76
C LEU C 81 10.16 -13.32 -7.65
N GLY C 82 9.09 -13.91 -7.12
CA GLY C 82 7.84 -13.17 -7.00
C GLY C 82 7.97 -11.94 -6.13
N PHE C 83 8.57 -12.09 -4.95
CA PHE C 83 8.68 -10.93 -4.07
C PHE C 83 9.62 -9.87 -4.63
N TYR C 84 10.76 -10.28 -5.19
CA TYR C 84 11.70 -9.32 -5.75
C TYR C 84 11.08 -8.58 -6.92
N VAL C 85 10.38 -9.30 -7.81
CA VAL C 85 9.78 -8.66 -8.96
C VAL C 85 8.64 -7.73 -8.54
N THR C 86 7.89 -8.11 -7.51
CA THR C 86 6.86 -7.21 -7.00
C THR C 86 7.47 -5.93 -6.47
N LEU C 87 8.57 -6.03 -5.72
CA LEU C 87 9.25 -4.83 -5.24
C LEU C 87 9.73 -3.97 -6.39
N VAL C 88 10.32 -4.60 -7.42
CA VAL C 88 10.86 -3.84 -8.55
C VAL C 88 9.72 -3.15 -9.31
N VAL C 89 8.59 -3.83 -9.45
CA VAL C 89 7.46 -3.23 -10.17
C VAL C 89 6.88 -2.07 -9.38
N THR C 90 6.78 -2.21 -8.06
CA THR C 90 6.31 -1.11 -7.24
C THR C 90 7.23 0.10 -7.37
N ARG C 91 8.55 -0.14 -7.32
CA ARG C 91 9.49 0.96 -7.48
C ARG C 91 9.40 1.57 -8.87
N TRP C 92 9.20 0.75 -9.90
CA TRP C 92 9.07 1.27 -11.26
C TRP C 92 7.86 2.18 -11.40
N TRP C 93 6.71 1.77 -10.85
CA TRP C 93 5.53 2.61 -10.94
C TRP C 93 5.70 3.87 -10.10
N ASN C 94 6.34 3.77 -8.93
CA ASN C 94 6.60 4.97 -8.14
C ASN C 94 7.50 5.94 -8.90
N GLN C 95 8.53 5.42 -9.56
CA GLN C 95 9.43 6.27 -10.33
C GLN C 95 8.68 6.97 -11.44
N TYR C 96 7.75 6.28 -12.11
CA TYR C 96 6.94 6.97 -13.10
C TYR C 96 6.07 8.04 -12.43
N GLU C 97 5.46 7.71 -11.30
CA GLU C 97 4.57 8.66 -10.62
C GLU C 97 5.32 9.89 -10.13
N ASN C 98 6.64 9.80 -10.00
CA ASN C 98 7.44 10.95 -9.57
C ASN C 98 8.00 11.74 -10.75
N LEU C 99 7.57 11.46 -11.97
CA LEU C 99 7.96 12.27 -13.10
C LEU C 99 7.19 13.58 -13.07
N PRO C 100 7.87 14.73 -13.08
CA PRO C 100 7.15 16.01 -12.90
C PRO C 100 6.46 16.45 -14.20
N TRP C 101 5.20 16.84 -14.07
CA TRP C 101 4.45 17.42 -15.16
C TRP C 101 4.13 18.87 -14.82
N PRO C 102 4.37 19.80 -15.74
CA PRO C 102 4.17 21.23 -15.42
C PRO C 102 2.73 21.71 -15.64
N ASP C 103 1.76 20.80 -15.72
CA ASP C 103 0.43 21.20 -16.14
C ASP C 103 -0.26 22.09 -15.10
N ARG C 104 -0.30 21.64 -13.85
CA ARG C 104 -0.95 22.43 -12.81
C ARG C 104 -0.25 23.77 -12.61
N LEU C 105 1.09 23.73 -12.53
CA LEU C 105 1.85 24.96 -12.35
C LEU C 105 1.66 25.92 -13.52
N MET C 106 1.60 25.38 -14.73
CA MET C 106 1.46 26.24 -15.90
C MET C 106 0.07 26.86 -15.96
N SER C 107 -0.97 26.10 -15.59
CA SER C 107 -2.30 26.70 -15.51
C SER C 107 -2.33 27.80 -14.47
N LEU C 108 -1.73 27.56 -13.30
CA LEU C 108 -1.71 28.59 -12.27
C LEU C 108 -0.94 29.83 -12.73
N VAL C 109 0.20 29.63 -13.39
CA VAL C 109 1.00 30.76 -13.85
C VAL C 109 0.23 31.56 -14.88
N SER C 110 -0.38 30.88 -15.85
CA SER C 110 -1.15 31.57 -16.88
C SER C 110 -2.30 32.35 -16.26
N GLY C 111 -2.98 31.78 -15.27
CA GLY C 111 -4.08 32.48 -14.64
C GLY C 111 -3.63 33.68 -13.81
N PHE C 112 -2.60 33.49 -12.99
CA PHE C 112 -2.25 34.47 -11.96
C PHE C 112 -1.31 35.56 -12.44
N VAL C 113 -0.27 35.21 -13.19
CA VAL C 113 0.73 36.20 -13.58
C VAL C 113 0.12 37.09 -14.65
N GLU C 114 -0.23 38.31 -14.28
CA GLU C 114 -1.00 39.20 -15.12
C GLU C 114 -0.08 40.04 -16.01
N GLY C 115 -0.67 40.54 -17.10
CA GLY C 115 0.06 41.38 -18.03
C GLY C 115 0.18 40.77 -19.40
N LYS C 116 -0.42 41.42 -20.40
CA LYS C 116 -0.30 40.99 -21.78
C LYS C 116 0.85 41.65 -22.51
N ASP C 117 1.65 42.46 -21.81
CA ASP C 117 2.75 43.17 -22.44
C ASP C 117 3.97 42.25 -22.43
N GLU C 118 5.09 42.79 -22.90
CA GLU C 118 6.33 42.02 -22.98
C GLU C 118 6.86 41.64 -21.60
N GLN C 119 6.71 42.54 -20.62
CA GLN C 119 7.21 42.25 -19.28
C GLN C 119 6.42 41.07 -18.71
N GLY C 120 5.10 41.07 -18.90
CA GLY C 120 4.31 39.94 -18.43
C GLY C 120 4.62 38.65 -19.17
N ARG C 121 4.75 38.74 -20.50
CA ARG C 121 5.15 37.58 -21.28
C ARG C 121 6.47 37.02 -20.76
N LEU C 122 7.45 37.90 -20.57
CA LEU C 122 8.76 37.47 -20.11
C LEU C 122 8.69 36.83 -18.73
N LEU C 123 7.90 37.42 -17.83
CA LEU C 123 7.78 36.88 -16.48
C LEU C 123 7.19 35.47 -16.51
N ARG C 124 6.07 35.30 -17.21
CA ARG C 124 5.43 33.99 -17.25
C ARG C 124 6.34 32.96 -17.90
N ARG C 125 6.96 33.33 -19.03
CA ARG C 125 7.84 32.40 -19.73
C ARG C 125 9.04 32.03 -18.86
N THR C 126 9.60 33.01 -18.14
CA THR C 126 10.75 32.73 -17.27
C THR C 126 10.38 31.78 -16.15
N LEU C 127 9.20 31.98 -15.54
CA LEU C 127 8.79 31.07 -14.46
C LEU C 127 8.61 29.64 -15.00
N ILE C 128 7.89 29.51 -16.11
CA ILE C 128 7.67 28.17 -16.64
C ILE C 128 8.98 27.54 -17.09
N ARG C 129 9.90 28.34 -17.63
CA ARG C 129 11.21 27.85 -18.02
C ARG C 129 12.05 27.43 -16.82
N TYR C 130 11.92 28.13 -15.69
CA TYR C 130 12.60 27.67 -14.47
C TYR C 130 12.10 26.30 -14.06
N ALA C 131 10.78 26.11 -14.08
CA ALA C 131 10.23 24.80 -13.74
C ALA C 131 10.75 23.73 -14.70
N ASN C 132 10.71 24.01 -16.00
CA ASN C 132 11.17 23.05 -16.99
C ASN C 132 12.66 22.77 -16.84
N LEU C 133 13.45 23.80 -16.51
CA LEU C 133 14.89 23.63 -16.33
C LEU C 133 15.19 22.73 -15.14
N GLY C 134 14.48 22.91 -14.04
CA GLY C 134 14.66 22.00 -12.91
C GLY C 134 14.31 20.57 -13.28
N ASN C 135 13.17 20.39 -13.96
CA ASN C 135 12.78 19.05 -14.39
C ASN C 135 13.84 18.42 -15.29
N VAL C 136 14.35 19.19 -16.25
CA VAL C 136 15.34 18.67 -17.19
C VAL C 136 16.66 18.38 -16.50
N LEU C 137 17.05 19.20 -15.51
CA LEU C 137 18.28 18.92 -14.78
C LEU C 137 18.18 17.59 -14.07
N ILE C 138 17.07 17.35 -13.36
CA ILE C 138 16.93 16.07 -12.67
C ILE C 138 16.86 14.92 -13.68
N LEU C 139 16.17 15.14 -14.80
CA LEU C 139 16.02 14.08 -15.80
C LEU C 139 17.36 13.71 -16.42
N ARG C 140 18.20 14.71 -16.73
CA ARG C 140 19.51 14.40 -17.27
C ARG C 140 20.44 13.82 -16.21
N SER C 141 20.18 14.09 -14.93
CA SER C 141 20.94 13.42 -13.88
C SER C 141 20.58 11.94 -13.77
N VAL C 142 19.31 11.59 -13.97
CA VAL C 142 18.85 10.24 -13.67
C VAL C 142 18.60 9.36 -14.91
N SER C 143 18.58 9.93 -16.11
CA SER C 143 18.20 9.18 -17.31
C SER C 143 19.33 9.21 -18.32
N THR C 144 19.70 8.03 -18.82
CA THR C 144 20.80 7.94 -19.76
C THR C 144 20.45 8.58 -21.10
N ALA C 145 19.22 8.40 -21.57
CA ALA C 145 18.82 9.01 -22.83
C ALA C 145 18.85 10.54 -22.74
N VAL C 146 18.33 11.09 -21.64
CA VAL C 146 18.34 12.54 -21.48
C VAL C 146 19.77 13.05 -21.33
N TYR C 147 20.62 12.30 -20.62
CA TYR C 147 22.01 12.71 -20.52
C TYR C 147 22.70 12.70 -21.87
N LYS C 148 22.46 11.67 -22.68
CA LYS C 148 23.04 11.63 -24.02
C LYS C 148 22.53 12.77 -24.88
N ARG C 149 21.28 13.20 -24.66
CA ARG C 149 20.77 14.35 -25.40
C ARG C 149 21.43 15.65 -24.94
N PHE C 150 21.62 15.80 -23.63
CA PHE C 150 22.18 17.01 -23.04
C PHE C 150 23.37 16.62 -22.17
N PRO C 151 24.50 16.24 -22.78
CA PRO C 151 25.66 15.80 -21.99
C PRO C 151 26.32 16.90 -21.20
N SER C 152 25.93 18.17 -21.37
CA SER C 152 26.57 19.25 -20.65
C SER C 152 25.60 20.42 -20.50
N ALA C 153 25.88 21.26 -19.49
CA ALA C 153 25.10 22.49 -19.33
C ALA C 153 25.26 23.40 -20.53
N GLN C 154 26.39 23.32 -21.23
CA GLN C 154 26.52 24.03 -22.50
C GLN C 154 25.53 23.50 -23.52
N HIS C 155 25.31 22.17 -23.51
CA HIS C 155 24.27 21.61 -24.37
C HIS C 155 22.89 22.11 -23.98
N LEU C 156 22.65 22.24 -22.66
CA LEU C 156 21.36 22.76 -22.21
C LEU C 156 21.17 24.20 -22.69
N VAL C 157 22.22 25.01 -22.64
CA VAL C 157 22.13 26.39 -23.12
C VAL C 157 21.90 26.42 -24.62
N GLN C 158 22.59 25.55 -25.36
CA GLN C 158 22.44 25.51 -26.81
C GLN C 158 21.05 25.04 -27.22
N ALA C 159 20.41 24.20 -26.42
CA ALA C 159 19.08 23.69 -26.73
C ALA C 159 17.98 24.64 -26.27
N GLY C 160 18.31 25.74 -25.62
CA GLY C 160 17.33 26.72 -25.21
C GLY C 160 16.71 26.52 -23.85
N PHE C 161 17.04 25.44 -23.15
CA PHE C 161 16.50 25.22 -21.81
C PHE C 161 17.07 26.21 -20.80
N MET C 162 18.28 26.69 -21.03
CA MET C 162 18.93 27.64 -20.14
C MET C 162 19.51 28.78 -20.96
N THR C 163 19.47 29.98 -20.40
CA THR C 163 20.11 31.12 -21.03
C THR C 163 21.56 31.22 -20.59
N PRO C 164 22.40 31.94 -21.34
CA PRO C 164 23.78 32.13 -20.91
C PRO C 164 23.89 32.76 -19.53
N ALA C 165 23.01 33.70 -19.19
CA ALA C 165 23.02 34.30 -17.87
C ALA C 165 22.69 33.28 -16.79
N GLU C 166 21.70 32.42 -17.04
CA GLU C 166 21.36 31.39 -16.08
C GLU C 166 22.52 30.40 -15.91
N HIS C 167 23.19 30.06 -17.01
CA HIS C 167 24.34 29.17 -16.93
C HIS C 167 25.46 29.78 -16.11
N LYS C 168 25.74 31.07 -16.32
CA LYS C 168 26.75 31.75 -15.53
C LYS C 168 26.37 31.79 -14.05
N GLN C 169 25.10 32.05 -13.75
CA GLN C 169 24.64 32.05 -12.37
C GLN C 169 24.81 30.66 -11.74
N LEU C 170 24.49 29.61 -12.47
CA LEU C 170 24.67 28.25 -11.96
C LEU C 170 26.14 27.98 -11.69
N GLU C 171 27.02 28.39 -12.59
CA GLU C 171 28.45 28.20 -12.36
C GLU C 171 28.90 28.96 -11.12
N LYS C 172 28.42 30.19 -10.95
CA LYS C 172 28.78 30.97 -9.76
C LYS C 172 28.31 30.28 -8.49
N LEU C 173 27.10 29.72 -8.50
CA LEU C 173 26.56 29.04 -7.34
C LEU C 173 27.09 27.62 -7.17
N SER C 174 27.88 27.13 -8.12
CA SER C 174 28.35 25.74 -8.11
C SER C 174 28.80 25.29 -6.73
N LEU C 175 28.19 24.22 -6.26
CA LEU C 175 28.59 23.48 -5.08
C LEU C 175 28.97 22.05 -5.45
N PRO C 176 29.63 21.31 -4.57
CA PRO C 176 30.00 19.92 -4.84
C PRO C 176 28.83 18.95 -4.70
N HIS C 177 27.67 19.33 -5.24
CA HIS C 177 26.47 18.51 -5.21
C HIS C 177 25.71 18.73 -6.51
N ASN C 178 24.73 17.87 -6.75
CA ASN C 178 23.83 18.06 -7.87
C ASN C 178 23.03 19.34 -7.67
N MET C 179 23.14 20.27 -8.62
CA MET C 179 22.55 21.59 -8.49
C MET C 179 21.15 21.67 -9.12
N PHE C 180 20.42 20.56 -9.14
CA PHE C 180 19.09 20.56 -9.72
C PHE C 180 18.08 21.34 -8.89
N TRP C 181 18.42 21.70 -7.65
CA TRP C 181 17.50 22.43 -6.78
C TRP C 181 17.50 23.93 -7.02
N VAL C 182 18.48 24.45 -7.76
CA VAL C 182 18.61 25.90 -7.92
C VAL C 182 17.38 26.51 -8.60
N PRO C 183 16.80 25.92 -9.64
CA PRO C 183 15.66 26.56 -10.30
C PRO C 183 14.46 26.76 -9.40
N TRP C 184 14.29 25.96 -8.35
CA TRP C 184 13.16 26.16 -7.45
C TRP C 184 13.36 27.40 -6.58
N VAL C 185 14.59 27.62 -6.10
CA VAL C 185 14.88 28.86 -5.39
C VAL C 185 14.70 30.05 -6.33
N TRP C 186 15.16 29.90 -7.58
CA TRP C 186 14.96 30.97 -8.56
C TRP C 186 13.48 31.26 -8.76
N PHE C 187 12.66 30.21 -8.88
CA PHE C 187 11.23 30.39 -9.07
C PHE C 187 10.60 31.09 -7.88
N ALA C 188 10.96 30.69 -6.67
CA ALA C 188 10.40 31.33 -5.49
C ALA C 188 10.76 32.81 -5.44
N ASN C 189 12.01 33.14 -5.73
CA ASN C 189 12.43 34.53 -5.69
C ASN C 189 11.76 35.35 -6.78
N LEU C 190 11.62 34.78 -7.97
CA LEU C 190 10.97 35.49 -9.06
C LEU C 190 9.48 35.68 -8.78
N SER C 191 8.84 34.70 -8.16
CA SER C 191 7.44 34.86 -7.79
C SER C 191 7.28 35.95 -6.72
N MET C 192 8.18 35.99 -5.75
CA MET C 192 8.12 37.05 -4.76
C MET C 192 8.31 38.42 -5.41
N LYS C 193 9.25 38.51 -6.34
CA LYS C 193 9.46 39.77 -7.06
C LYS C 193 8.22 40.16 -7.85
N ALA C 194 7.59 39.19 -8.50
CA ALA C 194 6.38 39.48 -9.28
C ALA C 194 5.24 39.97 -8.40
N TRP C 195 5.07 39.32 -7.24
CA TRP C 195 4.03 39.77 -6.31
C TRP C 195 4.32 41.18 -5.80
N LEU C 196 5.57 41.45 -5.44
CA LEU C 196 5.91 42.78 -4.93
C LEU C 196 5.76 43.84 -6.02
N GLY C 197 6.01 43.49 -7.28
CA GLY C 197 5.85 44.41 -8.38
C GLY C 197 4.45 44.55 -8.92
N GLY C 198 3.48 43.87 -8.33
CA GLY C 198 2.10 43.97 -8.76
C GLY C 198 1.68 43.01 -9.85
N ARG C 199 2.60 42.18 -10.35
CA ARG C 199 2.23 41.24 -11.40
C ARG C 199 1.38 40.09 -10.87
N ILE C 200 1.55 39.75 -9.59
CA ILE C 200 0.69 38.80 -8.90
C ILE C 200 -0.15 39.59 -7.91
N ARG C 201 -1.47 39.48 -8.05
CA ARG C 201 -2.38 40.37 -7.32
C ARG C 201 -2.59 39.97 -5.87
N ASP C 202 -2.20 38.77 -5.47
CA ASP C 202 -2.50 38.38 -4.10
C ASP C 202 -1.53 37.35 -3.55
N PRO C 203 -1.18 37.46 -2.26
CA PRO C 203 -0.35 36.42 -1.64
C PRO C 203 -0.99 35.05 -1.64
N ILE C 204 -2.32 34.97 -1.72
CA ILE C 204 -2.97 33.67 -1.85
C ILE C 204 -2.58 33.01 -3.18
N LEU C 205 -2.60 33.79 -4.26
CA LEU C 205 -2.17 33.27 -5.56
C LEU C 205 -0.68 32.93 -5.53
N LEU C 206 0.12 33.77 -4.87
CA LEU C 206 1.54 33.45 -4.73
C LEU C 206 1.73 32.13 -4.00
N GLN C 207 0.98 31.90 -2.92
CA GLN C 207 1.09 30.66 -2.17
C GLN C 207 0.68 29.46 -3.02
N SER C 208 -0.37 29.61 -3.83
CA SER C 208 -0.77 28.52 -4.72
C SER C 208 0.35 28.18 -5.70
N LEU C 209 0.94 29.21 -6.32
CA LEU C 209 2.04 28.99 -7.24
C LEU C 209 3.19 28.26 -6.56
N LEU C 210 3.56 28.71 -5.37
CA LEU C 210 4.68 28.09 -4.67
C LEU C 210 4.35 26.68 -4.21
N ASN C 211 3.10 26.40 -3.89
CA ASN C 211 2.72 25.02 -3.55
C ASN C 211 2.88 24.10 -4.75
N GLU C 212 2.45 24.56 -5.94
CA GLU C 212 2.65 23.74 -7.13
C GLU C 212 4.13 23.53 -7.42
N MET C 213 4.92 24.60 -7.30
CA MET C 213 6.36 24.47 -7.52
C MET C 213 7.00 23.50 -6.53
N ASN C 214 6.57 23.55 -5.27
CA ASN C 214 7.11 22.65 -4.26
C ASN C 214 6.70 21.21 -4.50
N THR C 215 5.50 20.99 -5.02
CA THR C 215 5.12 19.63 -5.42
C THR C 215 6.05 19.12 -6.51
N LEU C 216 6.35 19.96 -7.50
CA LEU C 216 7.29 19.55 -8.54
C LEU C 216 8.67 19.26 -7.95
N ARG C 217 9.11 20.08 -7.00
CA ARG C 217 10.40 19.87 -6.36
C ARG C 217 10.43 18.55 -5.60
N THR C 218 9.34 18.22 -4.90
CA THR C 218 9.26 16.95 -4.19
C THR C 218 9.32 15.78 -5.16
N GLN C 219 8.64 15.89 -6.30
CA GLN C 219 8.72 14.82 -7.31
C GLN C 219 10.15 14.66 -7.81
N CYS C 220 10.85 15.77 -8.07
CA CYS C 220 12.22 15.69 -8.53
C CYS C 220 13.13 15.08 -7.47
N GLY C 221 12.90 15.43 -6.21
CA GLY C 221 13.67 14.84 -5.13
C GLY C 221 13.44 13.34 -5.01
N HIS C 222 12.20 12.90 -5.24
CA HIS C 222 11.93 11.47 -5.24
C HIS C 222 12.64 10.78 -6.40
N LEU C 223 12.68 11.43 -7.56
CA LEU C 223 13.44 10.87 -8.68
C LEU C 223 14.92 10.72 -8.32
N TYR C 224 15.48 11.75 -7.69
CA TYR C 224 16.88 11.68 -7.26
C TYR C 224 17.07 10.55 -6.26
N ALA C 225 16.15 10.41 -5.31
CA ALA C 225 16.26 9.36 -4.29
C ALA C 225 16.22 7.98 -4.93
N TYR C 226 15.32 7.77 -5.89
CA TYR C 226 15.25 6.47 -6.55
C TYR C 226 16.51 6.20 -7.35
N ASP C 227 17.07 7.23 -8.00
CA ASP C 227 18.31 7.04 -8.74
C ASP C 227 19.46 6.70 -7.81
N TRP C 228 19.50 7.32 -6.64
CA TRP C 228 20.66 7.18 -5.74
C TRP C 228 20.58 5.90 -4.91
N ILE C 229 19.46 5.69 -4.21
CA ILE C 229 19.31 4.55 -3.30
C ILE C 229 18.81 3.38 -4.15
N SER C 230 19.74 2.58 -4.64
CA SER C 230 19.40 1.39 -5.41
C SER C 230 18.81 0.32 -4.49
N ILE C 231 18.10 -0.63 -5.10
CA ILE C 231 17.64 -1.78 -4.33
C ILE C 231 18.85 -2.49 -3.75
N PRO C 232 18.77 -3.04 -2.54
CA PRO C 232 19.95 -3.64 -1.91
C PRO C 232 20.67 -4.62 -2.84
N LEU C 233 21.97 -4.37 -3.03
CA LEU C 233 22.77 -5.26 -3.86
C LEU C 233 22.76 -6.68 -3.32
N VAL C 234 22.63 -6.83 -2.00
CA VAL C 234 22.54 -8.17 -1.43
C VAL C 234 21.28 -8.87 -1.92
N TYR C 235 20.15 -8.16 -1.95
CA TYR C 235 18.92 -8.74 -2.46
C TYR C 235 19.03 -9.10 -3.93
N THR C 236 19.60 -8.19 -4.74
CA THR C 236 19.77 -8.47 -6.16
C THR C 236 20.65 -9.69 -6.38
N GLN C 237 21.76 -9.77 -5.64
CA GLN C 237 22.67 -10.90 -5.77
C GLN C 237 22.02 -12.19 -5.30
N VAL C 238 21.17 -12.12 -4.27
CA VAL C 238 20.48 -13.30 -3.80
C VAL C 238 19.56 -13.84 -4.89
N VAL C 239 18.78 -12.97 -5.51
CA VAL C 239 17.88 -13.42 -6.57
C VAL C 239 18.67 -13.99 -7.75
N THR C 240 19.73 -13.29 -8.17
CA THR C 240 20.53 -13.75 -9.29
C THR C 240 21.17 -15.10 -8.99
N VAL C 241 21.70 -15.26 -7.77
CA VAL C 241 22.32 -16.52 -7.39
C VAL C 241 21.29 -17.64 -7.38
N ALA C 242 20.10 -17.38 -6.85
CA ALA C 242 19.06 -18.40 -6.86
C ALA C 242 18.79 -18.89 -8.28
N VAL C 243 18.51 -17.96 -9.20
CA VAL C 243 18.16 -18.37 -10.56
C VAL C 243 19.33 -19.08 -11.23
N TYR C 244 20.53 -18.49 -11.15
CA TYR C 244 21.67 -19.04 -11.87
C TYR C 244 22.09 -20.40 -11.30
N SER C 245 22.05 -20.55 -9.99
CA SER C 245 22.36 -21.86 -9.39
C SER C 245 21.31 -22.88 -9.78
N PHE C 246 20.04 -22.50 -9.81
CA PHE C 246 19.01 -23.43 -10.25
C PHE C 246 19.34 -23.95 -11.64
N PHE C 247 19.66 -23.06 -12.58
CA PHE C 247 19.88 -23.52 -13.95
C PHE C 247 21.24 -24.21 -14.11
N LEU C 248 22.22 -23.83 -13.29
CA LEU C 248 23.49 -24.56 -13.30
C LEU C 248 23.32 -25.99 -12.87
N THR C 249 22.53 -26.23 -11.81
CA THR C 249 22.20 -27.59 -11.44
C THR C 249 21.41 -28.29 -12.54
N CYS C 250 20.46 -27.58 -13.15
CA CYS C 250 19.67 -28.15 -14.23
C CYS C 250 20.55 -28.63 -15.38
N LEU C 251 21.65 -27.93 -15.65
CA LEU C 251 22.51 -28.29 -16.78
C LEU C 251 22.92 -29.76 -16.71
N VAL C 252 23.13 -30.29 -15.50
CA VAL C 252 23.55 -31.67 -15.36
C VAL C 252 22.38 -32.55 -14.93
N GLY C 253 21.43 -31.99 -14.18
CA GLY C 253 20.34 -32.80 -13.67
C GLY C 253 19.31 -33.16 -14.72
N ARG C 254 19.24 -32.37 -15.79
CA ARG C 254 18.27 -32.58 -16.85
C ARG C 254 18.86 -33.24 -18.08
N GLN C 255 20.07 -33.78 -17.99
CA GLN C 255 20.64 -34.52 -19.09
C GLN C 255 19.89 -35.84 -19.27
N PHE C 256 19.70 -36.22 -20.53
CA PHE C 256 19.04 -37.47 -20.88
C PHE C 256 20.04 -38.61 -20.80
N LEU C 257 19.93 -39.43 -19.76
CA LEU C 257 20.84 -40.54 -19.58
C LEU C 257 20.59 -41.62 -20.63
N ASN C 258 21.50 -42.58 -20.70
CA ASN C 258 21.37 -43.66 -21.67
C ASN C 258 20.12 -44.46 -21.37
N PRO C 259 19.18 -44.57 -22.31
CA PRO C 259 17.97 -45.36 -22.04
C PRO C 259 18.25 -46.81 -21.74
N ALA C 260 19.34 -47.37 -22.26
CA ALA C 260 19.64 -48.77 -22.02
C ALA C 260 19.80 -49.06 -20.53
N LYS C 261 20.06 -48.04 -19.72
CA LYS C 261 20.30 -48.24 -18.26
C LYS C 261 18.97 -48.32 -17.51
N ALA C 262 17.86 -48.02 -18.19
CA ALA C 262 16.53 -48.17 -17.61
C ALA C 262 16.49 -47.55 -16.21
N TYR C 263 16.90 -46.29 -16.14
CA TYR C 263 16.82 -45.55 -14.89
C TYR C 263 15.37 -45.17 -14.60
N PRO C 264 15.06 -44.80 -13.36
CA PRO C 264 13.67 -44.57 -12.97
C PRO C 264 12.87 -43.73 -13.97
N GLY C 265 13.34 -42.52 -14.27
CA GLY C 265 12.63 -41.62 -15.15
C GLY C 265 13.35 -41.22 -16.41
N HIS C 266 14.24 -42.06 -16.95
CA HIS C 266 15.02 -41.72 -18.13
C HIS C 266 14.77 -42.71 -19.27
N GLU C 267 13.57 -43.28 -19.33
CA GLU C 267 13.27 -44.24 -20.39
C GLU C 267 13.33 -43.58 -21.76
N LEU C 268 12.80 -42.38 -21.89
CA LEU C 268 12.86 -41.64 -23.16
C LEU C 268 14.17 -40.87 -23.26
N ASP C 269 14.62 -40.66 -24.50
CA ASP C 269 15.86 -39.97 -24.78
C ASP C 269 15.61 -38.85 -25.79
N LEU C 270 14.59 -38.05 -25.56
CA LEU C 270 14.35 -36.89 -26.40
C LEU C 270 15.56 -35.97 -26.34
N VAL C 271 16.11 -35.65 -27.50
CA VAL C 271 17.35 -34.87 -27.56
C VAL C 271 17.17 -33.46 -27.02
N VAL C 272 15.96 -32.90 -27.07
CA VAL C 272 15.69 -31.53 -26.66
C VAL C 272 14.97 -31.56 -25.32
N PRO C 273 15.56 -31.02 -24.25
CA PRO C 273 14.84 -30.91 -22.97
C PRO C 273 13.79 -29.80 -23.05
N VAL C 274 12.65 -30.14 -23.64
CA VAL C 274 11.63 -29.14 -23.93
C VAL C 274 11.16 -28.47 -22.64
N PHE C 275 10.93 -29.26 -21.59
CA PHE C 275 10.41 -28.70 -20.36
C PHE C 275 11.47 -27.92 -19.59
N THR C 276 12.73 -28.34 -19.69
CA THR C 276 13.81 -27.54 -19.11
C THR C 276 13.92 -26.19 -19.82
N PHE C 277 13.78 -26.18 -21.14
CA PHE C 277 13.81 -24.91 -21.87
C PHE C 277 12.60 -24.05 -21.54
N LEU C 278 11.43 -24.66 -21.35
CA LEU C 278 10.25 -23.89 -20.94
C LEU C 278 10.46 -23.28 -19.56
N GLN C 279 11.02 -24.05 -18.62
CA GLN C 279 11.34 -23.50 -17.30
C GLN C 279 12.35 -22.37 -17.41
N PHE C 280 13.35 -22.52 -18.27
CA PHE C 280 14.33 -21.47 -18.50
C PHE C 280 13.61 -20.21 -18.97
N PHE C 281 12.78 -20.33 -20.00
CA PHE C 281 12.03 -19.17 -20.47
C PHE C 281 11.26 -18.53 -19.33
N PHE C 282 10.47 -19.32 -18.62
CA PHE C 282 9.64 -18.79 -17.53
C PHE C 282 10.48 -18.02 -16.51
N TYR C 283 11.45 -18.68 -15.91
CA TYR C 283 12.17 -18.08 -14.78
C TYR C 283 13.10 -16.97 -15.23
N VAL C 284 13.84 -17.18 -16.32
CA VAL C 284 14.74 -16.13 -16.79
C VAL C 284 13.96 -14.92 -17.28
N GLY C 285 12.76 -15.10 -17.83
CA GLY C 285 11.95 -13.96 -18.18
C GLY C 285 11.38 -13.25 -16.97
N TRP C 286 10.99 -14.02 -15.95
CA TRP C 286 10.57 -13.41 -14.69
C TRP C 286 11.69 -12.56 -14.10
N LEU C 287 12.94 -13.02 -14.24
CA LEU C 287 14.08 -12.23 -13.76
C LEU C 287 14.37 -11.05 -14.70
N LYS C 288 14.19 -11.24 -16.01
CA LYS C 288 14.44 -10.16 -16.96
C LYS C 288 13.44 -9.03 -16.80
N VAL C 289 12.24 -9.34 -16.29
CA VAL C 289 11.30 -8.27 -15.95
C VAL C 289 11.94 -7.31 -14.96
N ALA C 290 12.50 -7.86 -13.88
CA ALA C 290 13.19 -7.02 -12.89
C ALA C 290 14.43 -6.38 -13.47
N GLU C 291 15.15 -7.10 -14.33
CA GLU C 291 16.35 -6.53 -14.94
C GLU C 291 16.02 -5.29 -15.77
N GLN C 292 14.92 -5.34 -16.52
CA GLN C 292 14.51 -4.21 -17.34
C GLN C 292 13.93 -3.09 -16.50
N LEU C 293 13.11 -3.41 -15.50
CA LEU C 293 12.39 -2.41 -14.74
C LEU C 293 13.18 -1.85 -13.55
N ILE C 294 14.36 -2.39 -13.26
CA ILE C 294 15.11 -1.94 -12.10
C ILE C 294 15.59 -0.50 -12.29
N ASN C 295 15.97 -0.15 -13.52
CA ASN C 295 16.28 1.24 -13.88
C ASN C 295 15.37 1.62 -15.04
N PRO C 296 14.21 2.22 -14.76
CA PRO C 296 13.26 2.55 -15.84
C PRO C 296 13.68 3.74 -16.69
N PHE C 297 14.85 4.31 -16.44
CA PHE C 297 15.34 5.45 -17.20
C PHE C 297 16.53 5.11 -18.08
N GLY C 298 16.74 3.84 -18.38
CA GLY C 298 17.78 3.44 -19.31
C GLY C 298 17.32 3.57 -20.74
N GLU C 299 17.68 2.62 -21.59
CA GLU C 299 17.31 2.65 -23.00
C GLU C 299 16.62 1.37 -23.43
N ASP C 300 16.00 0.66 -22.48
CA ASP C 300 15.24 -0.53 -22.82
C ASP C 300 13.97 -0.16 -23.58
N ASP C 301 13.35 -1.17 -24.19
CA ASP C 301 12.11 -0.94 -24.91
C ASP C 301 11.00 -0.46 -23.98
N ASP C 302 10.91 -1.04 -22.79
CA ASP C 302 9.87 -0.70 -21.83
C ASP C 302 10.27 0.44 -20.91
N ASP C 303 11.40 1.10 -21.15
CA ASP C 303 11.79 2.23 -20.34
C ASP C 303 11.04 3.49 -20.75
N PHE C 304 10.95 4.44 -19.82
CA PHE C 304 10.16 5.64 -20.03
C PHE C 304 10.72 6.49 -21.16
N GLU C 305 9.83 7.23 -21.83
CA GLU C 305 10.21 8.13 -22.92
C GLU C 305 10.47 9.52 -22.36
N THR C 306 11.62 9.64 -21.68
CA THR C 306 11.95 10.87 -20.97
C THR C 306 12.19 12.03 -21.94
N ASN C 307 12.80 11.75 -23.09
CA ASN C 307 13.04 12.81 -24.07
C ASN C 307 11.73 13.37 -24.61
N TRP C 308 10.79 12.48 -24.97
CA TRP C 308 9.49 12.95 -25.42
C TRP C 308 8.78 13.71 -24.32
N ILE C 309 8.89 13.23 -23.08
CA ILE C 309 8.25 13.93 -21.96
C ILE C 309 8.81 15.34 -21.84
N VAL C 310 10.13 15.48 -21.95
CA VAL C 310 10.77 16.79 -21.84
C VAL C 310 10.26 17.71 -22.95
N ASP C 311 10.28 17.23 -24.20
CA ASP C 311 9.86 18.07 -25.31
C ASP C 311 8.39 18.50 -25.16
N ARG C 312 7.53 17.54 -24.83
CA ARG C 312 6.12 17.86 -24.67
C ARG C 312 5.89 18.84 -23.54
N ASN C 313 6.57 18.64 -22.41
CA ASN C 313 6.41 19.56 -21.29
C ASN C 313 6.83 20.97 -21.69
N LEU C 314 7.98 21.10 -22.35
CA LEU C 314 8.42 22.43 -22.77
C LEU C 314 7.39 23.08 -23.68
N GLN C 315 6.97 22.38 -24.73
CA GLN C 315 6.04 22.97 -25.68
C GLN C 315 4.72 23.35 -25.02
N VAL C 316 4.14 22.42 -24.26
CA VAL C 316 2.83 22.66 -23.67
C VAL C 316 2.89 23.79 -22.66
N SER C 317 3.92 23.81 -21.81
CA SER C 317 4.01 24.84 -20.80
C SER C 317 4.22 26.21 -21.44
N LEU C 318 5.10 26.31 -22.45
CA LEU C 318 5.30 27.59 -23.09
C LEU C 318 4.03 28.08 -23.76
N LEU C 319 3.34 27.20 -24.48
CA LEU C 319 2.10 27.60 -25.13
C LEU C 319 1.07 28.06 -24.10
N ALA C 320 0.90 27.30 -23.02
CA ALA C 320 -0.10 27.62 -22.02
C ALA C 320 0.18 28.95 -21.34
N VAL C 321 1.45 29.22 -21.04
CA VAL C 321 1.76 30.45 -20.30
C VAL C 321 1.88 31.67 -21.20
N ASP C 322 2.11 31.49 -22.50
CA ASP C 322 2.29 32.63 -23.38
C ASP C 322 1.09 32.90 -24.27
N GLU C 323 0.66 31.91 -25.06
CA GLU C 323 -0.40 32.17 -26.03
C GLU C 323 -1.79 32.03 -25.43
N MET C 324 -1.96 31.13 -24.47
CA MET C 324 -3.26 30.86 -23.88
C MET C 324 -3.59 31.78 -22.71
N HIS C 325 -2.70 32.68 -22.35
CA HIS C 325 -2.95 33.59 -21.23
C HIS C 325 -4.06 34.57 -21.59
N GLN C 326 -5.15 34.53 -20.82
CA GLN C 326 -6.29 35.43 -21.03
C GLN C 326 -6.77 35.39 -22.47
N ASP C 327 -6.62 34.24 -23.13
CA ASP C 327 -7.07 34.02 -24.49
C ASP C 327 -8.09 32.88 -24.44
N LEU C 328 -9.36 33.25 -24.33
CA LEU C 328 -10.43 32.29 -24.14
C LEU C 328 -11.38 32.27 -25.33
N PRO C 329 -11.98 31.12 -25.63
CA PRO C 329 -13.04 31.10 -26.63
C PRO C 329 -14.23 31.91 -26.17
N ARG C 330 -14.97 32.46 -27.13
CA ARG C 330 -16.11 33.31 -26.81
C ARG C 330 -17.11 32.54 -25.95
N MET C 331 -17.56 33.18 -24.87
CA MET C 331 -18.51 32.58 -23.95
C MET C 331 -19.92 32.80 -24.49
N GLU C 332 -20.59 31.72 -24.84
CA GLU C 332 -21.93 31.76 -25.41
C GLU C 332 -22.77 30.65 -24.79
N PRO C 333 -24.10 30.81 -24.81
CA PRO C 333 -24.95 29.73 -24.30
C PRO C 333 -24.72 28.43 -25.06
N ASP C 334 -24.77 27.33 -24.32
CA ASP C 334 -24.42 26.02 -24.88
C ASP C 334 -25.66 25.37 -25.49
N MET C 335 -25.50 24.12 -25.95
CA MET C 335 -26.58 23.41 -26.60
C MET C 335 -27.75 23.17 -25.65
N TYR C 336 -27.46 23.03 -24.36
CA TYR C 336 -28.47 22.70 -23.35
C TYR C 336 -28.75 23.91 -22.44
N TRP C 337 -28.82 25.09 -23.05
CA TRP C 337 -28.95 26.31 -22.27
C TRP C 337 -30.17 26.27 -21.37
N ASN C 338 -31.31 25.82 -21.89
CA ASN C 338 -32.54 25.73 -21.12
C ASN C 338 -33.14 24.34 -21.20
N LYS C 339 -32.29 23.32 -21.19
CA LYS C 339 -32.74 21.93 -21.17
C LYS C 339 -32.46 21.34 -19.80
N PRO C 340 -33.48 21.03 -18.99
CA PRO C 340 -33.21 20.59 -17.61
C PRO C 340 -32.39 19.31 -17.53
N GLU C 341 -32.55 18.39 -18.48
CA GLU C 341 -31.88 17.10 -18.46
C GLU C 341 -31.21 16.86 -19.81
N PRO C 342 -30.01 17.42 -20.00
CA PRO C 342 -29.31 17.21 -21.28
C PRO C 342 -29.05 15.72 -21.52
N GLN C 343 -29.22 15.31 -22.78
CA GLN C 343 -29.01 13.91 -23.17
C GLN C 343 -28.20 13.88 -24.45
N PRO C 344 -26.88 13.89 -24.35
CA PRO C 344 -26.03 13.83 -25.55
C PRO C 344 -26.33 12.57 -26.36
N PRO C 345 -26.33 12.67 -27.68
CA PRO C 345 -26.70 11.52 -28.51
C PRO C 345 -25.63 10.44 -28.51
N TYR C 346 -26.04 9.26 -28.96
CA TYR C 346 -25.16 8.12 -29.15
C TYR C 346 -25.06 7.79 -30.64
N THR C 347 -23.87 7.39 -31.06
CA THR C 347 -23.70 6.93 -32.44
C THR C 347 -24.18 5.49 -32.57
N ALA C 348 -24.24 5.02 -33.81
CA ALA C 348 -24.68 3.64 -34.05
C ALA C 348 -23.70 2.64 -33.44
N ALA C 349 -22.42 3.02 -33.35
CA ALA C 349 -21.42 2.10 -32.82
C ALA C 349 -21.47 2.00 -31.30
N SER C 350 -21.99 3.03 -30.62
CA SER C 350 -22.00 3.08 -29.17
C SER C 350 -23.42 3.04 -28.59
N ALA C 351 -24.44 2.89 -29.43
CA ALA C 351 -25.81 2.87 -28.92
C ALA C 351 -26.01 1.78 -27.86
N GLN C 352 -25.26 0.69 -27.95
CA GLN C 352 -25.42 -0.39 -26.98
C GLN C 352 -24.83 -0.05 -25.62
N PHE C 353 -24.01 1.00 -25.53
CA PHE C 353 -23.40 1.39 -24.27
C PHE C 353 -24.28 2.29 -23.43
N ARG C 354 -25.48 2.64 -23.90
CA ARG C 354 -26.39 3.43 -23.11
C ARG C 354 -26.98 2.58 -22.00
N ARG C 355 -26.73 2.98 -20.75
CA ARG C 355 -27.10 2.20 -19.59
C ARG C 355 -27.97 3.03 -18.66
N ALA C 356 -28.80 2.33 -17.89
CA ALA C 356 -29.57 2.98 -16.83
C ALA C 356 -28.67 3.23 -15.63
N SER C 357 -28.97 4.31 -14.91
CA SER C 357 -28.15 4.69 -13.77
C SER C 357 -28.25 3.65 -12.66
N PHE C 358 -27.12 3.42 -12.00
CA PHE C 358 -27.07 2.52 -10.85
C PHE C 358 -27.50 3.29 -9.60
N MET C 359 -28.60 2.87 -8.99
CA MET C 359 -29.18 3.56 -7.86
C MET C 359 -28.74 2.99 -6.51
N GLY C 360 -27.88 1.99 -6.50
CA GLY C 360 -27.45 1.37 -5.27
C GLY C 360 -27.90 -0.08 -5.18
N SER C 361 -27.20 -0.83 -4.33
CA SER C 361 -27.48 -2.26 -4.19
C SER C 361 -28.74 -2.53 -3.38
N THR C 362 -29.27 -1.52 -2.70
CA THR C 362 -30.50 -1.67 -1.91
C THR C 362 -31.74 -1.23 -2.67
N PHE C 363 -31.60 -0.84 -3.94
CA PHE C 363 -32.73 -0.28 -4.68
C PHE C 363 -33.85 -1.30 -4.86
N ASN C 364 -33.49 -2.56 -5.13
CA ASN C 364 -34.46 -3.59 -5.48
C ASN C 364 -34.94 -4.40 -4.29
N ILE C 365 -34.59 -4.00 -3.06
CA ILE C 365 -35.07 -4.70 -1.89
C ILE C 365 -36.59 -4.52 -1.78
N SER C 366 -37.28 -5.59 -1.38
CA SER C 366 -38.73 -5.57 -1.24
C SER C 366 -39.10 -5.73 0.24
N LEU C 367 -40.08 -4.95 0.68
CA LEU C 367 -40.51 -4.95 2.08
C LEU C 367 -42.02 -4.94 2.15
N ASN C 368 -42.54 -5.40 3.29
CA ASN C 368 -43.98 -5.49 3.50
C ASN C 368 -44.52 -4.17 4.04
N LYS C 369 -45.86 -4.08 4.08
CA LYS C 369 -46.50 -2.92 4.69
C LYS C 369 -46.18 -2.85 6.19
N GLU C 370 -46.24 -3.99 6.88
CA GLU C 370 -45.92 -4.00 8.30
C GLU C 370 -44.43 -3.80 8.54
N GLU C 371 -43.59 -4.33 7.65
CA GLU C 371 -42.14 -4.23 7.85
C GLU C 371 -41.66 -2.78 7.79
N MET C 372 -42.22 -1.98 6.89
CA MET C 372 -41.77 -0.61 6.68
C MET C 372 -42.48 0.40 7.58
N GLU C 373 -43.30 -0.07 8.52
CA GLU C 373 -43.98 0.83 9.45
C GLU C 373 -43.07 1.15 10.63
N PHE C 374 -42.91 2.44 10.92
CA PHE C 374 -42.11 2.85 12.06
C PHE C 374 -42.72 2.35 13.36
N GLN C 375 -41.85 1.96 14.29
CA GLN C 375 -42.30 1.46 15.58
C GLN C 375 -42.23 2.57 16.62
N PRO C 376 -43.12 2.53 17.64
CA PRO C 376 -43.13 3.51 18.72
C PRO C 376 -42.01 3.30 19.73
N THR D 1 -20.75 -5.94 13.78
CA THR D 1 -19.40 -5.85 14.29
C THR D 1 -19.26 -6.59 15.62
N ILE D 2 -18.38 -7.59 15.64
CA ILE D 2 -18.08 -8.34 16.84
C ILE D 2 -16.71 -7.89 17.35
N THR D 3 -16.67 -7.38 18.57
CA THR D 3 -15.45 -6.85 19.16
C THR D 3 -14.91 -7.83 20.20
N TYR D 4 -13.64 -8.19 20.06
CA TYR D 4 -12.94 -9.03 21.03
C TYR D 4 -11.58 -8.45 21.37
N THR D 5 -11.42 -7.15 21.19
CA THR D 5 -10.15 -6.49 21.48
C THR D 5 -9.77 -6.65 22.95
N SER D 6 -10.74 -6.47 23.85
CA SER D 6 -10.46 -6.65 25.27
C SER D 6 -10.00 -8.06 25.57
N GLN D 7 -10.55 -9.05 24.86
CA GLN D 7 -10.15 -10.44 25.07
C GLN D 7 -8.77 -10.76 24.50
N VAL D 8 -8.39 -10.13 23.40
CA VAL D 8 -7.10 -10.39 22.78
C VAL D 8 -6.10 -9.28 23.09
N ALA D 9 -6.34 -8.52 24.16
CA ALA D 9 -5.42 -7.44 24.52
C ALA D 9 -4.02 -7.97 24.81
N ASN D 10 -3.92 -9.06 25.55
CA ASN D 10 -2.64 -9.66 25.92
C ASN D 10 -2.51 -11.04 25.30
N ALA D 11 -1.27 -11.41 24.98
CA ALA D 11 -0.96 -12.72 24.42
C ALA D 11 -0.78 -13.71 25.57
N ARG D 12 -1.89 -14.29 25.99
CA ARG D 12 -1.90 -15.23 27.10
C ARG D 12 -1.95 -16.67 26.57
N LEU D 13 -1.91 -17.62 27.49
CA LEU D 13 -1.99 -19.03 27.11
C LEU D 13 -3.36 -19.34 26.50
N GLY D 14 -3.35 -19.86 25.28
CA GLY D 14 -4.58 -20.14 24.58
C GLY D 14 -5.43 -18.90 24.29
N SER D 15 -4.78 -17.78 24.00
CA SER D 15 -5.52 -16.55 23.75
C SER D 15 -6.46 -16.70 22.58
N PHE D 16 -5.97 -17.27 21.47
CA PHE D 16 -6.83 -17.52 20.31
C PHE D 16 -7.67 -18.78 20.49
N SER D 17 -7.24 -19.71 21.34
CA SER D 17 -8.06 -20.88 21.62
C SER D 17 -9.36 -20.48 22.30
N ARG D 18 -9.30 -19.53 23.23
CA ARG D 18 -10.49 -19.07 23.92
C ARG D 18 -11.48 -18.40 22.97
N LEU D 19 -11.03 -17.97 21.80
CA LEU D 19 -11.92 -17.38 20.81
C LEU D 19 -12.67 -18.41 19.99
N LEU D 20 -12.33 -19.69 20.14
CA LEU D 20 -13.02 -20.76 19.42
C LEU D 20 -14.33 -21.15 20.08
N LEU D 21 -14.64 -20.60 21.25
CA LEU D 21 -15.90 -20.84 21.95
C LEU D 21 -16.90 -19.72 21.74
N CYS D 22 -16.76 -18.97 20.66
CA CYS D 22 -17.66 -17.86 20.35
C CYS D 22 -18.62 -18.29 19.24
N TRP D 23 -19.88 -17.85 19.35
CA TRP D 23 -20.91 -18.20 18.39
C TRP D 23 -21.26 -17.12 17.38
N ARG D 24 -21.63 -15.93 17.84
CA ARG D 24 -22.01 -14.86 16.93
C ARG D 24 -20.81 -14.48 16.07
N GLY D 25 -21.03 -14.35 14.77
CA GLY D 25 -19.96 -14.01 13.86
C GLY D 25 -18.85 -15.03 13.79
N SER D 26 -19.18 -16.30 13.99
CA SER D 26 -18.18 -17.35 14.11
C SER D 26 -18.19 -18.27 12.89
N ILE D 27 -17.14 -19.08 12.79
CA ILE D 27 -17.03 -20.03 11.68
C ILE D 27 -18.17 -21.04 11.73
N TYR D 28 -18.50 -21.53 12.92
CA TYR D 28 -19.63 -22.45 13.05
C TYR D 28 -20.91 -21.82 12.54
N LYS D 29 -21.24 -20.61 13.03
CA LYS D 29 -22.45 -19.94 12.59
C LYS D 29 -22.44 -19.71 11.09
N LEU D 30 -21.27 -19.46 10.51
CA LEU D 30 -21.20 -19.15 9.09
C LEU D 30 -21.39 -20.38 8.22
N LEU D 31 -20.81 -21.53 8.62
CA LEU D 31 -20.74 -22.67 7.71
C LEU D 31 -21.41 -23.93 8.25
N TYR D 32 -22.26 -23.82 9.27
CA TYR D 32 -22.90 -25.02 9.80
C TYR D 32 -23.82 -25.68 8.78
N GLY D 33 -24.58 -24.88 8.03
CA GLY D 33 -25.47 -25.45 7.02
C GLY D 33 -24.71 -26.15 5.91
N GLU D 34 -23.65 -25.52 5.41
CA GLU D 34 -22.82 -26.14 4.39
C GLU D 34 -22.20 -27.43 4.91
N PHE D 35 -21.71 -27.41 6.15
CA PHE D 35 -21.11 -28.62 6.72
C PHE D 35 -22.14 -29.71 6.86
N LEU D 36 -23.36 -29.37 7.28
CA LEU D 36 -24.42 -30.37 7.40
C LEU D 36 -24.74 -30.99 6.06
N ILE D 37 -24.84 -30.17 5.01
CA ILE D 37 -25.12 -30.70 3.68
C ILE D 37 -23.99 -31.62 3.23
N PHE D 38 -22.74 -31.20 3.44
CA PHE D 38 -21.60 -32.02 3.04
C PHE D 38 -21.59 -33.34 3.79
N LEU D 39 -21.86 -33.32 5.10
CA LEU D 39 -21.89 -34.54 5.90
C LEU D 39 -23.01 -35.46 5.45
N LEU D 40 -24.19 -34.91 5.18
CA LEU D 40 -25.29 -35.73 4.69
C LEU D 40 -24.93 -36.40 3.38
N CYS D 41 -24.34 -35.65 2.44
CA CYS D 41 -23.94 -36.25 1.17
C CYS D 41 -22.88 -37.32 1.39
N TYR D 42 -21.91 -37.06 2.26
CA TYR D 42 -20.84 -38.02 2.48
C TYR D 42 -21.37 -39.33 3.04
N TYR D 43 -22.25 -39.25 4.04
CA TYR D 43 -22.77 -40.47 4.64
C TYR D 43 -23.85 -41.13 3.80
N ILE D 44 -24.48 -40.39 2.88
CA ILE D 44 -25.34 -41.05 1.91
C ILE D 44 -24.50 -41.84 0.91
N ILE D 45 -23.39 -41.27 0.45
CA ILE D 45 -22.50 -41.99 -0.46
C ILE D 45 -21.90 -43.20 0.22
N ARG D 46 -21.52 -43.09 1.50
CA ARG D 46 -20.98 -44.23 2.22
C ARG D 46 -21.98 -45.38 2.25
N PHE D 47 -23.24 -45.08 2.62
CA PHE D 47 -24.24 -46.13 2.67
C PHE D 47 -24.55 -46.70 1.29
N ILE D 48 -24.58 -45.84 0.27
CA ILE D 48 -24.80 -46.34 -1.10
C ILE D 48 -23.71 -47.32 -1.49
N TYR D 49 -22.45 -46.94 -1.22
CA TYR D 49 -21.34 -47.82 -1.58
C TYR D 49 -21.38 -49.12 -0.79
N ARG D 50 -21.76 -49.06 0.48
CA ARG D 50 -21.70 -50.23 1.34
C ARG D 50 -22.91 -51.14 1.23
N LEU D 51 -24.04 -50.65 0.69
CA LEU D 51 -25.24 -51.47 0.66
C LEU D 51 -26.01 -51.38 -0.66
N ALA D 52 -25.39 -50.91 -1.74
CA ALA D 52 -26.09 -50.85 -3.02
C ALA D 52 -25.22 -51.28 -4.20
N LEU D 53 -23.95 -51.52 -3.92
CA LEU D 53 -23.04 -51.88 -5.01
C LEU D 53 -22.88 -53.40 -4.95
N THR D 54 -23.12 -54.08 -6.06
CA THR D 54 -23.15 -55.57 -6.06
C THR D 54 -21.80 -56.18 -5.67
N GLU D 55 -20.71 -55.66 -6.23
CA GLU D 55 -19.34 -56.15 -5.93
C GLU D 55 -18.46 -55.62 -7.04
N GLU D 56 -18.78 -55.98 -8.28
CA GLU D 56 -18.03 -55.37 -9.39
C GLU D 56 -18.26 -53.87 -9.26
N GLN D 57 -19.49 -53.49 -8.92
CA GLN D 57 -19.78 -52.06 -8.64
C GLN D 57 -18.87 -51.59 -7.51
N GLN D 58 -19.00 -52.17 -6.32
CA GLN D 58 -18.08 -51.85 -5.23
C GLN D 58 -16.64 -51.75 -5.70
N LEU D 59 -16.22 -52.67 -6.55
CA LEU D 59 -14.82 -52.69 -7.04
C LEU D 59 -14.49 -51.44 -7.87
N MET D 60 -15.44 -50.94 -8.65
CA MET D 60 -15.21 -49.72 -9.42
C MET D 60 -15.35 -48.46 -8.56
N PHE D 61 -16.22 -48.51 -7.53
CA PHE D 61 -16.32 -47.37 -6.63
C PHE D 61 -15.01 -47.24 -5.87
N GLU D 62 -14.42 -48.38 -5.53
CA GLU D 62 -13.11 -48.35 -4.86
C GLU D 62 -12.12 -47.68 -5.79
N LYS D 63 -12.08 -48.13 -7.04
CA LYS D 63 -11.15 -47.58 -8.02
C LYS D 63 -11.38 -46.09 -8.26
N LEU D 64 -12.63 -45.64 -8.17
CA LEU D 64 -12.91 -44.22 -8.32
C LEU D 64 -12.42 -43.42 -7.12
N THR D 65 -12.60 -43.97 -5.91
CA THR D 65 -12.07 -43.32 -4.71
C THR D 65 -10.55 -43.26 -4.76
N LEU D 66 -9.93 -44.40 -5.11
CA LEU D 66 -8.47 -44.44 -5.30
C LEU D 66 -8.26 -43.83 -6.67
N TYR D 67 -8.38 -42.51 -6.76
CA TYR D 67 -8.24 -41.75 -8.03
C TYR D 67 -8.67 -40.34 -7.63
N CYS D 68 -9.90 -40.22 -7.11
CA CYS D 68 -10.33 -38.95 -6.55
C CYS D 68 -9.44 -38.49 -5.40
N ASP D 69 -9.06 -39.42 -4.51
CA ASP D 69 -8.19 -39.06 -3.40
C ASP D 69 -6.80 -38.66 -3.86
N SER D 70 -6.39 -39.05 -5.06
CA SER D 70 -5.06 -38.78 -5.57
C SER D 70 -4.99 -37.52 -6.42
N TYR D 71 -6.02 -37.25 -7.21
CA TYR D 71 -6.01 -36.08 -8.07
C TYR D 71 -6.62 -34.87 -7.40
N ILE D 72 -7.01 -35.01 -6.12
CA ILE D 72 -7.60 -33.92 -5.36
C ILE D 72 -6.59 -32.79 -5.23
N GLN D 73 -5.30 -33.13 -5.17
CA GLN D 73 -4.24 -32.15 -4.99
C GLN D 73 -4.19 -31.15 -6.14
N LEU D 74 -4.83 -31.47 -7.26
CA LEU D 74 -4.72 -30.64 -8.45
C LEU D 74 -5.31 -29.26 -8.24
N ILE D 75 -6.20 -29.12 -7.26
CA ILE D 75 -6.92 -27.87 -7.02
C ILE D 75 -6.01 -26.85 -6.35
N PRO D 76 -5.81 -25.66 -6.94
CA PRO D 76 -5.03 -24.61 -6.26
C PRO D 76 -5.87 -23.82 -5.27
N ILE D 77 -6.55 -24.55 -4.39
CA ILE D 77 -7.54 -23.95 -3.50
C ILE D 77 -6.87 -22.95 -2.56
N SER D 78 -5.72 -23.33 -2.00
CA SER D 78 -5.08 -22.45 -1.02
C SER D 78 -4.60 -21.16 -1.67
N PHE D 79 -3.97 -21.26 -2.84
CA PHE D 79 -3.52 -20.05 -3.54
C PHE D 79 -4.69 -19.15 -3.87
N VAL D 80 -5.73 -19.72 -4.50
CA VAL D 80 -6.88 -18.92 -4.90
C VAL D 80 -7.51 -18.24 -3.69
N LEU D 81 -7.77 -19.00 -2.63
CA LEU D 81 -8.42 -18.45 -1.45
C LEU D 81 -7.59 -17.35 -0.82
N GLY D 82 -6.29 -17.58 -0.65
CA GLY D 82 -5.47 -16.55 -0.03
C GLY D 82 -5.48 -15.26 -0.81
N PHE D 83 -5.27 -15.36 -2.13
CA PHE D 83 -5.17 -14.14 -2.93
C PHE D 83 -6.50 -13.42 -3.01
N TYR D 84 -7.61 -14.17 -3.06
CA TYR D 84 -8.92 -13.52 -3.14
C TYR D 84 -9.31 -12.89 -1.81
N VAL D 85 -9.05 -13.59 -0.69
CA VAL D 85 -9.43 -13.08 0.62
C VAL D 85 -8.61 -11.87 0.99
N THR D 86 -7.33 -11.82 0.59
CA THR D 86 -6.54 -10.63 0.86
C THR D 86 -7.18 -9.40 0.22
N LEU D 87 -7.60 -9.51 -1.05
CA LEU D 87 -8.26 -8.41 -1.72
C LEU D 87 -9.57 -8.05 -1.02
N VAL D 88 -10.35 -9.07 -0.63
CA VAL D 88 -11.63 -8.79 0.02
C VAL D 88 -11.41 -8.03 1.32
N VAL D 89 -10.41 -8.44 2.10
CA VAL D 89 -10.15 -7.77 3.38
C VAL D 89 -9.67 -6.34 3.16
N THR D 90 -8.81 -6.13 2.16
CA THR D 90 -8.35 -4.78 1.87
C THR D 90 -9.53 -3.88 1.49
N ARG D 91 -10.42 -4.38 0.62
CA ARG D 91 -11.59 -3.59 0.24
C ARG D 91 -12.50 -3.33 1.42
N TRP D 92 -12.63 -4.32 2.32
CA TRP D 92 -13.46 -4.15 3.51
C TRP D 92 -12.95 -3.01 4.38
N TRP D 93 -11.63 -3.00 4.62
CA TRP D 93 -11.09 -1.93 5.46
C TRP D 93 -11.16 -0.58 4.75
N ASN D 94 -10.96 -0.55 3.44
CA ASN D 94 -11.12 0.71 2.71
C ASN D 94 -12.55 1.22 2.81
N GLN D 95 -13.53 0.33 2.66
CA GLN D 95 -14.92 0.73 2.78
C GLN D 95 -15.22 1.28 4.16
N TYR D 96 -14.65 0.68 5.20
CA TYR D 96 -14.81 1.28 6.52
C TYR D 96 -14.18 2.66 6.59
N GLU D 97 -12.96 2.79 6.06
CA GLU D 97 -12.26 4.07 6.12
C GLU D 97 -12.99 5.15 5.33
N ASN D 98 -13.89 4.78 4.44
CA ASN D 98 -14.68 5.75 3.70
C ASN D 98 -16.03 6.04 4.33
N LEU D 99 -16.25 5.62 5.57
CA LEU D 99 -17.47 5.99 6.27
C LEU D 99 -17.38 7.43 6.76
N PRO D 100 -18.33 8.29 6.41
CA PRO D 100 -18.20 9.72 6.75
C PRO D 100 -18.50 9.98 8.21
N TRP D 101 -17.58 10.69 8.87
CA TRP D 101 -17.75 11.13 10.24
C TRP D 101 -17.82 12.65 10.29
N PRO D 102 -18.88 13.23 10.83
CA PRO D 102 -19.05 14.68 10.77
C PRO D 102 -18.34 15.44 11.87
N ASP D 103 -17.37 14.82 12.53
CA ASP D 103 -16.73 15.43 13.74
C ASP D 103 -15.89 16.66 13.43
N ARG D 104 -15.11 16.64 12.36
CA ARG D 104 -14.33 17.82 11.98
C ARG D 104 -15.23 18.93 11.46
N LEU D 105 -16.17 18.58 10.57
CA LEU D 105 -17.07 19.58 10.03
C LEU D 105 -17.93 20.20 11.12
N MET D 106 -18.35 19.41 12.10
CA MET D 106 -19.22 19.92 13.16
C MET D 106 -18.46 20.84 14.09
N SER D 107 -17.20 20.52 14.40
CA SER D 107 -16.39 21.44 15.18
C SER D 107 -16.18 22.74 14.43
N LEU D 108 -15.90 22.66 13.12
CA LEU D 108 -15.70 23.86 12.33
C LEU D 108 -16.98 24.70 12.29
N VAL D 109 -18.13 24.06 12.13
CA VAL D 109 -19.39 24.80 12.08
C VAL D 109 -19.66 25.47 13.42
N SER D 110 -19.55 24.71 14.51
CA SER D 110 -19.78 25.26 15.83
C SER D 110 -18.88 26.47 16.10
N GLY D 111 -17.62 26.39 15.65
CA GLY D 111 -16.73 27.52 15.87
C GLY D 111 -17.04 28.71 14.97
N PHE D 112 -17.07 28.48 13.66
CA PHE D 112 -17.12 29.55 12.67
C PHE D 112 -18.48 30.21 12.55
N VAL D 113 -19.57 29.45 12.58
CA VAL D 113 -20.89 30.03 12.36
C VAL D 113 -21.33 30.72 13.64
N GLU D 114 -21.44 32.04 13.58
CA GLU D 114 -21.68 32.85 14.76
C GLU D 114 -23.16 33.15 14.94
N GLY D 115 -23.51 33.51 16.17
CA GLY D 115 -24.88 33.85 16.50
C GLY D 115 -25.50 32.90 17.50
N LYS D 116 -25.72 33.37 18.71
CA LYS D 116 -26.40 32.58 19.73
C LYS D 116 -27.92 32.67 19.64
N ASP D 117 -28.44 33.46 18.70
CA ASP D 117 -29.87 33.66 18.59
C ASP D 117 -30.51 32.54 17.78
N GLU D 118 -31.81 32.69 17.51
CA GLU D 118 -32.55 31.67 16.79
C GLU D 118 -32.01 31.49 15.38
N GLN D 119 -31.67 32.58 14.71
CA GLN D 119 -31.15 32.46 13.34
C GLN D 119 -29.83 31.72 13.30
N GLY D 120 -28.92 32.01 14.24
CA GLY D 120 -27.67 31.28 14.29
C GLY D 120 -27.86 29.81 14.61
N ARG D 121 -28.72 29.51 15.58
CA ARG D 121 -29.03 28.12 15.89
C ARG D 121 -29.56 27.41 14.65
N LEU D 122 -30.51 28.04 13.95
CA LEU D 122 -31.10 27.43 12.77
C LEU D 122 -30.05 27.20 11.69
N LEU D 123 -29.18 28.18 11.47
CA LEU D 123 -28.16 28.05 10.42
C LEU D 123 -27.20 26.90 10.72
N ARG D 124 -26.69 26.85 11.96
CA ARG D 124 -25.75 25.78 12.32
C ARG D 124 -26.43 24.42 12.23
N ARG D 125 -27.64 24.31 12.75
CA ARG D 125 -28.35 23.05 12.71
C ARG D 125 -28.63 22.62 11.27
N THR D 126 -29.00 23.58 10.41
CA THR D 126 -29.28 23.25 9.02
C THR D 126 -28.03 22.76 8.29
N LEU D 127 -26.89 23.40 8.55
CA LEU D 127 -25.65 22.95 7.92
C LEU D 127 -25.29 21.53 8.36
N ILE D 128 -25.30 21.29 9.67
CA ILE D 128 -24.95 19.96 10.15
C ILE D 128 -25.96 18.93 9.68
N ARG D 129 -27.23 19.33 9.57
CA ARG D 129 -28.27 18.42 9.08
C ARG D 129 -28.11 18.12 7.60
N TYR D 130 -27.65 19.08 6.80
CA TYR D 130 -27.34 18.79 5.41
C TYR D 130 -26.23 17.75 5.31
N ALA D 131 -25.18 17.92 6.12
CA ALA D 131 -24.11 16.92 6.13
C ALA D 131 -24.65 15.54 6.49
N ASN D 132 -25.42 15.47 7.57
CA ASN D 132 -25.97 14.19 8.01
C ASN D 132 -26.93 13.61 6.98
N LEU D 133 -27.68 14.46 6.29
CA LEU D 133 -28.62 13.99 5.27
C LEU D 133 -27.89 13.38 4.09
N GLY D 134 -26.81 14.02 3.64
CA GLY D 134 -26.01 13.42 2.58
C GLY D 134 -25.45 12.07 3.00
N ASN D 135 -24.89 12.01 4.21
CA ASN D 135 -24.35 10.75 4.71
C ASN D 135 -25.43 9.68 4.75
N VAL D 136 -26.62 10.02 5.26
CA VAL D 136 -27.69 9.04 5.38
C VAL D 136 -28.20 8.60 4.03
N LEU D 137 -28.27 9.51 3.05
CA LEU D 137 -28.69 9.13 1.71
C LEU D 137 -27.74 8.09 1.12
N ILE D 138 -26.43 8.35 1.21
CA ILE D 138 -25.49 7.37 0.68
C ILE D 138 -25.58 6.06 1.45
N LEU D 139 -25.73 6.15 2.78
CA LEU D 139 -25.79 4.94 3.59
C LEU D 139 -27.01 4.10 3.26
N ARG D 140 -28.17 4.73 3.04
CA ARG D 140 -29.36 3.98 2.67
C ARG D 140 -29.28 3.48 1.24
N SER D 141 -28.45 4.11 0.40
CA SER D 141 -28.24 3.56 -0.93
C SER D 141 -27.34 2.34 -0.93
N VAL D 142 -26.40 2.26 0.02
CA VAL D 142 -25.38 1.21 -0.01
C VAL D 142 -25.57 0.14 1.06
N SER D 143 -26.42 0.33 2.05
CA SER D 143 -26.53 -0.58 3.18
C SER D 143 -27.96 -1.11 3.30
N THR D 144 -28.09 -2.43 3.35
CA THR D 144 -29.41 -3.05 3.45
C THR D 144 -30.11 -2.69 4.76
N ALA D 145 -29.36 -2.66 5.87
CA ALA D 145 -29.97 -2.32 7.14
C ALA D 145 -30.49 -0.89 7.16
N VAL D 146 -29.69 0.05 6.65
CA VAL D 146 -30.12 1.44 6.61
C VAL D 146 -31.30 1.60 5.65
N TYR D 147 -31.30 0.85 4.55
CA TYR D 147 -32.45 0.92 3.65
C TYR D 147 -33.71 0.39 4.33
N LYS D 148 -33.59 -0.72 5.07
CA LYS D 148 -34.74 -1.25 5.78
C LYS D 148 -35.24 -0.27 6.84
N ARG D 149 -34.33 0.51 7.43
CA ARG D 149 -34.76 1.52 8.39
C ARG D 149 -35.46 2.68 7.69
N PHE D 150 -34.94 3.09 6.53
CA PHE D 150 -35.47 4.23 5.77
C PHE D 150 -35.75 3.78 4.35
N PRO D 151 -36.81 2.97 4.14
CA PRO D 151 -37.10 2.47 2.79
C PRO D 151 -37.57 3.55 1.82
N SER D 152 -37.77 4.79 2.27
CA SER D 152 -38.25 5.83 1.38
C SER D 152 -37.88 7.20 1.92
N ALA D 153 -37.94 8.20 1.03
CA ALA D 153 -37.72 9.58 1.44
C ALA D 153 -38.80 10.05 2.42
N GLN D 154 -40.01 9.50 2.30
CA GLN D 154 -41.03 9.79 3.30
C GLN D 154 -40.60 9.27 4.67
N HIS D 155 -39.96 8.10 4.71
CA HIS D 155 -39.41 7.59 5.97
C HIS D 155 -38.31 8.50 6.48
N LEU D 156 -37.46 9.01 5.57
CA LEU D 156 -36.43 9.95 5.99
C LEU D 156 -37.04 11.22 6.59
N VAL D 157 -38.13 11.70 6.01
CA VAL D 157 -38.81 12.88 6.55
C VAL D 157 -39.39 12.58 7.92
N GLN D 158 -40.06 11.43 8.05
CA GLN D 158 -40.67 11.06 9.34
C GLN D 158 -39.62 10.86 10.42
N ALA D 159 -38.41 10.45 10.03
CA ALA D 159 -37.34 10.24 11.00
C ALA D 159 -36.64 11.53 11.40
N GLY D 160 -36.96 12.65 10.76
CA GLY D 160 -36.36 13.92 11.08
C GLY D 160 -35.10 14.26 10.32
N PHE D 161 -34.59 13.35 9.49
CA PHE D 161 -33.37 13.64 8.73
C PHE D 161 -33.63 14.67 7.64
N MET D 162 -34.82 14.69 7.07
CA MET D 162 -35.16 15.59 5.99
C MET D 162 -36.44 16.34 6.32
N THR D 163 -36.48 17.62 5.98
CA THR D 163 -37.65 18.45 6.16
C THR D 163 -38.62 18.24 4.99
N PRO D 164 -39.90 18.49 5.19
CA PRO D 164 -40.83 18.43 4.04
C PRO D 164 -40.43 19.35 2.91
N ALA D 165 -39.91 20.54 3.22
CA ALA D 165 -39.43 21.45 2.18
C ALA D 165 -38.25 20.83 1.43
N GLU D 166 -37.33 20.21 2.15
CA GLU D 166 -36.20 19.57 1.50
C GLU D 166 -36.65 18.41 0.62
N HIS D 167 -37.64 17.64 1.09
CA HIS D 167 -38.18 16.56 0.28
C HIS D 167 -38.80 17.09 -1.01
N LYS D 168 -39.57 18.18 -0.91
CA LYS D 168 -40.17 18.77 -2.10
C LYS D 168 -39.09 19.28 -3.05
N GLN D 169 -38.05 19.90 -2.52
CA GLN D 169 -36.96 20.37 -3.36
C GLN D 169 -36.25 19.20 -4.06
N LEU D 170 -36.06 18.10 -3.34
CA LEU D 170 -35.44 16.92 -3.94
C LEU D 170 -36.31 16.37 -5.07
N GLU D 171 -37.63 16.28 -4.85
CA GLU D 171 -38.51 15.82 -5.92
C GLU D 171 -38.46 16.77 -7.12
N LYS D 172 -38.38 18.08 -6.86
CA LYS D 172 -38.26 19.04 -7.95
C LYS D 172 -36.98 18.84 -8.74
N LEU D 173 -35.87 18.59 -8.05
CA LEU D 173 -34.58 18.42 -8.69
C LEU D 173 -34.36 17.02 -9.25
N SER D 174 -35.27 16.08 -8.99
CA SER D 174 -35.04 14.67 -9.28
C SER D 174 -34.52 14.46 -10.70
N LEU D 175 -33.42 13.72 -10.80
CA LEU D 175 -32.86 13.24 -12.06
C LEU D 175 -32.86 11.72 -12.04
N PRO D 176 -32.58 11.06 -13.16
CA PRO D 176 -32.55 9.58 -13.14
C PRO D 176 -31.23 9.04 -12.61
N HIS D 177 -30.74 9.63 -11.51
CA HIS D 177 -29.52 9.18 -10.87
C HIS D 177 -29.74 9.19 -9.36
N ASN D 178 -28.77 8.62 -8.64
CA ASN D 178 -28.79 8.72 -7.19
C ASN D 178 -28.50 10.16 -6.77
N MET D 179 -29.42 10.74 -6.01
CA MET D 179 -29.38 12.15 -5.66
C MET D 179 -28.71 12.41 -4.32
N PHE D 180 -27.80 11.53 -3.90
CA PHE D 180 -27.09 11.73 -2.64
C PHE D 180 -26.20 12.96 -2.65
N TRP D 181 -25.89 13.51 -3.83
CA TRP D 181 -24.99 14.64 -3.94
C TRP D 181 -25.67 15.99 -3.68
N VAL D 182 -27.01 16.02 -3.66
CA VAL D 182 -27.71 17.31 -3.52
C VAL D 182 -27.38 18.01 -2.22
N PRO D 183 -27.31 17.33 -1.07
CA PRO D 183 -27.05 18.05 0.18
C PRO D 183 -25.72 18.77 0.20
N TRP D 184 -24.73 18.32 -0.59
CA TRP D 184 -23.45 19.03 -0.61
C TRP D 184 -23.55 20.36 -1.33
N VAL D 185 -24.29 20.39 -2.45
CA VAL D 185 -24.55 21.67 -3.11
C VAL D 185 -25.37 22.58 -2.20
N TRP D 186 -26.35 22.00 -1.50
CA TRP D 186 -27.12 22.79 -0.54
C TRP D 186 -26.22 23.38 0.53
N PHE D 187 -25.29 22.58 1.06
CA PHE D 187 -24.37 23.06 2.08
C PHE D 187 -23.48 24.18 1.55
N ALA D 188 -22.95 24.02 0.35
CA ALA D 188 -22.10 25.07 -0.22
C ALA D 188 -22.88 26.37 -0.38
N ASN D 189 -24.10 26.29 -0.91
CA ASN D 189 -24.88 27.50 -1.11
C ASN D 189 -25.28 28.14 0.21
N LEU D 190 -25.64 27.33 1.21
CA LEU D 190 -26.02 27.87 2.51
C LEU D 190 -24.82 28.52 3.21
N SER D 191 -23.63 27.92 3.09
CA SER D 191 -22.44 28.52 3.66
C SER D 191 -22.11 29.84 2.97
N MET D 192 -22.24 29.88 1.64
CA MET D 192 -22.01 31.14 0.94
C MET D 192 -23.01 32.21 1.39
N LYS D 193 -24.28 31.82 1.55
CA LYS D 193 -25.28 32.78 2.03
C LYS D 193 -24.95 33.26 3.43
N ALA D 194 -24.51 32.35 4.31
CA ALA D 194 -24.17 32.74 5.67
C ALA D 194 -22.98 33.69 5.70
N TRP D 195 -21.98 33.44 4.85
CA TRP D 195 -20.85 34.36 4.77
C TRP D 195 -21.30 35.73 4.25
N LEU D 196 -22.14 35.74 3.22
CA LEU D 196 -22.62 37.02 2.69
C LEU D 196 -23.46 37.78 3.70
N GLY D 197 -24.18 37.06 4.57
CA GLY D 197 -25.00 37.68 5.59
C GLY D 197 -24.29 38.05 6.87
N GLY D 198 -22.98 37.85 6.93
CA GLY D 198 -22.20 38.21 8.09
C GLY D 198 -22.12 37.17 9.18
N ARG D 199 -22.80 36.03 9.03
CA ARG D 199 -22.75 35.00 10.06
C ARG D 199 -21.40 34.31 10.09
N ILE D 200 -20.74 34.17 8.94
CA ILE D 200 -19.37 33.70 8.86
C ILE D 200 -18.48 34.91 8.59
N ARG D 201 -17.48 35.09 9.43
CA ARG D 201 -16.71 36.34 9.43
C ARG D 201 -15.57 36.36 8.42
N ASP D 202 -15.24 35.22 7.78
CA ASP D 202 -14.10 35.26 6.88
C ASP D 202 -14.18 34.23 5.76
N PRO D 203 -13.77 34.60 4.55
CA PRO D 203 -13.68 33.61 3.47
C PRO D 203 -12.73 32.47 3.79
N ILE D 204 -11.73 32.68 4.63
CA ILE D 204 -10.86 31.57 5.03
C ILE D 204 -11.65 30.55 5.84
N LEU D 205 -12.50 31.02 6.75
CA LEU D 205 -13.35 30.10 7.50
C LEU D 205 -14.34 29.39 6.58
N LEU D 206 -14.90 30.13 5.62
CA LEU D 206 -15.80 29.51 4.64
C LEU D 206 -15.07 28.42 3.85
N GLN D 207 -13.83 28.68 3.45
CA GLN D 207 -13.04 27.71 2.72
C GLN D 207 -12.77 26.47 3.56
N SER D 208 -12.45 26.66 4.85
CA SER D 208 -12.24 25.52 5.72
C SER D 208 -13.50 24.66 5.83
N LEU D 209 -14.65 25.31 6.01
CA LEU D 209 -15.90 24.58 6.09
C LEU D 209 -16.14 23.78 4.80
N LEU D 210 -15.93 24.42 3.65
CA LEU D 210 -16.18 23.72 2.39
C LEU D 210 -15.17 22.62 2.15
N ASN D 211 -13.94 22.77 2.64
CA ASN D 211 -12.96 21.69 2.54
C ASN D 211 -13.41 20.47 3.34
N GLU D 212 -13.88 20.69 4.56
CA GLU D 212 -14.39 19.56 5.35
C GLU D 212 -15.58 18.90 4.66
N MET D 213 -16.51 19.71 4.15
CA MET D 213 -17.69 19.16 3.50
C MET D 213 -17.30 18.39 2.25
N ASN D 214 -16.30 18.86 1.52
CA ASN D 214 -15.85 18.17 0.32
C ASN D 214 -15.14 16.86 0.65
N THR D 215 -14.41 16.83 1.76
CA THR D 215 -13.84 15.56 2.21
C THR D 215 -14.94 14.56 2.51
N LEU D 216 -16.01 15.01 3.18
CA LEU D 216 -17.15 14.12 3.42
C LEU D 216 -17.76 13.65 2.11
N ARG D 217 -17.89 14.55 1.13
CA ARG D 217 -18.44 14.18 -0.17
C ARG D 217 -17.57 13.14 -0.86
N THR D 218 -16.25 13.29 -0.78
CA THR D 218 -15.35 12.31 -1.37
C THR D 218 -15.51 10.95 -0.71
N GLN D 219 -15.66 10.93 0.63
CA GLN D 219 -15.89 9.66 1.31
C GLN D 219 -17.19 9.01 0.84
N CYS D 220 -18.25 9.80 0.72
CA CYS D 220 -19.52 9.24 0.26
C CYS D 220 -19.41 8.73 -1.17
N GLY D 221 -18.68 9.44 -2.02
CA GLY D 221 -18.47 8.97 -3.38
C GLY D 221 -17.68 7.67 -3.42
N HIS D 222 -16.70 7.52 -2.53
CA HIS D 222 -15.97 6.26 -2.45
C HIS D 222 -16.89 5.13 -1.99
N LEU D 223 -17.79 5.42 -1.06
CA LEU D 223 -18.76 4.40 -0.65
C LEU D 223 -19.62 3.98 -1.83
N TYR D 224 -20.10 4.95 -2.60
CA TYR D 224 -20.90 4.64 -3.78
C TYR D 224 -20.12 3.82 -4.78
N ALA D 225 -18.85 4.17 -4.99
CA ALA D 225 -18.00 3.44 -5.94
C ALA D 225 -17.81 2.00 -5.49
N TYR D 226 -17.57 1.78 -4.20
CA TYR D 226 -17.42 0.42 -3.71
C TYR D 226 -18.72 -0.36 -3.85
N ASP D 227 -19.86 0.28 -3.61
CA ASP D 227 -21.14 -0.39 -3.78
C ASP D 227 -21.36 -0.79 -5.24
N TRP D 228 -20.98 0.09 -6.17
CA TRP D 228 -21.27 -0.12 -7.58
C TRP D 228 -20.29 -1.10 -8.23
N ILE D 229 -19.00 -0.81 -8.13
CA ILE D 229 -17.96 -1.60 -8.81
C ILE D 229 -17.65 -2.78 -7.89
N SER D 230 -18.36 -3.88 -8.09
CA SER D 230 -18.13 -5.09 -7.33
C SER D 230 -16.82 -5.76 -7.75
N ILE D 231 -16.31 -6.63 -6.88
CA ILE D 231 -15.15 -7.44 -7.26
C ILE D 231 -15.50 -8.26 -8.49
N PRO D 232 -14.57 -8.49 -9.40
CA PRO D 232 -14.92 -9.17 -10.66
C PRO D 232 -15.66 -10.48 -10.42
N LEU D 233 -16.77 -10.66 -11.15
CA LEU D 233 -17.57 -11.86 -11.00
C LEU D 233 -16.77 -13.09 -11.40
N VAL D 234 -15.94 -12.99 -12.43
CA VAL D 234 -15.09 -14.10 -12.82
C VAL D 234 -14.14 -14.46 -11.67
N TYR D 235 -13.55 -13.45 -11.03
CA TYR D 235 -12.64 -13.70 -9.92
C TYR D 235 -13.34 -14.38 -8.76
N THR D 236 -14.55 -13.95 -8.41
CA THR D 236 -15.30 -14.63 -7.36
C THR D 236 -15.66 -16.06 -7.75
N GLN D 237 -16.10 -16.26 -9.00
CA GLN D 237 -16.51 -17.58 -9.45
C GLN D 237 -15.36 -18.56 -9.48
N VAL D 238 -14.16 -18.10 -9.83
CA VAL D 238 -13.01 -19.00 -9.83
C VAL D 238 -12.79 -19.60 -8.45
N VAL D 239 -12.79 -18.75 -7.41
CA VAL D 239 -12.56 -19.24 -6.06
C VAL D 239 -13.71 -20.12 -5.60
N THR D 240 -14.95 -19.71 -5.92
CA THR D 240 -16.09 -20.51 -5.51
C THR D 240 -16.01 -21.91 -6.10
N VAL D 241 -15.73 -21.99 -7.40
CA VAL D 241 -15.62 -23.29 -8.06
C VAL D 241 -14.46 -24.09 -7.48
N ALA D 242 -13.33 -23.42 -7.21
CA ALA D 242 -12.19 -24.13 -6.65
C ALA D 242 -12.54 -24.80 -5.33
N VAL D 243 -13.23 -24.08 -4.44
CA VAL D 243 -13.58 -24.68 -3.16
C VAL D 243 -14.64 -25.77 -3.32
N TYR D 244 -15.67 -25.50 -4.14
CA TYR D 244 -16.79 -26.41 -4.22
C TYR D 244 -16.41 -27.71 -4.92
N SER D 245 -15.61 -27.64 -5.98
CA SER D 245 -15.16 -28.85 -6.65
C SER D 245 -14.27 -29.67 -5.73
N PHE D 246 -13.40 -29.01 -4.97
CA PHE D 246 -12.57 -29.72 -4.01
C PHE D 246 -13.42 -30.50 -3.02
N PHE D 247 -14.41 -29.85 -2.43
CA PHE D 247 -15.19 -30.54 -1.40
C PHE D 247 -16.25 -31.47 -1.97
N LEU D 248 -16.59 -31.36 -3.24
CA LEU D 248 -17.40 -32.37 -3.91
C LEU D 248 -16.60 -33.60 -4.27
N THR D 249 -15.34 -33.42 -4.68
CA THR D 249 -14.44 -34.54 -4.86
C THR D 249 -14.20 -35.28 -3.55
N CYS D 250 -14.00 -34.54 -2.46
CA CYS D 250 -13.76 -35.17 -1.17
C CYS D 250 -14.88 -36.14 -0.79
N LEU D 251 -16.10 -35.89 -1.26
CA LEU D 251 -17.23 -36.74 -0.91
C LEU D 251 -16.99 -38.19 -1.31
N VAL D 252 -16.30 -38.42 -2.43
CA VAL D 252 -16.06 -39.75 -2.93
C VAL D 252 -14.58 -40.15 -2.76
N GLY D 253 -13.71 -39.18 -2.51
CA GLY D 253 -12.30 -39.49 -2.35
C GLY D 253 -11.88 -39.72 -0.92
N ARG D 254 -12.72 -39.32 0.03
CA ARG D 254 -12.43 -39.47 1.45
C ARG D 254 -13.37 -40.49 2.10
N GLN D 255 -13.86 -41.44 1.34
CA GLN D 255 -14.70 -42.50 1.87
C GLN D 255 -13.83 -43.64 2.38
N PHE D 256 -14.33 -44.32 3.42
CA PHE D 256 -13.62 -45.47 3.98
C PHE D 256 -14.06 -46.72 3.23
N LEU D 257 -13.22 -47.19 2.32
CA LEU D 257 -13.54 -48.39 1.51
C LEU D 257 -13.55 -49.63 2.42
N ASN D 258 -13.98 -50.79 1.89
CA ASN D 258 -13.97 -52.05 2.67
C ASN D 258 -12.53 -52.41 3.08
N PRO D 259 -12.25 -52.63 4.37
CA PRO D 259 -10.92 -53.01 4.84
C PRO D 259 -10.42 -54.33 4.30
N ALA D 260 -11.30 -55.15 3.72
CA ALA D 260 -10.88 -56.47 3.23
C ALA D 260 -9.89 -56.21 2.10
N LYS D 261 -10.26 -55.25 1.25
CA LYS D 261 -9.43 -54.92 0.07
C LYS D 261 -7.98 -54.52 0.48
N ALA D 262 -7.85 -54.11 1.75
CA ALA D 262 -6.53 -53.72 2.28
C ALA D 262 -5.94 -52.62 1.41
N TYR D 263 -6.80 -51.71 0.94
CA TYR D 263 -6.27 -50.57 0.16
C TYR D 263 -5.45 -49.68 1.09
N PRO D 264 -4.23 -49.27 0.66
CA PRO D 264 -3.36 -48.41 1.46
C PRO D 264 -4.05 -47.15 2.01
N GLY D 265 -4.17 -47.05 3.33
CA GLY D 265 -4.90 -45.92 3.96
C GLY D 265 -6.34 -46.31 4.20
N HIS D 266 -6.86 -47.23 3.38
CA HIS D 266 -8.28 -47.65 3.46
C HIS D 266 -8.45 -48.86 4.40
N GLU D 267 -7.34 -49.34 4.99
CA GLU D 267 -7.37 -50.55 5.86
C GLU D 267 -8.26 -50.32 7.08
N LEU D 268 -8.22 -49.14 7.68
CA LEU D 268 -9.03 -48.94 8.91
C LEU D 268 -10.22 -48.05 8.58
N ASP D 269 -11.42 -48.51 8.96
CA ASP D 269 -12.66 -47.75 8.70
C ASP D 269 -13.01 -46.98 9.96
N LEU D 270 -12.58 -45.73 10.04
CA LEU D 270 -12.89 -44.89 11.19
C LEU D 270 -14.26 -44.23 11.14
N VAL D 271 -15.00 -44.48 10.05
CA VAL D 271 -16.39 -43.98 9.88
C VAL D 271 -16.39 -42.45 9.74
N VAL D 272 -15.79 -41.76 10.69
CA VAL D 272 -15.81 -40.29 10.71
C VAL D 272 -14.53 -39.74 10.11
N PRO D 273 -14.59 -39.00 9.00
CA PRO D 273 -13.39 -38.36 8.40
C PRO D 273 -12.99 -37.11 9.17
N VAL D 274 -12.21 -37.30 10.24
CA VAL D 274 -11.86 -36.18 11.10
C VAL D 274 -11.04 -35.14 10.34
N PHE D 275 -10.04 -35.59 9.59
CA PHE D 275 -9.20 -34.62 8.88
C PHE D 275 -9.93 -34.00 7.70
N THR D 276 -10.82 -34.76 7.06
CA THR D 276 -11.64 -34.17 6.01
C THR D 276 -12.54 -33.08 6.56
N PHE D 277 -13.13 -33.31 7.74
CA PHE D 277 -13.92 -32.28 8.40
C PHE D 277 -13.07 -31.08 8.79
N LEU D 278 -11.85 -31.32 9.27
CA LEU D 278 -10.97 -30.20 9.61
C LEU D 278 -10.62 -29.37 8.38
N GLN D 279 -10.33 -30.03 7.25
CA GLN D 279 -10.07 -29.31 6.02
C GLN D 279 -11.30 -28.55 5.55
N PHE D 280 -12.47 -29.17 5.67
CA PHE D 280 -13.71 -28.47 5.32
C PHE D 280 -13.85 -27.20 6.14
N PHE D 281 -13.69 -27.30 7.46
CA PHE D 281 -13.77 -26.11 8.30
C PHE D 281 -12.76 -25.06 7.87
N PHE D 282 -11.50 -25.46 7.70
CA PHE D 282 -10.47 -24.50 7.36
C PHE D 282 -10.78 -23.77 6.05
N TYR D 283 -11.02 -24.53 4.99
CA TYR D 283 -11.18 -23.90 3.67
C TYR D 283 -12.52 -23.18 3.53
N VAL D 284 -13.60 -23.79 4.01
CA VAL D 284 -14.90 -23.15 3.90
C VAL D 284 -14.97 -21.91 4.79
N GLY D 285 -14.25 -21.90 5.91
CA GLY D 285 -14.18 -20.68 6.70
C GLY D 285 -13.32 -19.62 6.05
N TRP D 286 -12.23 -20.02 5.40
CA TRP D 286 -11.44 -19.07 4.63
C TRP D 286 -12.28 -18.42 3.54
N LEU D 287 -13.16 -19.21 2.91
CA LEU D 287 -14.07 -18.66 1.91
C LEU D 287 -15.18 -17.83 2.54
N LYS D 288 -15.70 -18.25 3.70
CA LYS D 288 -16.75 -17.51 4.37
C LYS D 288 -16.27 -16.16 4.87
N VAL D 289 -14.99 -16.02 5.17
CA VAL D 289 -14.45 -14.71 5.51
C VAL D 289 -14.72 -13.74 4.37
N ALA D 290 -14.36 -14.13 3.14
CA ALA D 290 -14.62 -13.30 1.98
C ALA D 290 -16.11 -13.14 1.72
N GLU D 291 -16.88 -14.22 1.93
CA GLU D 291 -18.33 -14.13 1.70
C GLU D 291 -18.96 -13.09 2.61
N GLN D 292 -18.54 -13.03 3.87
CA GLN D 292 -19.10 -12.08 4.82
C GLN D 292 -18.58 -10.67 4.57
N LEU D 293 -17.29 -10.52 4.27
CA LEU D 293 -16.69 -9.20 4.14
C LEU D 293 -16.86 -8.59 2.75
N ILE D 294 -17.34 -9.34 1.77
CA ILE D 294 -17.44 -8.80 0.42
C ILE D 294 -18.41 -7.63 0.37
N ASN D 295 -19.48 -7.70 1.15
CA ASN D 295 -20.41 -6.57 1.31
C ASN D 295 -20.48 -6.28 2.80
N PRO D 296 -19.64 -5.35 3.29
CA PRO D 296 -19.62 -5.06 4.73
C PRO D 296 -20.81 -4.28 5.23
N PHE D 297 -21.78 -3.95 4.36
CA PHE D 297 -22.95 -3.19 4.75
C PHE D 297 -24.22 -4.02 4.74
N GLY D 298 -24.08 -5.35 4.68
CA GLY D 298 -25.22 -6.23 4.76
C GLY D 298 -25.69 -6.37 6.19
N GLU D 299 -26.16 -7.57 6.56
CA GLU D 299 -26.68 -7.81 7.90
C GLU D 299 -25.94 -8.93 8.62
N ASP D 300 -24.70 -9.20 8.23
CA ASP D 300 -23.91 -10.19 8.94
C ASP D 300 -23.51 -9.66 10.31
N ASP D 301 -23.09 -10.58 11.19
CA ASP D 301 -22.66 -10.18 12.52
C ASP D 301 -21.44 -9.26 12.46
N ASP D 302 -20.50 -9.54 11.55
CA ASP D 302 -19.29 -8.76 11.42
C ASP D 302 -19.45 -7.57 10.47
N ASP D 303 -20.66 -7.28 10.01
CA ASP D 303 -20.88 -6.11 9.16
C ASP D 303 -20.96 -4.85 10.01
N PHE D 304 -20.73 -3.72 9.36
CA PHE D 304 -20.66 -2.44 10.06
C PHE D 304 -22.01 -2.06 10.64
N GLU D 305 -21.96 -1.39 11.80
CA GLU D 305 -23.18 -0.91 12.47
C GLU D 305 -23.57 0.46 11.90
N THR D 306 -24.08 0.41 10.67
CA THR D 306 -24.41 1.65 9.97
C THR D 306 -25.53 2.42 10.66
N ASN D 307 -26.53 1.71 11.18
CA ASN D 307 -27.62 2.39 11.87
C ASN D 307 -27.12 3.10 13.13
N TRP D 308 -26.28 2.42 13.91
CA TRP D 308 -25.72 3.06 15.10
C TRP D 308 -24.85 4.25 14.71
N ILE D 309 -24.08 4.11 13.62
CA ILE D 309 -23.25 5.22 13.17
C ILE D 309 -24.12 6.41 12.81
N VAL D 310 -25.22 6.17 12.10
CA VAL D 310 -26.13 7.26 11.72
C VAL D 310 -26.69 7.94 12.95
N ASP D 311 -27.18 7.16 13.91
CA ASP D 311 -27.78 7.74 15.11
C ASP D 311 -26.75 8.55 15.90
N ARG D 312 -25.58 7.98 16.13
CA ARG D 312 -24.55 8.66 16.90
C ARG D 312 -24.10 9.94 16.19
N ASN D 313 -23.91 9.87 14.87
CA ASN D 313 -23.51 11.06 14.13
C ASN D 313 -24.54 12.16 14.26
N LEU D 314 -25.82 11.82 14.09
CA LEU D 314 -26.87 12.83 14.23
C LEU D 314 -26.83 13.47 15.60
N GLN D 315 -26.85 12.65 16.66
CA GLN D 315 -26.90 13.19 18.01
C GLN D 315 -25.68 14.05 18.31
N VAL D 316 -24.49 13.54 18.01
CA VAL D 316 -23.26 14.23 18.36
C VAL D 316 -23.15 15.54 17.58
N SER D 317 -23.45 15.51 16.28
CA SER D 317 -23.31 16.73 15.48
C SER D 317 -24.32 17.78 15.92
N LEU D 318 -25.56 17.39 16.18
CA LEU D 318 -26.54 18.36 16.64
C LEU D 318 -26.12 18.97 17.97
N LEU D 319 -25.69 18.14 18.91
CA LEU D 319 -25.25 18.66 20.20
C LEU D 319 -24.08 19.63 20.03
N ALA D 320 -23.08 19.23 19.24
CA ALA D 320 -21.89 20.05 19.07
C ALA D 320 -22.21 21.40 18.44
N VAL D 321 -23.10 21.41 17.45
CA VAL D 321 -23.38 22.66 16.74
C VAL D 321 -24.43 23.52 17.42
N ASP D 322 -25.24 22.98 18.33
CA ASP D 322 -26.27 23.77 18.97
C ASP D 322 -25.99 24.01 20.44
N GLU D 323 -25.84 22.96 21.24
CA GLU D 323 -25.67 23.14 22.68
C GLU D 323 -24.27 23.60 23.04
N MET D 324 -23.27 23.14 22.31
CA MET D 324 -21.87 23.37 22.65
C MET D 324 -21.28 24.60 21.97
N HIS D 325 -22.08 25.35 21.22
CA HIS D 325 -21.57 26.54 20.54
C HIS D 325 -21.30 27.64 21.55
N GLN D 326 -20.06 28.12 21.59
CA GLN D 326 -19.66 29.19 22.49
C GLN D 326 -20.02 28.88 23.94
N ASP D 327 -20.03 27.59 24.29
CA ASP D 327 -20.33 27.13 25.64
C ASP D 327 -19.10 26.36 26.15
N LEU D 328 -18.19 27.09 26.79
CA LEU D 328 -16.94 26.52 27.23
C LEU D 328 -16.86 26.45 28.74
N PRO D 329 -16.15 25.45 29.28
CA PRO D 329 -15.94 25.42 30.73
C PRO D 329 -15.09 26.60 31.18
N ARG D 330 -15.28 27.00 32.44
CA ARG D 330 -14.55 28.15 32.96
C ARG D 330 -13.05 27.94 32.84
N MET D 331 -12.35 28.96 32.35
CA MET D 331 -10.91 28.90 32.15
C MET D 331 -10.20 29.33 33.43
N GLU D 332 -9.58 28.39 34.11
CA GLU D 332 -8.84 28.65 35.33
C GLU D 332 -7.48 27.98 35.23
N PRO D 333 -6.49 28.45 35.99
CA PRO D 333 -5.18 27.80 35.98
C PRO D 333 -5.30 26.33 36.39
N ASP D 334 -4.50 25.49 35.74
CA ASP D 334 -4.58 24.05 35.93
C ASP D 334 -3.79 23.61 37.16
N MET D 335 -3.71 22.28 37.35
CA MET D 335 -2.99 21.74 38.50
C MET D 335 -1.51 22.05 38.43
N TYR D 336 -0.94 22.12 37.23
CA TYR D 336 0.48 22.33 37.02
C TYR D 336 0.78 23.75 36.56
N TRP D 337 0.07 24.73 37.13
CA TRP D 337 0.21 26.12 36.70
C TRP D 337 1.65 26.59 36.77
N ASN D 338 2.33 26.30 37.87
CA ASN D 338 3.71 26.73 38.07
C ASN D 338 4.64 25.54 38.29
N LYS D 339 4.33 24.41 37.65
CA LYS D 339 5.17 23.22 37.74
C LYS D 339 5.94 23.05 36.45
N PRO D 340 7.26 23.26 36.44
CA PRO D 340 8.02 23.13 35.19
C PRO D 340 7.94 21.75 34.56
N GLU D 341 7.86 20.70 35.37
CA GLU D 341 7.88 19.32 34.89
C GLU D 341 6.73 18.55 35.53
N PRO D 342 5.51 18.71 35.00
CA PRO D 342 4.36 18.00 35.58
C PRO D 342 4.55 16.49 35.51
N GLN D 343 4.08 15.81 36.54
CA GLN D 343 4.17 14.35 36.63
C GLN D 343 2.86 13.81 37.21
N PRO D 344 1.90 13.47 36.37
CA PRO D 344 0.64 12.91 36.85
C PRO D 344 0.89 11.63 37.63
N PRO D 345 0.13 11.39 38.70
CA PRO D 345 0.36 10.21 39.54
C PRO D 345 -0.05 8.91 38.84
N TYR D 346 0.46 7.82 39.37
CA TYR D 346 0.12 6.47 38.92
C TYR D 346 -0.64 5.75 40.01
N THR D 347 -1.63 4.96 39.60
CA THR D 347 -2.35 4.12 40.55
C THR D 347 -1.52 2.88 40.89
N ALA D 348 -2.02 2.08 41.83
CA ALA D 348 -1.32 0.85 42.20
C ALA D 348 -1.30 -0.13 41.03
N ALA D 349 -2.37 -0.15 40.23
CA ALA D 349 -2.45 -1.10 39.12
C ALA D 349 -1.57 -0.68 37.95
N SER D 350 -1.17 0.59 37.90
CA SER D 350 -0.41 1.11 36.76
C SER D 350 1.00 1.53 37.14
N ALA D 351 1.37 1.44 38.41
CA ALA D 351 2.69 1.90 38.83
C ALA D 351 3.79 1.17 38.09
N GLN D 352 3.52 -0.06 37.64
CA GLN D 352 4.53 -0.83 36.91
C GLN D 352 4.71 -0.34 35.48
N PHE D 353 3.85 0.54 34.99
CA PHE D 353 3.95 1.06 33.62
C PHE D 353 4.71 2.37 33.54
N ARG D 354 5.30 2.84 34.65
CA ARG D 354 6.15 4.01 34.59
C ARG D 354 7.49 3.68 33.93
N ARG D 355 7.74 4.30 32.80
CA ARG D 355 8.95 3.93 32.04
C ARG D 355 9.86 5.13 31.83
N ALA D 356 11.16 4.87 31.72
CA ALA D 356 12.13 5.89 31.43
C ALA D 356 12.00 6.20 29.94
N SER D 357 12.13 7.48 29.61
CA SER D 357 11.97 7.91 28.23
C SER D 357 13.03 7.27 27.33
N PHE D 358 12.63 6.93 26.10
CA PHE D 358 13.56 6.41 25.12
C PHE D 358 14.27 7.58 24.43
N MET D 359 15.59 7.62 24.58
CA MET D 359 16.38 8.74 24.09
C MET D 359 17.05 8.47 22.75
N GLY D 360 16.75 7.35 22.12
CA GLY D 360 17.39 7.00 20.86
C GLY D 360 18.27 5.78 20.97
N SER D 361 18.43 5.06 19.86
CA SER D 361 19.23 3.84 19.88
C SER D 361 20.71 4.11 20.03
N THR D 362 21.17 5.31 19.73
CA THR D 362 22.58 5.68 19.85
C THR D 362 22.94 6.22 21.23
N PHE D 363 21.99 6.24 22.16
CA PHE D 363 22.21 6.89 23.45
C PHE D 363 23.34 6.21 24.23
N ASN D 364 23.40 4.88 24.20
CA ASN D 364 24.32 4.13 25.05
C ASN D 364 25.63 3.80 24.35
N ILE D 365 25.87 4.33 23.15
CA ILE D 365 27.13 4.09 22.46
C ILE D 365 28.26 4.75 23.23
N SER D 366 29.33 4.00 23.48
CA SER D 366 30.48 4.48 24.24
C SER D 366 31.65 4.70 23.30
N LEU D 367 32.30 5.86 23.42
CA LEU D 367 33.43 6.21 22.58
C LEU D 367 34.60 6.67 23.44
N ASN D 368 35.81 6.51 22.90
CA ASN D 368 37.02 6.91 23.60
C ASN D 368 37.20 8.43 23.53
N LYS D 369 38.12 8.92 24.35
CA LYS D 369 38.41 10.35 24.35
C LYS D 369 38.97 10.81 23.01
N GLU D 370 39.87 10.01 22.42
CA GLU D 370 40.44 10.37 21.13
C GLU D 370 39.45 10.12 19.99
N GLU D 371 38.55 9.14 20.14
CA GLU D 371 37.58 8.88 19.09
C GLU D 371 36.66 10.07 18.88
N MET D 372 36.31 10.78 19.95
CA MET D 372 35.39 11.91 19.89
C MET D 372 36.07 13.23 19.59
N GLU D 373 37.38 13.24 19.37
CA GLU D 373 38.10 14.47 19.09
C GLU D 373 37.98 14.84 17.62
N PHE D 374 37.63 16.10 17.36
CA PHE D 374 37.54 16.57 15.99
C PHE D 374 38.90 16.60 15.33
N GLN D 375 38.94 16.20 14.06
CA GLN D 375 40.21 16.27 13.34
C GLN D 375 40.25 17.47 12.41
N PRO D 376 41.44 17.96 12.08
CA PRO D 376 41.61 19.10 11.16
C PRO D 376 41.51 18.68 9.70
N THR E 1 7.08 -2.02 24.75
CA THR E 1 7.93 -1.95 23.57
C THR E 1 9.36 -2.38 23.89
N ILE E 2 9.87 -3.32 23.11
CA ILE E 2 11.24 -3.82 23.25
C ILE E 2 12.05 -3.30 22.07
N THR E 3 13.13 -2.59 22.37
CA THR E 3 13.96 -1.96 21.34
C THR E 3 15.30 -2.67 21.27
N TYR E 4 15.68 -3.10 20.06
CA TYR E 4 16.99 -3.67 19.80
C TYR E 4 17.65 -3.04 18.58
N THR E 5 17.26 -1.81 18.24
CA THR E 5 17.82 -1.13 17.08
C THR E 5 19.33 -0.96 17.25
N SER E 6 19.75 -0.60 18.45
CA SER E 6 21.20 -0.47 18.73
C SER E 6 21.89 -1.80 18.37
N GLN E 7 21.34 -2.92 18.86
CA GLN E 7 21.96 -4.21 18.61
C GLN E 7 22.01 -4.56 17.13
N VAL E 8 20.96 -4.23 16.39
CA VAL E 8 20.86 -4.62 14.98
C VAL E 8 21.28 -3.49 14.04
N ALA E 9 22.01 -2.49 14.54
CA ALA E 9 22.44 -1.40 13.67
C ALA E 9 23.25 -1.90 12.48
N ASN E 10 24.20 -2.80 12.73
CA ASN E 10 25.06 -3.33 11.68
C ASN E 10 24.81 -4.81 11.50
N ALA E 11 25.02 -5.29 10.27
CA ALA E 11 24.85 -6.70 9.94
C ALA E 11 26.12 -7.46 10.31
N ARG E 12 26.37 -7.52 11.61
CA ARG E 12 27.55 -8.22 12.11
C ARG E 12 27.32 -9.73 12.13
N LEU E 13 28.39 -10.46 12.41
CA LEU E 13 28.32 -11.91 12.44
C LEU E 13 27.38 -12.37 13.54
N GLY E 14 26.34 -13.11 13.15
CA GLY E 14 25.39 -13.65 14.12
C GLY E 14 24.60 -12.59 14.87
N SER E 15 24.18 -11.54 14.18
CA SER E 15 23.46 -10.46 14.85
C SER E 15 22.12 -10.94 15.39
N PHE E 16 21.39 -11.74 14.60
CA PHE E 16 20.11 -12.27 15.07
C PHE E 16 20.32 -13.42 16.05
N SER E 17 21.38 -14.19 15.87
CA SER E 17 21.72 -15.20 16.86
C SER E 17 21.93 -14.57 18.22
N ARG E 18 22.54 -13.39 18.26
CA ARG E 18 22.69 -12.68 19.53
C ARG E 18 21.34 -12.25 20.10
N LEU E 19 20.43 -11.83 19.23
CA LEU E 19 19.08 -11.49 19.69
C LEU E 19 18.33 -12.71 20.21
N LEU E 20 18.75 -13.90 19.81
CA LEU E 20 18.08 -15.11 20.28
C LEU E 20 18.20 -15.27 21.79
N LEU E 21 19.10 -14.53 22.43
CA LEU E 21 19.35 -14.71 23.86
C LEU E 21 18.39 -13.89 24.71
N CYS E 22 17.62 -12.99 24.10
CA CYS E 22 16.75 -12.11 24.86
C CYS E 22 15.54 -12.88 25.40
N TRP E 23 15.11 -12.49 26.61
CA TRP E 23 13.96 -13.16 27.24
C TRP E 23 12.70 -12.32 27.13
N ARG E 24 12.79 -11.04 27.51
CA ARG E 24 11.61 -10.19 27.54
C ARG E 24 11.02 -10.04 26.13
N GLY E 25 9.70 -10.19 26.04
CA GLY E 25 9.04 -10.10 24.74
C GLY E 25 9.57 -11.09 23.73
N SER E 26 9.82 -12.32 24.15
CA SER E 26 10.46 -13.32 23.30
C SER E 26 9.54 -14.47 22.99
N ILE E 27 9.93 -15.26 21.99
CA ILE E 27 9.14 -16.43 21.59
C ILE E 27 9.06 -17.43 22.73
N TYR E 28 10.15 -17.61 23.48
CA TYR E 28 10.11 -18.51 24.62
C TYR E 28 9.06 -18.08 25.63
N LYS E 29 9.12 -16.81 26.05
CA LYS E 29 8.14 -16.30 27.00
C LYS E 29 6.72 -16.43 26.45
N LEU E 30 6.55 -16.30 25.13
CA LEU E 30 5.21 -16.32 24.56
C LEU E 30 4.64 -17.73 24.50
N LEU E 31 5.47 -18.74 24.18
CA LEU E 31 4.94 -20.05 23.84
C LEU E 31 5.45 -21.19 24.73
N TYR E 32 6.08 -20.88 25.86
CA TYR E 32 6.58 -21.97 26.70
C TYR E 32 5.44 -22.84 27.24
N GLY E 33 4.34 -22.23 27.68
CA GLY E 33 3.24 -23.01 28.21
C GLY E 33 2.58 -23.89 27.16
N GLU E 34 2.33 -23.35 25.98
CA GLU E 34 1.76 -24.14 24.91
C GLU E 34 2.70 -25.27 24.51
N PHE E 35 4.00 -25.01 24.46
CA PHE E 35 4.95 -26.07 24.16
C PHE E 35 4.92 -27.16 25.22
N LEU E 36 4.81 -26.76 26.50
CA LEU E 36 4.74 -27.74 27.56
C LEU E 36 3.50 -28.63 27.40
N ILE E 37 2.36 -28.02 27.09
CA ILE E 37 1.14 -28.80 26.90
C ILE E 37 1.29 -29.76 25.72
N PHE E 38 1.83 -29.26 24.61
CA PHE E 38 2.00 -30.11 23.43
C PHE E 38 2.93 -31.28 23.72
N LEU E 39 4.04 -31.01 24.41
CA LEU E 39 4.99 -32.07 24.77
C LEU E 39 4.33 -33.10 25.67
N LEU E 40 3.57 -32.65 26.67
CA LEU E 40 2.90 -33.59 27.56
C LEU E 40 1.92 -34.47 26.79
N CYS E 41 1.11 -33.89 25.90
CA CYS E 41 0.18 -34.70 25.12
C CYS E 41 0.91 -35.69 24.22
N TYR E 42 1.96 -35.22 23.53
CA TYR E 42 2.70 -36.09 22.63
C TYR E 42 3.29 -37.29 23.37
N TYR E 43 3.90 -37.04 24.53
CA TYR E 43 4.55 -38.14 25.23
C TYR E 43 3.54 -39.02 25.96
N ILE E 44 2.38 -38.48 26.35
CA ILE E 44 1.32 -39.33 26.85
C ILE E 44 0.87 -40.30 25.77
N ILE E 45 0.69 -39.80 24.55
CA ILE E 45 0.32 -40.69 23.44
C ILE E 45 1.41 -41.73 23.19
N ARG E 46 2.68 -41.30 23.23
CA ARG E 46 3.78 -42.23 23.00
C ARG E 46 3.79 -43.34 24.05
N PHE E 47 3.67 -42.96 25.33
CA PHE E 47 3.69 -43.96 26.39
C PHE E 47 2.49 -44.89 26.29
N ILE E 48 1.31 -44.37 25.97
CA ILE E 48 0.16 -45.23 25.76
C ILE E 48 0.45 -46.24 24.65
N TYR E 49 0.98 -45.75 23.52
CA TYR E 49 1.18 -46.61 22.37
C TYR E 49 2.20 -47.69 22.65
N ARG E 50 3.24 -47.39 23.42
CA ARG E 50 4.32 -48.35 23.65
C ARG E 50 4.21 -49.07 25.00
N LEU E 51 3.17 -48.83 25.77
CA LEU E 51 3.05 -49.54 27.04
C LEU E 51 1.70 -50.22 27.23
N ALA E 52 0.62 -49.67 26.67
CA ALA E 52 -0.72 -50.18 26.94
C ALA E 52 -1.30 -50.97 25.78
N LEU E 53 -1.09 -50.51 24.55
CA LEU E 53 -1.71 -51.16 23.41
C LEU E 53 -1.19 -52.58 23.23
N THR E 54 -2.10 -53.50 22.91
CA THR E 54 -1.72 -54.86 22.56
C THR E 54 -1.11 -54.87 21.16
N GLU E 55 -0.81 -56.06 20.65
CA GLU E 55 -0.17 -56.15 19.33
C GLU E 55 -1.11 -55.67 18.23
N GLU E 56 -2.38 -56.08 18.27
CA GLU E 56 -3.33 -55.64 17.26
C GLU E 56 -3.54 -54.14 17.31
N GLN E 57 -3.69 -53.62 18.52
CA GLN E 57 -3.87 -52.16 18.70
C GLN E 57 -2.63 -51.44 18.15
N GLN E 58 -1.43 -51.93 18.45
CA GLN E 58 -0.20 -51.29 17.98
C GLN E 58 -0.14 -51.31 16.45
N LEU E 59 -0.52 -52.42 15.83
CA LEU E 59 -0.53 -52.46 14.38
C LEU E 59 -1.52 -51.45 13.80
N MET E 60 -2.71 -51.36 14.39
CA MET E 60 -3.69 -50.38 13.94
C MET E 60 -3.17 -48.96 14.12
N PHE E 61 -2.49 -48.71 15.24
CA PHE E 61 -1.93 -47.38 15.50
C PHE E 61 -0.85 -47.03 14.49
N GLU E 62 0.00 -47.99 14.14
CA GLU E 62 1.03 -47.73 13.13
C GLU E 62 0.40 -47.45 11.78
N LYS E 63 -0.63 -48.22 11.41
CA LYS E 63 -1.32 -47.94 10.15
C LYS E 63 -1.93 -46.55 10.16
N LEU E 64 -2.55 -46.17 11.27
CA LEU E 64 -3.18 -44.85 11.38
C LEU E 64 -2.13 -43.74 11.32
N THR E 65 -0.97 -43.96 11.94
CA THR E 65 0.10 -42.96 11.88
C THR E 65 0.60 -42.78 10.46
N LEU E 66 0.83 -43.89 9.75
CA LEU E 66 1.24 -43.78 8.35
C LEU E 66 0.18 -43.07 7.52
N TYR E 67 -1.09 -43.37 7.76
CA TYR E 67 -2.18 -42.71 7.05
C TYR E 67 -2.21 -41.21 7.34
N CYS E 68 -2.04 -40.84 8.62
CA CYS E 68 -2.09 -39.43 9.00
C CYS E 68 -0.93 -38.64 8.41
N ASP E 69 0.26 -39.23 8.38
CA ASP E 69 1.45 -38.48 7.97
C ASP E 69 1.26 -37.80 6.63
N SER E 70 0.64 -38.49 5.66
CA SER E 70 0.51 -37.94 4.33
C SER E 70 -0.33 -36.66 4.32
N TYR E 71 -1.32 -36.58 5.23
CA TYR E 71 -2.24 -35.46 5.21
C TYR E 71 -1.54 -34.14 5.50
N ILE E 72 -0.60 -34.12 6.44
CA ILE E 72 0.02 -32.88 6.86
C ILE E 72 0.63 -32.17 5.67
N GLN E 73 0.20 -30.93 5.45
CA GLN E 73 0.67 -30.10 4.34
C GLN E 73 1.14 -28.76 4.88
N LEU E 74 2.28 -28.28 4.37
CA LEU E 74 2.85 -27.04 4.87
C LEU E 74 2.34 -25.83 4.12
N ILE E 75 1.99 -26.00 2.84
CA ILE E 75 1.63 -24.84 2.01
C ILE E 75 0.38 -24.14 2.53
N PRO E 76 -0.72 -24.83 2.85
CA PRO E 76 -1.93 -24.10 3.27
C PRO E 76 -1.74 -23.34 4.58
N ILE E 77 -1.14 -23.99 5.57
CA ILE E 77 -0.91 -23.31 6.85
C ILE E 77 0.07 -22.16 6.67
N SER E 78 1.10 -22.35 5.85
CA SER E 78 2.04 -21.27 5.61
C SER E 78 1.36 -20.08 4.96
N PHE E 79 0.50 -20.32 3.97
CA PHE E 79 -0.22 -19.23 3.32
C PHE E 79 -1.14 -18.51 4.29
N VAL E 80 -1.96 -19.27 5.02
CA VAL E 80 -2.92 -18.65 5.92
C VAL E 80 -2.19 -17.82 6.98
N LEU E 81 -1.14 -18.39 7.57
CA LEU E 81 -0.40 -17.65 8.59
C LEU E 81 0.27 -16.42 8.01
N GLY E 82 0.88 -16.54 6.82
CA GLY E 82 1.54 -15.40 6.23
C GLY E 82 0.59 -14.25 5.94
N PHE E 83 -0.55 -14.55 5.32
CA PHE E 83 -1.53 -13.51 5.04
C PHE E 83 -2.10 -12.89 6.31
N TYR E 84 -2.51 -13.72 7.27
CA TYR E 84 -3.09 -13.20 8.50
C TYR E 84 -2.07 -12.34 9.27
N VAL E 85 -0.82 -12.80 9.35
CA VAL E 85 0.19 -12.07 10.09
C VAL E 85 0.55 -10.78 9.37
N THR E 86 0.59 -10.79 8.04
CA THR E 86 0.84 -9.55 7.31
C THR E 86 -0.26 -8.54 7.58
N LEU E 87 -1.52 -8.98 7.56
CA LEU E 87 -2.62 -8.07 7.88
C LEU E 87 -2.50 -7.53 9.29
N VAL E 88 -2.18 -8.40 10.25
CA VAL E 88 -2.08 -7.98 11.64
C VAL E 88 -0.96 -6.96 11.81
N VAL E 89 0.19 -7.21 11.18
CA VAL E 89 1.33 -6.30 11.32
C VAL E 89 1.03 -4.95 10.66
N THR E 90 0.37 -4.97 9.50
CA THR E 90 -0.01 -3.71 8.85
C THR E 90 -0.96 -2.92 9.74
N ARG E 91 -1.96 -3.59 10.32
CA ARG E 91 -2.87 -2.89 11.22
C ARG E 91 -2.15 -2.36 12.45
N TRP E 92 -1.20 -3.13 12.97
CA TRP E 92 -0.43 -2.70 14.15
C TRP E 92 0.35 -1.44 13.85
N TRP E 93 1.02 -1.39 12.69
CA TRP E 93 1.78 -0.19 12.35
C TRP E 93 0.85 0.99 12.08
N ASN E 94 -0.30 0.75 11.45
CA ASN E 94 -1.26 1.84 11.26
C ASN E 94 -1.75 2.37 12.59
N GLN E 95 -2.03 1.48 13.54
CA GLN E 95 -2.46 1.91 14.86
C GLN E 95 -1.40 2.76 15.53
N TYR E 96 -0.14 2.38 15.41
CA TYR E 96 0.92 3.23 15.93
C TYR E 96 0.93 4.58 15.23
N GLU E 97 0.82 4.57 13.90
CA GLU E 97 0.85 5.80 13.13
C GLU E 97 -0.31 6.73 13.46
N ASN E 98 -1.37 6.19 14.07
CA ASN E 98 -2.50 7.00 14.48
C ASN E 98 -2.40 7.48 15.93
N LEU E 99 -1.27 7.25 16.58
CA LEU E 99 -1.05 7.79 17.91
C LEU E 99 -0.88 9.30 17.82
N PRO E 100 -1.66 10.08 18.56
CA PRO E 100 -1.61 11.54 18.39
C PRO E 100 -0.42 12.15 19.12
N TRP E 101 0.36 12.94 18.40
CA TRP E 101 1.45 13.71 18.96
C TRP E 101 1.13 15.20 18.87
N PRO E 102 1.17 15.93 19.98
CA PRO E 102 0.73 17.32 19.96
C PRO E 102 1.81 18.31 19.53
N ASP E 103 2.87 17.84 18.89
CA ASP E 103 4.03 18.70 18.63
C ASP E 103 3.69 19.82 17.66
N ARG E 104 3.09 19.48 16.52
CA ARG E 104 2.77 20.50 15.51
C ARG E 104 1.77 21.51 16.06
N LEU E 105 0.69 21.01 16.69
CA LEU E 105 -0.31 21.91 17.25
C LEU E 105 0.26 22.77 18.35
N MET E 106 1.16 22.21 19.16
CA MET E 106 1.74 22.98 20.26
C MET E 106 2.66 24.07 19.75
N SER E 107 3.45 23.78 18.71
CA SER E 107 4.27 24.82 18.11
C SER E 107 3.40 25.92 17.51
N LEU E 108 2.31 25.53 16.83
CA LEU E 108 1.41 26.52 16.26
C LEU E 108 0.77 27.38 17.35
N VAL E 109 0.35 26.76 18.45
CA VAL E 109 -0.27 27.51 19.54
C VAL E 109 0.74 28.48 20.14
N SER E 110 1.95 27.99 20.42
CA SER E 110 2.99 28.84 20.99
C SER E 110 3.27 30.04 20.10
N GLY E 111 3.34 29.82 18.78
CA GLY E 111 3.60 30.93 17.88
C GLY E 111 2.45 31.89 17.77
N PHE E 112 1.25 31.37 17.48
CA PHE E 112 0.10 32.19 17.08
C PHE E 112 -0.60 32.86 18.26
N VAL E 113 -0.75 32.18 19.39
CA VAL E 113 -1.51 32.76 20.49
C VAL E 113 -0.61 33.77 21.21
N GLU E 114 -0.99 35.04 21.15
CA GLU E 114 -0.15 36.12 21.64
C GLU E 114 -0.48 36.46 23.09
N GLY E 115 0.47 37.10 23.75
CA GLY E 115 0.29 37.52 25.13
C GLY E 115 1.21 36.81 26.10
N LYS E 116 2.16 37.55 26.67
CA LYS E 116 3.02 37.04 27.72
C LYS E 116 2.41 37.22 29.10
N ASP E 117 1.20 37.74 29.18
CA ASP E 117 0.54 37.98 30.46
C ASP E 117 -0.18 36.72 30.93
N GLU E 118 -0.84 36.84 32.08
CA GLU E 118 -1.52 35.68 32.68
C GLU E 118 -2.64 35.18 31.78
N GLN E 119 -3.39 36.09 31.16
CA GLN E 119 -4.49 35.67 30.29
C GLN E 119 -3.99 34.89 29.08
N GLY E 120 -2.91 35.36 28.46
CA GLY E 120 -2.34 34.62 27.34
C GLY E 120 -1.79 33.27 27.76
N ARG E 121 -1.09 33.22 28.90
CA ARG E 121 -0.63 31.95 29.44
C ARG E 121 -1.80 30.99 29.62
N LEU E 122 -2.88 31.47 30.24
CA LEU E 122 -4.03 30.62 30.49
C LEU E 122 -4.66 30.14 29.20
N LEU E 123 -4.79 31.02 28.20
CA LEU E 123 -5.37 30.63 26.93
C LEU E 123 -4.56 29.53 26.25
N ARG E 124 -3.25 29.74 26.14
CA ARG E 124 -2.40 28.75 25.48
C ARG E 124 -2.43 27.43 26.22
N ARG E 125 -2.32 27.49 27.56
CA ARG E 125 -2.31 26.27 28.35
C ARG E 125 -3.64 25.53 28.23
N THR E 126 -4.75 26.26 28.21
CA THR E 126 -6.06 25.64 28.08
C THR E 126 -6.22 24.97 26.72
N LEU E 127 -5.73 25.61 25.65
CA LEU E 127 -5.81 24.98 24.34
C LEU E 127 -5.00 23.68 24.30
N ILE E 128 -3.75 23.74 24.75
CA ILE E 128 -2.92 22.53 24.70
C ILE E 128 -3.49 21.47 25.64
N ARG E 129 -4.11 21.88 26.74
CA ARG E 129 -4.71 20.94 27.66
C ARG E 129 -5.96 20.29 27.07
N TYR E 130 -6.72 21.02 26.27
CA TYR E 130 -7.84 20.41 25.56
C TYR E 130 -7.34 19.34 24.60
N ALA E 131 -6.28 19.66 23.86
CA ALA E 131 -5.71 18.65 22.96
C ALA E 131 -5.27 17.41 23.74
N ASN E 132 -4.53 17.60 24.83
CA ASN E 132 -4.04 16.48 25.61
C ASN E 132 -5.19 15.72 26.27
N LEU E 133 -6.25 16.41 26.67
CA LEU E 133 -7.40 15.75 27.27
C LEU E 133 -8.11 14.85 26.27
N GLY E 134 -8.29 15.33 25.04
CA GLY E 134 -8.87 14.47 24.02
C GLY E 134 -8.00 13.25 23.76
N ASN E 135 -6.69 13.46 23.64
CA ASN E 135 -5.77 12.34 23.46
C ASN E 135 -5.92 11.34 24.59
N VAL E 136 -5.92 11.80 25.83
CA VAL E 136 -5.97 10.90 26.98
C VAL E 136 -7.32 10.18 27.04
N LEU E 137 -8.39 10.86 26.68
CA LEU E 137 -9.70 10.21 26.68
C LEU E 137 -9.71 9.03 25.71
N ILE E 138 -9.24 9.27 24.48
CA ILE E 138 -9.20 8.17 23.52
C ILE E 138 -8.26 7.07 23.99
N LEU E 139 -7.11 7.45 24.56
CA LEU E 139 -6.13 6.46 24.98
C LEU E 139 -6.64 5.60 26.11
N ARG E 140 -7.36 6.20 27.07
CA ARG E 140 -7.93 5.40 28.14
C ARG E 140 -9.13 4.60 27.67
N SER E 141 -9.78 5.01 26.57
CA SER E 141 -10.80 4.16 25.98
C SER E 141 -10.20 2.93 25.31
N VAL E 142 -9.02 3.06 24.69
CA VAL E 142 -8.50 1.98 23.84
C VAL E 142 -7.37 1.19 24.49
N SER E 143 -6.77 1.64 25.59
CA SER E 143 -5.58 1.02 26.15
C SER E 143 -5.84 0.59 27.59
N THR E 144 -5.54 -0.68 27.88
CA THR E 144 -5.78 -1.22 29.21
C THR E 144 -4.86 -0.57 30.25
N ALA E 145 -3.61 -0.29 29.89
CA ALA E 145 -2.69 0.36 30.82
C ALA E 145 -3.16 1.76 31.17
N VAL E 146 -3.55 2.54 30.16
CA VAL E 146 -4.03 3.89 30.40
C VAL E 146 -5.33 3.84 31.21
N TYR E 147 -6.19 2.87 30.94
CA TYR E 147 -7.42 2.74 31.73
C TYR E 147 -7.10 2.42 33.18
N LYS E 148 -6.14 1.52 33.42
CA LYS E 148 -5.76 1.20 34.80
C LYS E 148 -5.17 2.41 35.49
N ARG E 149 -4.48 3.27 34.75
CA ARG E 149 -3.95 4.49 35.35
C ARG E 149 -5.06 5.49 35.68
N PHE E 150 -6.04 5.62 34.78
CA PHE E 150 -7.15 6.56 34.94
C PHE E 150 -8.47 5.81 34.78
N PRO E 151 -8.84 5.01 35.79
CA PRO E 151 -10.07 4.23 35.69
C PRO E 151 -11.34 5.06 35.73
N SER E 152 -11.27 6.37 35.90
CA SER E 152 -12.47 7.19 35.95
C SER E 152 -12.13 8.64 35.63
N ALA E 153 -13.17 9.39 35.25
CA ALA E 153 -13.01 10.82 35.00
C ALA E 153 -12.58 11.55 36.25
N GLN E 154 -12.98 11.06 37.43
CA GLN E 154 -12.47 11.63 38.67
C GLN E 154 -10.98 11.40 38.80
N HIS E 155 -10.50 10.23 38.35
CA HIS E 155 -9.07 9.99 38.31
C HIS E 155 -8.38 10.96 37.35
N LEU E 156 -9.01 11.22 36.21
CA LEU E 156 -8.46 12.21 35.27
C LEU E 156 -8.36 13.58 35.93
N VAL E 157 -9.40 13.97 36.67
CA VAL E 157 -9.39 15.26 37.36
C VAL E 157 -8.28 15.30 38.40
N GLN E 158 -8.13 14.23 39.18
CA GLN E 158 -7.09 14.19 40.20
C GLN E 158 -5.70 14.28 39.57
N ALA E 159 -5.49 13.59 38.44
CA ALA E 159 -4.20 13.62 37.77
C ALA E 159 -3.88 14.95 37.14
N GLY E 160 -4.84 15.87 37.05
CA GLY E 160 -4.61 17.18 36.47
C GLY E 160 -4.92 17.30 35.00
N PHE E 161 -5.37 16.23 34.35
CA PHE E 161 -5.70 16.29 32.93
C PHE E 161 -7.00 17.03 32.68
N MET E 162 -7.90 17.07 33.66
CA MET E 162 -9.19 17.71 33.51
C MET E 162 -9.52 18.48 34.79
N THR E 163 -10.05 19.68 34.63
CA THR E 163 -10.44 20.49 35.77
C THR E 163 -11.84 20.09 36.24
N PRO E 164 -12.20 20.44 37.48
CA PRO E 164 -13.57 20.17 37.94
C PRO E 164 -14.63 20.81 37.05
N ALA E 165 -14.36 22.01 36.54
CA ALA E 165 -15.32 22.65 35.64
C ALA E 165 -15.48 21.85 34.36
N GLU E 166 -14.37 21.37 33.79
CA GLU E 166 -14.45 20.55 32.59
C GLU E 166 -15.19 19.25 32.86
N HIS E 167 -14.96 18.65 34.02
CA HIS E 167 -15.68 17.43 34.38
C HIS E 167 -17.18 17.70 34.49
N LYS E 168 -17.56 18.82 35.11
CA LYS E 168 -18.97 19.17 35.20
C LYS E 168 -19.57 19.40 33.82
N GLN E 169 -18.84 20.08 32.94
CA GLN E 169 -19.34 20.31 31.58
C GLN E 169 -19.51 18.99 30.84
N LEU E 170 -18.55 18.06 30.98
CA LEU E 170 -18.68 16.76 30.36
C LEU E 170 -19.90 16.01 30.88
N GLU E 171 -20.12 16.06 32.19
CA GLU E 171 -21.30 15.40 32.76
C GLU E 171 -22.58 16.02 32.22
N LYS E 172 -22.61 17.34 32.08
CA LYS E 172 -23.79 18.00 31.52
C LYS E 172 -24.02 17.57 30.08
N LEU E 173 -22.95 17.46 29.28
CA LEU E 173 -23.06 17.08 27.88
C LEU E 173 -23.24 15.58 27.67
N SER E 174 -23.11 14.78 28.72
CA SER E 174 -23.06 13.33 28.59
C SER E 174 -24.13 12.81 27.63
N LEU E 175 -23.69 11.98 26.69
CA LEU E 175 -24.55 11.22 25.78
C LEU E 175 -24.19 9.75 25.92
N PRO E 176 -25.01 8.83 25.39
CA PRO E 176 -24.66 7.41 25.51
C PRO E 176 -23.60 6.98 24.52
N HIS E 177 -22.54 7.78 24.39
CA HIS E 177 -21.45 7.50 23.48
C HIS E 177 -20.14 7.88 24.15
N ASN E 178 -19.03 7.43 23.55
CA ASN E 178 -17.72 7.86 24.00
C ASN E 178 -17.55 9.35 23.75
N MET E 179 -17.33 10.12 24.82
CA MET E 179 -17.27 11.57 24.75
C MET E 179 -15.87 12.09 24.44
N PHE E 180 -15.03 11.28 23.82
CA PHE E 180 -13.67 11.72 23.52
C PHE E 180 -13.63 12.87 22.51
N TRP E 181 -14.74 13.12 21.81
CA TRP E 181 -14.81 14.17 20.80
C TRP E 181 -15.04 15.55 21.38
N VAL E 182 -15.50 15.65 22.64
CA VAL E 182 -15.88 16.95 23.19
C VAL E 182 -14.71 17.92 23.23
N PRO E 183 -13.50 17.52 23.63
CA PRO E 183 -12.39 18.48 23.70
C PRO E 183 -12.09 19.17 22.39
N TRP E 184 -12.36 18.53 21.25
CA TRP E 184 -12.09 19.18 19.97
C TRP E 184 -13.08 20.30 19.70
N VAL E 185 -14.36 20.10 20.02
CA VAL E 185 -15.33 21.18 19.93
C VAL E 185 -14.95 22.30 20.88
N TRP E 186 -14.52 21.94 22.09
CA TRP E 186 -14.06 22.96 23.04
C TRP E 186 -12.89 23.75 22.47
N PHE E 187 -11.93 23.07 21.84
CA PHE E 187 -10.77 23.73 21.26
C PHE E 187 -11.18 24.67 20.14
N ALA E 188 -12.08 24.22 19.26
CA ALA E 188 -12.53 25.07 18.17
C ALA E 188 -13.21 26.33 18.70
N ASN E 189 -14.10 26.17 19.68
CA ASN E 189 -14.79 27.32 20.23
C ASN E 189 -13.84 28.27 20.94
N LEU E 190 -12.87 27.73 21.69
CA LEU E 190 -11.92 28.57 22.39
C LEU E 190 -11.01 29.30 21.42
N SER E 191 -10.60 28.65 20.34
CA SER E 191 -9.79 29.32 19.33
C SER E 191 -10.58 30.44 18.66
N MET E 192 -11.85 30.20 18.35
CA MET E 192 -12.66 31.27 17.77
C MET E 192 -12.81 32.43 18.73
N LYS E 193 -13.01 32.13 20.02
CA LYS E 193 -13.11 33.19 21.02
C LYS E 193 -11.80 33.97 21.12
N ALA E 194 -10.67 33.27 21.09
CA ALA E 194 -9.37 33.95 21.16
C ALA E 194 -9.16 34.85 19.96
N TRP E 195 -9.52 34.37 18.76
CA TRP E 195 -9.39 35.22 17.58
C TRP E 195 -10.29 36.44 17.69
N LEU E 196 -11.52 36.27 18.15
CA LEU E 196 -12.42 37.41 18.30
C LEU E 196 -11.91 38.39 19.34
N GLY E 197 -11.22 37.90 20.37
CA GLY E 197 -10.67 38.75 21.40
C GLY E 197 -9.33 39.38 21.09
N GLY E 198 -8.81 39.15 19.90
CA GLY E 198 -7.54 39.73 19.48
C GLY E 198 -6.32 38.93 19.86
N ARG E 199 -6.47 37.84 20.60
CA ARG E 199 -5.31 37.03 20.97
C ARG E 199 -4.72 36.32 19.76
N ILE E 200 -5.55 35.91 18.81
CA ILE E 200 -5.08 35.38 17.53
C ILE E 200 -5.25 36.49 16.50
N ARG E 201 -4.15 36.85 15.84
CA ARG E 201 -4.12 38.05 15.01
C ARG E 201 -4.67 37.83 13.61
N ASP E 202 -4.90 36.58 13.19
CA ASP E 202 -5.35 36.40 11.82
C ASP E 202 -6.20 35.14 11.67
N PRO E 203 -7.28 35.21 10.89
CA PRO E 203 -8.05 33.99 10.61
C PRO E 203 -7.24 32.93 9.90
N ILE E 204 -6.17 33.30 9.19
CA ILE E 204 -5.29 32.29 8.60
C ILE E 204 -4.60 31.48 9.69
N LEU E 205 -4.10 32.16 10.72
CA LEU E 205 -3.51 31.45 11.85
C LEU E 205 -4.56 30.60 12.55
N LEU E 206 -5.77 31.14 12.71
CA LEU E 206 -6.84 30.33 13.29
C LEU E 206 -7.11 29.07 12.47
N GLN E 207 -7.12 29.20 11.15
CA GLN E 207 -7.34 28.05 10.28
C GLN E 207 -6.22 27.03 10.41
N SER E 208 -4.97 27.50 10.51
CA SER E 208 -3.86 26.57 10.70
C SER E 208 -4.01 25.80 12.01
N LEU E 209 -4.37 26.51 13.08
CA LEU E 209 -4.59 25.84 14.36
C LEU E 209 -5.68 24.80 14.26
N LEU E 210 -6.80 25.16 13.63
CA LEU E 210 -7.91 24.22 13.51
C LEU E 210 -7.55 23.04 12.62
N ASN E 211 -6.71 23.25 11.59
CA ASN E 211 -6.27 22.14 10.76
C ASN E 211 -5.44 21.15 11.57
N GLU E 212 -4.52 21.66 12.40
CA GLU E 212 -3.74 20.76 13.25
C GLU E 212 -4.65 20.01 14.23
N MET E 213 -5.60 20.72 14.84
CA MET E 213 -6.51 20.06 15.78
C MET E 213 -7.34 18.99 15.07
N ASN E 214 -7.80 19.26 13.85
CA ASN E 214 -8.58 18.28 13.11
C ASN E 214 -7.74 17.08 12.71
N THR E 215 -6.46 17.29 12.41
CA THR E 215 -5.59 16.15 12.16
C THR E 215 -5.49 15.27 13.40
N LEU E 216 -5.33 15.90 14.58
CA LEU E 216 -5.31 15.13 15.81
C LEU E 216 -6.62 14.37 16.02
N ARG E 217 -7.74 15.03 15.74
CA ARG E 217 -9.05 14.40 15.89
C ARG E 217 -9.19 13.19 14.96
N THR E 218 -8.71 13.32 13.72
CA THR E 218 -8.76 12.19 12.79
C THR E 218 -7.90 11.04 13.29
N GLN E 219 -6.73 11.34 13.85
CA GLN E 219 -5.90 10.27 14.41
C GLN E 219 -6.63 9.56 15.55
N CYS E 220 -7.26 10.33 16.44
CA CYS E 220 -8.00 9.72 17.55
C CYS E 220 -9.17 8.89 17.03
N GLY E 221 -9.85 9.37 15.98
CA GLY E 221 -10.93 8.59 15.39
C GLY E 221 -10.44 7.29 14.79
N HIS E 222 -9.25 7.31 14.17
CA HIS E 222 -8.68 6.08 13.65
C HIS E 222 -8.33 5.11 14.78
N LEU E 223 -7.82 5.63 15.89
CA LEU E 223 -7.56 4.78 17.04
C LEU E 223 -8.85 4.13 17.53
N TYR E 224 -9.92 4.92 17.64
CA TYR E 224 -11.21 4.36 18.05
C TYR E 224 -11.70 3.32 17.06
N ALA E 225 -11.53 3.58 15.76
CA ALA E 225 -11.98 2.64 14.74
C ALA E 225 -11.23 1.32 14.85
N TYR E 226 -9.92 1.37 15.06
CA TYR E 226 -9.16 0.13 15.22
C TYR E 226 -9.59 -0.61 16.48
N ASP E 227 -9.85 0.12 17.57
CA ASP E 227 -10.32 -0.52 18.79
C ASP E 227 -11.67 -1.20 18.57
N TRP E 228 -12.56 -0.57 17.81
CA TRP E 228 -13.92 -1.06 17.66
C TRP E 228 -14.01 -2.19 16.64
N ILE E 229 -13.57 -1.93 15.41
CA ILE E 229 -13.71 -2.90 14.32
C ILE E 229 -12.51 -3.83 14.39
N SER E 230 -12.69 -4.96 15.08
CA SER E 230 -11.65 -5.96 15.18
C SER E 230 -11.49 -6.71 13.86
N ILE E 231 -10.36 -7.39 13.72
CA ILE E 231 -10.20 -8.27 12.56
C ILE E 231 -11.30 -9.32 12.59
N PRO E 232 -11.86 -9.72 11.45
CA PRO E 232 -12.98 -10.67 11.47
C PRO E 232 -12.70 -11.89 12.34
N LEU E 233 -13.60 -12.13 13.30
CA LEU E 233 -13.46 -13.28 14.18
C LEU E 233 -13.44 -14.57 13.37
N VAL E 234 -14.16 -14.62 12.25
CA VAL E 234 -14.12 -15.81 11.40
C VAL E 234 -12.71 -16.03 10.88
N TYR E 235 -12.04 -14.97 10.43
CA TYR E 235 -10.68 -15.10 9.93
C TYR E 235 -9.72 -15.54 11.02
N THR E 236 -9.84 -14.94 12.20
CA THR E 236 -8.99 -15.34 13.32
C THR E 236 -9.20 -16.82 13.67
N GLN E 237 -10.47 -17.24 13.73
CA GLN E 237 -10.78 -18.64 14.03
C GLN E 237 -10.28 -19.56 12.93
N VAL E 238 -10.31 -19.12 11.67
CA VAL E 238 -9.81 -19.94 10.58
C VAL E 238 -8.32 -20.19 10.74
N VAL E 239 -7.56 -19.13 11.04
CA VAL E 239 -6.11 -19.31 11.21
C VAL E 239 -5.83 -20.18 12.42
N THR E 240 -6.55 -19.96 13.52
CA THR E 240 -6.35 -20.77 14.72
C THR E 240 -6.68 -22.24 14.45
N VAL E 241 -7.76 -22.50 13.73
CA VAL E 241 -8.16 -23.87 13.42
C VAL E 241 -7.14 -24.52 12.51
N ALA E 242 -6.61 -23.78 11.54
CA ALA E 242 -5.55 -24.33 10.69
C ALA E 242 -4.37 -24.79 11.53
N VAL E 243 -3.87 -23.90 12.40
CA VAL E 243 -2.70 -24.26 13.22
C VAL E 243 -3.02 -25.46 14.10
N TYR E 244 -4.16 -25.45 14.77
CA TYR E 244 -4.46 -26.54 15.73
C TYR E 244 -4.71 -27.86 14.99
N SER E 245 -5.39 -27.83 13.85
CA SER E 245 -5.56 -29.07 13.11
C SER E 245 -4.22 -29.63 12.66
N PHE E 246 -3.34 -28.75 12.17
CA PHE E 246 -2.01 -29.21 11.76
C PHE E 246 -1.30 -29.92 12.92
N PHE E 247 -1.29 -29.27 14.09
CA PHE E 247 -0.48 -29.84 15.18
C PHE E 247 -1.18 -31.01 15.86
N LEU E 248 -2.51 -31.03 15.86
CA LEU E 248 -3.24 -32.19 16.35
C LEU E 248 -2.97 -33.40 15.47
N THR E 249 -2.96 -33.21 14.15
CA THR E 249 -2.57 -34.29 13.26
C THR E 249 -1.14 -34.72 13.53
N CYS E 250 -0.23 -33.76 13.71
CA CYS E 250 1.14 -34.10 14.00
C CYS E 250 1.26 -34.96 15.24
N LEU E 251 0.44 -34.69 16.27
CA LEU E 251 0.48 -35.45 17.51
C LEU E 251 0.42 -36.95 17.31
N VAL E 252 -0.03 -37.41 16.14
CA VAL E 252 -0.04 -38.83 15.80
C VAL E 252 0.88 -39.13 14.61
N GLY E 253 0.81 -38.31 13.57
CA GLY E 253 1.61 -38.58 12.39
C GLY E 253 3.11 -38.56 12.65
N ARG E 254 3.52 -37.85 13.69
CA ARG E 254 4.93 -37.70 14.00
C ARG E 254 5.41 -38.66 15.09
N GLN E 255 4.55 -39.55 15.57
CA GLN E 255 4.98 -40.53 16.55
C GLN E 255 5.96 -41.51 15.92
N PHE E 256 7.05 -41.78 16.61
CA PHE E 256 8.02 -42.76 16.13
C PHE E 256 7.45 -44.17 16.26
N LEU E 257 7.47 -44.90 15.15
CA LEU E 257 6.94 -46.25 15.08
C LEU E 257 8.06 -47.25 15.30
N ASN E 258 7.71 -48.41 15.87
CA ASN E 258 8.66 -49.47 16.14
C ASN E 258 9.50 -49.74 14.90
N PRO E 259 10.80 -49.50 14.95
CA PRO E 259 11.64 -49.72 13.75
C PRO E 259 11.68 -51.17 13.30
N ALA E 260 11.34 -52.11 14.17
CA ALA E 260 11.36 -53.52 13.78
C ALA E 260 10.38 -53.78 12.64
N LYS E 261 9.27 -53.02 12.60
CA LYS E 261 8.30 -53.20 11.53
C LYS E 261 8.85 -52.76 10.18
N ALA E 262 9.97 -52.05 10.16
CA ALA E 262 10.62 -51.66 8.92
C ALA E 262 9.71 -50.83 8.03
N TYR E 263 9.05 -49.84 8.62
CA TYR E 263 8.17 -48.96 7.86
C TYR E 263 9.02 -48.00 7.02
N PRO E 264 8.47 -47.50 5.91
CA PRO E 264 9.31 -46.69 5.00
C PRO E 264 10.12 -45.60 5.68
N GLY E 265 9.46 -44.67 6.37
CA GLY E 265 10.12 -43.52 6.94
C GLY E 265 10.46 -43.60 8.42
N HIS E 266 10.32 -44.76 9.04
CA HIS E 266 10.51 -44.89 10.49
C HIS E 266 11.67 -45.80 10.85
N GLU E 267 12.80 -45.70 10.17
CA GLU E 267 13.96 -46.51 10.49
C GLU E 267 14.54 -46.14 11.86
N LEU E 268 14.97 -44.90 12.02
CA LEU E 268 15.52 -44.41 13.27
C LEU E 268 14.40 -44.04 14.23
N ASP E 269 14.54 -44.47 15.49
CA ASP E 269 13.55 -44.20 16.53
C ASP E 269 14.20 -43.32 17.60
N LEU E 270 14.17 -42.01 17.37
CA LEU E 270 14.54 -41.07 18.41
C LEU E 270 13.36 -40.84 19.36
N VAL E 271 13.67 -40.46 20.60
CA VAL E 271 12.62 -40.24 21.59
C VAL E 271 12.02 -38.85 21.48
N VAL E 272 12.67 -37.92 20.81
CA VAL E 272 12.17 -36.55 20.68
C VAL E 272 11.95 -36.24 19.20
N PRO E 273 10.75 -35.81 18.81
CA PRO E 273 10.56 -35.37 17.42
C PRO E 273 11.15 -33.98 17.20
N VAL E 274 12.44 -33.92 16.90
CA VAL E 274 13.15 -32.65 16.83
C VAL E 274 12.52 -31.76 15.77
N PHE E 275 12.25 -32.31 14.59
CA PHE E 275 11.72 -31.49 13.50
C PHE E 275 10.28 -31.10 13.75
N THR E 276 9.49 -31.98 14.39
CA THR E 276 8.13 -31.61 14.75
C THR E 276 8.13 -30.48 15.76
N PHE E 277 9.06 -30.51 16.73
CA PHE E 277 9.15 -29.43 17.71
C PHE E 277 9.64 -28.15 17.07
N LEU E 278 10.55 -28.24 16.09
CA LEU E 278 10.97 -27.06 15.35
C LEU E 278 9.81 -26.46 14.58
N GLN E 279 9.00 -27.31 13.95
CA GLN E 279 7.80 -26.83 13.26
C GLN E 279 6.84 -26.17 14.24
N PHE E 280 6.66 -26.76 15.43
CA PHE E 280 5.84 -26.15 16.44
C PHE E 280 6.36 -24.77 16.82
N PHE E 281 7.65 -24.67 17.08
CA PHE E 281 8.24 -23.37 17.38
C PHE E 281 7.94 -22.37 16.27
N PHE E 282 8.25 -22.71 15.03
CA PHE E 282 8.07 -21.77 13.94
C PHE E 282 6.62 -21.32 13.81
N TYR E 283 5.69 -22.28 13.73
CA TYR E 283 4.31 -21.93 13.41
C TYR E 283 3.61 -21.28 14.59
N VAL E 284 3.83 -21.80 15.80
CA VAL E 284 3.17 -21.22 16.97
C VAL E 284 3.78 -19.86 17.29
N GLY E 285 5.07 -19.64 17.00
CA GLY E 285 5.63 -18.31 17.14
C GLY E 285 5.08 -17.35 16.11
N TRP E 286 4.88 -17.82 14.88
CA TRP E 286 4.23 -16.99 13.87
C TRP E 286 2.83 -16.60 14.31
N LEU E 287 2.09 -17.54 14.91
CA LEU E 287 0.77 -17.23 15.44
C LEU E 287 0.85 -16.29 16.64
N LYS E 288 1.88 -16.46 17.49
CA LYS E 288 2.03 -15.61 18.66
C LYS E 288 2.36 -14.18 18.27
N VAL E 289 3.05 -13.99 17.15
CA VAL E 289 3.26 -12.64 16.64
C VAL E 289 1.93 -11.92 16.46
N ALA E 290 0.99 -12.59 15.79
CA ALA E 290 -0.33 -12.00 15.57
C ALA E 290 -1.10 -11.88 16.88
N GLU E 291 -0.94 -12.85 17.78
CA GLU E 291 -1.64 -12.79 19.06
C GLU E 291 -1.18 -11.58 19.86
N GLN E 292 0.11 -11.27 19.84
CA GLN E 292 0.63 -10.14 20.57
C GLN E 292 0.29 -8.82 19.90
N LEU E 293 0.37 -8.77 18.57
CA LEU E 293 0.19 -7.52 17.84
C LEU E 293 -1.26 -7.23 17.47
N ILE E 294 -2.19 -8.16 17.71
CA ILE E 294 -3.57 -7.94 17.32
C ILE E 294 -4.18 -6.79 18.11
N ASN E 295 -3.83 -6.69 19.39
CA ASN E 295 -4.19 -5.54 20.22
C ASN E 295 -2.89 -4.94 20.72
N PRO E 296 -2.36 -3.92 20.04
CA PRO E 296 -1.07 -3.34 20.44
C PRO E 296 -1.14 -2.44 21.66
N PHE E 297 -2.32 -2.28 22.27
CA PHE E 297 -2.49 -1.39 23.42
C PHE E 297 -2.75 -2.16 24.70
N GLY E 298 -2.47 -3.46 24.71
CA GLY E 298 -2.57 -4.27 25.91
C GLY E 298 -1.39 -4.05 26.82
N GLU E 299 -1.01 -5.10 27.56
CA GLU E 299 0.11 -5.03 28.49
C GLU E 299 1.23 -6.01 28.11
N ASP E 300 1.30 -6.41 26.85
CA ASP E 300 2.40 -7.25 26.40
C ASP E 300 3.71 -6.47 26.44
N ASP E 301 4.82 -7.20 26.49
CA ASP E 301 6.13 -6.56 26.50
C ASP E 301 6.35 -5.75 25.24
N ASP E 302 5.80 -6.19 24.12
CA ASP E 302 5.94 -5.51 22.84
C ASP E 302 4.84 -4.51 22.56
N ASP E 303 3.92 -4.31 23.50
CA ASP E 303 2.84 -3.36 23.29
C ASP E 303 3.34 -1.92 23.49
N PHE E 304 2.54 -0.98 23.01
CA PHE E 304 2.94 0.42 23.01
C PHE E 304 3.02 0.97 24.43
N GLU E 305 3.86 1.99 24.61
CA GLU E 305 4.04 2.65 25.90
C GLU E 305 3.14 3.88 25.97
N THR E 306 1.84 3.61 26.09
CA THR E 306 0.85 4.68 26.06
C THR E 306 1.01 5.62 27.25
N ASN E 307 1.32 5.08 28.44
CA ASN E 307 1.48 5.92 29.61
C ASN E 307 2.66 6.88 29.46
N TRP E 308 3.79 6.37 28.98
CA TRP E 308 4.93 7.25 28.73
C TRP E 308 4.60 8.28 27.67
N ILE E 309 3.88 7.88 26.62
CA ILE E 309 3.51 8.83 25.57
C ILE E 309 2.66 9.94 26.16
N VAL E 310 1.69 9.59 27.01
CA VAL E 310 0.82 10.58 27.62
C VAL E 310 1.63 11.56 28.47
N ASP E 311 2.51 11.03 29.33
CA ASP E 311 3.29 11.89 30.20
C ASP E 311 4.19 12.83 29.40
N ARG E 312 4.89 12.27 28.40
CA ARG E 312 5.78 13.08 27.58
C ARG E 312 5.02 14.14 26.82
N ASN E 313 3.87 13.79 26.25
CA ASN E 313 3.08 14.76 25.51
C ASN E 313 2.63 15.90 26.42
N LEU E 314 2.15 15.56 27.62
CA LEU E 314 1.72 16.61 28.55
C LEU E 314 2.88 17.55 28.87
N GLN E 315 4.02 16.99 29.29
CA GLN E 315 5.13 17.83 29.69
C GLN E 315 5.62 18.70 28.54
N VAL E 316 5.83 18.09 27.37
CA VAL E 316 6.40 18.81 26.23
C VAL E 316 5.45 19.90 25.77
N SER E 317 4.16 19.58 25.65
CA SER E 317 3.20 20.58 25.17
C SER E 317 3.07 21.73 26.13
N LEU E 318 2.99 21.45 27.44
CA LEU E 318 2.89 22.53 28.41
C LEU E 318 4.13 23.42 28.36
N LEU E 319 5.31 22.82 28.33
CA LEU E 319 6.53 23.60 28.27
C LEU E 319 6.56 24.47 27.01
N ALA E 320 6.24 23.89 25.85
CA ALA E 320 6.28 24.63 24.61
C ALA E 320 5.32 25.80 24.62
N VAL E 321 4.08 25.58 25.08
CA VAL E 321 3.08 26.64 24.99
C VAL E 321 3.18 27.68 26.10
N ASP E 322 3.87 27.37 27.20
CA ASP E 322 3.96 28.32 28.30
C ASP E 322 5.35 28.91 28.47
N GLU E 323 6.36 28.07 28.66
CA GLU E 323 7.71 28.58 28.93
C GLU E 323 8.45 28.98 27.67
N MET E 324 8.16 28.34 26.55
CA MET E 324 8.88 28.57 25.31
C MET E 324 8.21 29.60 24.42
N HIS E 325 7.12 30.23 24.88
CA HIS E 325 6.43 31.22 24.06
C HIS E 325 7.22 32.51 24.02
N GLN E 326 7.66 32.89 22.82
CA GLN E 326 8.40 34.14 22.62
C GLN E 326 9.65 34.19 23.50
N ASP E 327 10.23 33.04 23.77
CA ASP E 327 11.49 32.92 24.51
C ASP E 327 12.48 32.22 23.60
N LEU E 328 13.26 33.01 22.87
CA LEU E 328 14.17 32.48 21.87
C LEU E 328 15.62 32.72 22.28
N PRO E 329 16.54 31.85 21.89
CA PRO E 329 17.95 32.13 22.09
C PRO E 329 18.39 33.34 21.28
N ARG E 330 19.41 34.03 21.79
CA ARG E 330 19.89 35.23 21.13
C ARG E 330 20.24 34.93 19.67
N MET E 331 19.78 35.78 18.76
CA MET E 331 20.02 35.61 17.34
C MET E 331 21.32 36.30 16.97
N GLU E 332 22.36 35.51 16.72
CA GLU E 332 23.69 36.01 16.45
C GLU E 332 24.26 35.28 15.24
N PRO E 333 25.21 35.89 14.52
CA PRO E 333 25.80 35.22 13.37
C PRO E 333 26.45 33.90 13.76
N ASP E 334 26.34 32.93 12.87
CA ASP E 334 26.80 31.57 13.17
C ASP E 334 28.27 31.41 12.78
N MET E 335 28.75 30.16 12.87
CA MET E 335 30.14 29.87 12.59
C MET E 335 30.49 30.13 11.13
N TYR E 336 29.53 29.94 10.22
CA TYR E 336 29.75 30.07 8.79
C TYR E 336 29.11 31.34 8.25
N TRP E 337 29.21 32.44 9.01
CA TRP E 337 28.53 33.67 8.64
C TRP E 337 28.94 34.13 7.24
N ASN E 338 30.22 34.03 6.92
CA ASN E 338 30.73 34.41 5.61
C ASN E 338 31.56 33.28 5.00
N LYS E 339 31.13 32.05 5.21
CA LYS E 339 31.77 30.88 4.60
C LYS E 339 30.88 30.32 3.50
N PRO E 340 31.21 30.53 2.23
CA PRO E 340 30.30 30.11 1.15
C PRO E 340 30.01 28.62 1.17
N GLU E 341 30.98 27.79 1.55
CA GLU E 341 30.82 26.33 1.53
C GLU E 341 31.21 25.77 2.90
N PRO E 342 30.32 25.86 3.88
CA PRO E 342 30.65 25.35 5.21
C PRO E 342 30.97 23.86 5.18
N GLN E 343 31.96 23.47 5.98
CA GLN E 343 32.39 22.08 6.07
C GLN E 343 32.53 21.70 7.54
N PRO E 344 31.45 21.24 8.17
CA PRO E 344 31.54 20.79 9.56
C PRO E 344 32.57 19.68 9.71
N PRO E 345 33.36 19.72 10.78
CA PRO E 345 34.44 18.73 10.93
C PRO E 345 33.92 17.35 11.27
N TYR E 346 34.78 16.36 11.05
CA TYR E 346 34.51 14.97 11.40
C TYR E 346 35.43 14.56 12.55
N THR E 347 34.89 13.73 13.44
CA THR E 347 35.70 13.21 14.53
C THR E 347 36.55 12.03 14.04
N ALA E 348 37.42 11.54 14.92
CA ALA E 348 38.24 10.39 14.57
C ALA E 348 37.38 9.15 14.31
N ALA E 349 36.33 8.97 15.10
CA ALA E 349 35.49 7.79 14.95
C ALA E 349 34.56 7.87 13.74
N SER E 350 34.38 9.05 13.15
CA SER E 350 33.45 9.23 12.05
C SER E 350 34.13 9.68 10.77
N ALA E 351 35.46 9.86 10.78
CA ALA E 351 36.15 10.33 9.59
C ALA E 351 35.92 9.40 8.40
N GLN E 352 35.70 8.11 8.65
CA GLN E 352 35.50 7.16 7.56
C GLN E 352 34.16 7.32 6.87
N PHE E 353 33.25 8.12 7.43
CA PHE E 353 31.94 8.33 6.83
C PHE E 353 31.90 9.53 5.89
N ARG E 354 33.01 10.21 5.69
CA ARG E 354 33.06 11.31 4.72
C ARG E 354 32.99 10.75 3.31
N ARG E 355 31.96 11.14 2.56
CA ARG E 355 31.70 10.59 1.24
C ARG E 355 31.61 11.71 0.22
N ALA E 356 31.98 11.40 -1.01
CA ALA E 356 31.78 12.31 -2.12
C ALA E 356 30.32 12.31 -2.53
N SER E 357 29.84 13.46 -2.98
CA SER E 357 28.44 13.59 -3.37
C SER E 357 28.13 12.71 -4.58
N PHE E 358 26.96 12.08 -4.54
CA PHE E 358 26.47 11.30 -5.68
C PHE E 358 25.81 12.26 -6.65
N MET E 359 26.37 12.38 -7.85
CA MET E 359 25.92 13.36 -8.82
C MET E 359 24.99 12.77 -9.88
N GLY E 360 24.59 11.52 -9.74
CA GLY E 360 23.70 10.90 -10.71
C GLY E 360 24.29 9.67 -11.35
N SER E 361 23.43 8.78 -11.85
CA SER E 361 23.90 7.56 -12.48
C SER E 361 24.45 7.81 -13.88
N THR E 362 24.02 8.87 -14.55
CA THR E 362 24.51 9.21 -15.88
C THR E 362 25.80 10.01 -15.85
N PHE E 363 26.33 10.31 -14.66
CA PHE E 363 27.47 11.21 -14.56
C PHE E 363 28.69 10.65 -15.28
N ASN E 364 28.92 9.33 -15.19
CA ASN E 364 30.13 8.71 -15.68
C ASN E 364 29.99 8.16 -17.10
N ILE E 365 28.89 8.49 -17.78
CA ILE E 365 28.71 8.03 -19.15
C ILE E 365 29.69 8.74 -20.06
N SER E 366 30.38 7.98 -20.91
CA SER E 366 31.40 8.52 -21.80
C SER E 366 30.85 8.61 -23.21
N LEU E 367 31.06 9.76 -23.86
CA LEU E 367 30.62 9.98 -25.23
C LEU E 367 31.76 10.61 -26.02
N ASN E 368 31.73 10.40 -27.34
CA ASN E 368 32.75 10.94 -28.22
C ASN E 368 32.45 12.38 -28.59
N LYS E 369 33.39 13.01 -29.29
CA LYS E 369 33.17 14.37 -29.77
C LYS E 369 32.03 14.41 -30.78
N GLU E 370 31.96 13.42 -31.66
CA GLU E 370 30.88 13.37 -32.65
C GLU E 370 29.55 13.03 -31.99
N GLU E 371 29.56 12.15 -30.99
CA GLU E 371 28.32 11.73 -30.36
C GLU E 371 27.63 12.90 -29.67
N MET E 372 28.39 13.82 -29.09
CA MET E 372 27.83 14.92 -28.32
C MET E 372 27.47 16.13 -29.19
N GLU E 373 27.48 15.99 -30.50
CA GLU E 373 27.17 17.10 -31.39
C GLU E 373 25.68 17.15 -31.70
N PHE E 374 25.08 18.33 -31.55
CA PHE E 374 23.69 18.51 -31.90
C PHE E 374 23.49 18.42 -33.40
N GLN E 375 22.38 17.79 -33.81
CA GLN E 375 22.09 17.72 -35.23
C GLN E 375 20.92 18.62 -35.59
N PRO E 376 20.91 19.16 -36.82
CA PRO E 376 19.80 20.00 -37.29
C PRO E 376 18.61 19.17 -37.77
#